data_8CZD
#
_entry.id   8CZD
#
_entity_poly.entity_id   1
_entity_poly.type   'polypeptide(L)'
_entity_poly.pdbx_seq_one_letter_code
;EEDLTEVKKDALENLRVYLCEKIIAERHFDHLRAKKILSREDTEEISCQTSSRKRAGKLLDYLQENPKGLDTLVESIRRE
KTQNFLIQKITDEVLKLRNIKLEHLK
;
_entity_poly.pdbx_strand_id   C,Q,R,S,T,A,B,D,E,F,G,H,I,J,K,L,M,N,O,P
#
# COMPACT_ATOMS: atom_id res chain seq x y z
N GLU A 1 45.29 12.37 15.98
CA GLU A 1 44.79 11.33 15.10
C GLU A 1 43.57 11.81 14.33
N GLU A 2 43.15 13.03 14.63
CA GLU A 2 41.96 13.66 14.05
C GLU A 2 40.68 12.89 14.38
N ASP A 3 40.76 11.96 15.32
CA ASP A 3 39.59 11.25 15.80
C ASP A 3 39.23 11.62 17.22
N LEU A 4 40.09 12.36 17.93
CA LEU A 4 39.74 12.88 19.24
C LEU A 4 38.46 13.69 19.21
N THR A 5 38.19 14.33 18.06
CA THR A 5 36.91 15.00 17.89
C THR A 5 35.76 14.02 18.06
N GLU A 6 35.86 12.85 17.42
CA GLU A 6 34.80 11.86 17.53
C GLU A 6 34.68 11.34 18.95
N VAL A 7 35.80 11.04 19.61
CA VAL A 7 35.72 10.50 20.95
C VAL A 7 35.22 11.55 21.93
N LYS A 8 35.33 12.83 21.57
CA LYS A 8 34.74 13.87 22.39
C LYS A 8 33.22 13.68 22.47
N LYS A 9 32.59 13.31 21.36
CA LYS A 9 31.15 13.06 21.39
C LYS A 9 30.82 11.92 22.33
N ASP A 10 31.61 10.83 22.29
CA ASP A 10 31.37 9.72 23.18
C ASP A 10 31.54 10.14 24.63
N ALA A 11 32.57 10.93 24.92
CA ALA A 11 32.77 11.42 26.28
C ALA A 11 31.58 12.27 26.72
N LEU A 12 31.09 13.12 25.82
CA LEU A 12 29.93 13.93 26.12
C LEU A 12 28.72 13.07 26.45
N GLU A 13 28.45 12.07 25.62
CA GLU A 13 27.28 11.22 25.85
C GLU A 13 27.41 10.47 27.17
N ASN A 14 28.60 9.94 27.46
CA ASN A 14 28.81 9.31 28.76
C ASN A 14 28.61 10.30 29.88
N LEU A 15 28.90 11.57 29.62
CA LEU A 15 28.79 12.62 30.63
C LEU A 15 27.47 13.37 30.53
N ARG A 16 26.54 12.91 29.69
CA ARG A 16 25.28 13.62 29.57
C ARG A 16 24.42 13.52 30.83
N VAL A 17 24.74 12.61 31.73
CA VAL A 17 24.03 12.60 33.01
C VAL A 17 24.28 13.89 33.77
N TYR A 18 25.52 14.37 33.79
CA TYR A 18 25.85 15.60 34.49
C TYR A 18 25.27 16.84 33.82
N LEU A 19 24.52 16.68 32.74
CA LEU A 19 23.80 17.81 32.14
C LEU A 19 22.93 18.52 33.16
N CYS A 20 22.07 17.77 33.86
CA CYS A 20 21.04 18.38 34.69
C CYS A 20 21.63 19.36 35.70
N GLU A 21 22.84 19.06 36.19
CA GLU A 21 23.42 19.88 37.25
C GLU A 21 23.78 21.27 36.74
N LYS A 22 24.72 21.35 35.81
CA LYS A 22 25.25 22.66 35.43
C LYS A 22 25.12 22.96 33.95
N ILE A 23 24.05 22.53 33.31
CA ILE A 23 23.74 23.15 32.03
C ILE A 23 22.43 23.91 32.22
N ILE A 24 21.95 23.97 33.46
CA ILE A 24 20.89 24.91 33.79
C ILE A 24 21.30 26.32 33.41
N ALA A 25 22.60 26.58 33.40
CA ALA A 25 23.17 27.81 32.91
C ALA A 25 23.33 27.81 31.39
N GLU A 26 22.54 27.00 30.68
CA GLU A 26 22.64 26.99 29.22
C GLU A 26 22.48 28.38 28.62
N ARG A 27 21.33 29.02 28.84
CA ARG A 27 21.16 30.37 28.33
C ARG A 27 22.12 31.33 29.01
N HIS A 28 22.49 31.04 30.25
CA HIS A 28 23.42 31.88 30.99
C HIS A 28 24.81 31.90 30.36
N PHE A 29 25.22 30.81 29.72
CA PHE A 29 26.57 30.64 29.21
C PHE A 29 26.65 30.63 27.70
N ASP A 30 25.97 29.68 27.08
CA ASP A 30 26.28 29.36 25.70
C ASP A 30 25.57 30.31 24.75
N HIS A 31 24.37 30.75 25.11
CA HIS A 31 23.64 31.67 24.24
C HIS A 31 24.41 32.97 24.05
N LEU A 32 25.37 33.24 24.94
CA LEU A 32 26.17 34.45 24.81
C LEU A 32 27.61 34.17 24.41
N ARG A 33 28.12 32.96 24.67
CA ARG A 33 29.44 32.60 24.17
C ARG A 33 29.42 31.80 22.88
N ALA A 34 28.82 30.62 22.90
CA ALA A 34 28.86 29.70 21.79
C ALA A 34 28.06 30.20 20.60
N LYS A 35 27.55 31.42 20.64
CA LYS A 35 26.97 32.01 19.44
C LYS A 35 28.06 32.19 18.40
N LYS A 36 29.32 32.17 18.82
CA LYS A 36 30.46 32.06 17.93
C LYS A 36 30.40 30.79 17.09
N ILE A 37 29.74 29.75 17.60
CA ILE A 37 29.58 28.48 16.88
C ILE A 37 28.11 28.12 16.70
N LEU A 38 27.29 28.29 17.74
CA LEU A 38 25.88 27.92 17.64
C LEU A 38 25.12 28.88 16.74
N SER A 39 24.12 28.35 16.05
CA SER A 39 23.27 29.18 15.20
C SER A 39 22.42 30.13 16.03
N ARG A 40 22.16 31.31 15.48
CA ARG A 40 21.39 32.31 16.22
C ARG A 40 19.99 31.80 16.51
N GLU A 41 19.31 31.26 15.49
CA GLU A 41 17.98 30.73 15.72
C GLU A 41 18.04 29.53 16.65
N ASP A 42 19.17 28.81 16.63
CA ASP A 42 19.28 27.62 17.48
C ASP A 42 19.11 27.99 18.94
N THR A 43 19.56 29.17 19.33
CA THR A 43 19.27 29.64 20.69
C THR A 43 17.78 29.73 20.91
N GLU A 44 17.04 30.29 19.95
CA GLU A 44 15.60 30.38 20.08
C GLU A 44 14.97 29.00 20.12
N GLU A 45 15.44 28.07 19.28
CA GLU A 45 14.88 26.73 19.31
C GLU A 45 15.13 26.06 20.65
N ILE A 46 16.32 26.25 21.20
CA ILE A 46 16.62 25.68 22.52
C ILE A 46 15.69 26.26 23.57
N SER A 47 15.54 27.58 23.58
CA SER A 47 14.91 28.24 24.70
C SER A 47 13.38 28.24 24.64
N CYS A 48 12.80 28.43 23.45
CA CYS A 48 11.42 28.86 23.37
C CYS A 48 10.46 27.83 23.94
N GLN A 49 10.56 26.59 23.49
CA GLN A 49 9.60 25.56 23.86
C GLN A 49 10.35 24.33 24.37
N THR A 50 10.61 24.30 25.67
CA THR A 50 11.11 23.10 26.32
C THR A 50 10.83 23.27 27.82
N SER A 51 11.47 22.46 28.66
CA SER A 51 11.20 22.48 30.09
C SER A 51 12.51 22.53 30.88
N SER A 52 13.48 23.31 30.40
CA SER A 52 14.64 23.78 31.15
C SER A 52 15.64 22.67 31.51
N ARG A 53 15.32 21.40 31.27
CA ARG A 53 16.36 20.40 31.36
C ARG A 53 16.59 19.76 30.01
N LYS A 54 15.50 19.26 29.42
CA LYS A 54 15.51 18.76 28.05
C LYS A 54 16.06 19.85 27.15
N ARG A 55 15.83 21.11 27.55
CA ARG A 55 16.41 22.25 26.86
C ARG A 55 17.93 22.11 26.79
N ALA A 56 18.56 21.80 27.93
CA ALA A 56 19.99 21.56 27.93
C ALA A 56 20.34 20.32 27.12
N GLY A 57 19.43 19.35 27.08
CA GLY A 57 19.68 18.17 26.27
C GLY A 57 19.81 18.52 24.81
N LYS A 58 18.89 19.34 24.30
CA LYS A 58 18.98 19.78 22.92
C LYS A 58 20.21 20.62 22.70
N LEU A 59 20.58 21.43 23.69
CA LEU A 59 21.84 22.17 23.59
C LEU A 59 23.02 21.26 23.37
N LEU A 60 23.18 20.25 24.21
CA LEU A 60 24.29 19.32 24.05
C LEU A 60 24.19 18.50 22.78
N ASP A 61 22.98 18.18 22.32
CA ASP A 61 22.82 17.51 21.05
C ASP A 61 23.34 18.38 19.91
N TYR A 62 23.06 19.68 19.95
CA TYR A 62 23.66 20.58 18.97
C TYR A 62 25.16 20.68 19.13
N LEU A 63 25.65 20.54 20.36
CA LEU A 63 27.08 20.62 20.62
C LEU A 63 27.85 19.42 20.11
N GLN A 64 27.27 18.22 20.17
CA GLN A 64 27.99 17.02 19.75
C GLN A 64 28.46 17.13 18.32
N GLU A 65 27.63 17.73 17.46
CA GLU A 65 27.96 17.82 16.05
C GLU A 65 29.21 18.64 15.82
N ASN A 66 29.39 19.70 16.60
CA ASN A 66 30.61 20.48 16.49
C ASN A 66 31.80 19.68 17.01
N PRO A 67 32.95 19.75 16.34
CA PRO A 67 34.12 19.08 16.88
C PRO A 67 34.67 19.79 18.10
N LYS A 68 34.42 21.10 18.19
CA LYS A 68 34.96 21.92 19.26
C LYS A 68 33.98 21.93 20.43
N GLY A 69 33.72 20.73 20.93
CA GLY A 69 32.96 20.55 22.15
C GLY A 69 33.68 21.03 23.38
N LEU A 70 34.91 21.52 23.20
CA LEU A 70 35.63 22.23 24.24
C LEU A 70 35.25 23.70 24.29
N ASP A 71 34.37 24.15 23.39
CA ASP A 71 33.91 25.54 23.47
C ASP A 71 33.13 25.77 24.74
N THR A 72 32.28 24.82 25.12
CA THR A 72 31.60 24.93 26.40
C THR A 72 32.59 24.98 27.54
N LEU A 73 33.66 24.18 27.44
CA LEU A 73 34.69 24.20 28.47
C LEU A 73 35.35 25.57 28.56
N VAL A 74 35.71 26.13 27.41
CA VAL A 74 36.38 27.43 27.38
C VAL A 74 35.46 28.50 27.97
N GLU A 75 34.18 28.47 27.60
CA GLU A 75 33.22 29.39 28.19
C GLU A 75 33.08 29.18 29.69
N SER A 76 33.17 27.93 30.13
CA SER A 76 32.96 27.61 31.53
C SER A 76 33.96 28.31 32.43
N ILE A 77 35.20 28.47 31.97
CA ILE A 77 36.17 29.23 32.75
C ILE A 77 35.70 30.65 32.95
N ARG A 78 35.12 31.25 31.90
CA ARG A 78 34.48 32.55 32.08
C ARG A 78 33.27 32.38 33.00
N ARG A 79 32.96 33.45 33.74
CA ARG A 79 32.00 33.40 34.84
C ARG A 79 32.48 32.41 35.90
N GLU A 80 33.59 32.78 36.52
CA GLU A 80 34.26 31.98 37.54
C GLU A 80 33.42 31.80 38.79
N LYS A 81 32.35 32.58 38.98
CA LYS A 81 31.49 32.35 40.13
C LYS A 81 30.97 30.92 40.15
N THR A 82 30.47 30.44 39.00
CA THR A 82 30.03 29.06 38.88
C THR A 82 31.17 28.08 38.76
N GLN A 83 32.40 28.56 38.61
CA GLN A 83 33.46 27.64 38.24
C GLN A 83 34.00 26.89 39.44
N ASN A 84 33.69 27.34 40.67
CA ASN A 84 34.16 26.63 41.84
C ASN A 84 33.81 25.14 41.76
N PHE A 85 32.61 24.83 41.27
CA PHE A 85 32.22 23.47 40.93
C PHE A 85 32.30 23.18 39.44
N LEU A 86 32.15 24.18 38.58
CA LEU A 86 32.08 23.82 37.18
C LEU A 86 33.49 23.49 36.67
N ILE A 87 34.52 23.96 37.36
CA ILE A 87 35.88 23.50 37.11
C ILE A 87 36.06 22.08 37.63
N GLN A 88 35.40 21.74 38.74
CA GLN A 88 35.31 20.33 39.08
C GLN A 88 34.69 19.56 37.92
N LYS A 89 33.74 20.20 37.23
CA LYS A 89 33.16 19.59 36.04
C LYS A 89 34.14 19.53 34.88
N ILE A 90 34.99 20.54 34.72
CA ILE A 90 35.96 20.49 33.62
C ILE A 90 37.00 19.41 33.92
N THR A 91 37.33 19.23 35.20
CA THR A 91 38.18 18.12 35.59
C THR A 91 37.51 16.79 35.32
N ASP A 92 36.22 16.69 35.63
CA ASP A 92 35.47 15.47 35.31
C ASP A 92 35.46 15.23 33.80
N GLU A 93 35.26 16.29 33.03
CA GLU A 93 35.27 16.21 31.58
C GLU A 93 36.62 15.75 31.06
N VAL A 94 37.70 16.31 31.59
CA VAL A 94 39.04 15.93 31.17
C VAL A 94 39.33 14.50 31.59
N LEU A 95 38.81 14.07 32.74
CA LEU A 95 39.00 12.70 33.16
C LEU A 95 38.31 11.73 32.22
N LYS A 96 37.06 12.03 31.85
CA LYS A 96 36.36 11.18 30.89
C LYS A 96 37.06 11.18 29.54
N LEU A 97 37.51 12.36 29.11
CA LEU A 97 38.22 12.46 27.84
C LEU A 97 39.51 11.65 27.88
N ARG A 98 40.22 11.69 29.00
CA ARG A 98 41.45 10.93 29.15
C ARG A 98 41.17 9.44 29.15
N ASN A 99 40.09 9.02 29.82
CA ASN A 99 39.75 7.60 29.81
C ASN A 99 39.44 7.14 28.39
N ILE A 100 38.65 7.91 27.66
CA ILE A 100 38.31 7.53 26.30
C ILE A 100 39.55 7.58 25.40
N LYS A 101 40.45 8.53 25.66
CA LYS A 101 41.69 8.61 24.90
C LYS A 101 42.56 7.39 25.14
N LEU A 102 42.65 6.95 26.40
CA LEU A 102 43.41 5.74 26.71
C LEU A 102 42.80 4.53 26.03
N GLU A 103 41.47 4.45 26.00
CA GLU A 103 40.81 3.40 25.22
C GLU A 103 41.17 3.51 23.75
N HIS A 104 41.23 4.73 23.23
CA HIS A 104 41.53 4.95 21.82
C HIS A 104 42.93 4.47 21.48
N LEU A 105 43.89 4.71 22.38
CA LEU A 105 45.25 4.23 22.15
C LEU A 105 45.29 2.71 22.11
N LYS A 106 44.56 2.05 23.01
CA LYS A 106 44.53 0.58 23.17
C LYS A 106 45.86 -0.09 22.84
N GLU B 1 31.45 -49.62 -15.17
CA GLU B 1 30.97 -50.56 -16.16
C GLU B 1 30.29 -49.82 -17.31
N GLU B 2 30.20 -48.50 -17.18
CA GLU B 2 29.52 -47.61 -18.12
C GLU B 2 28.04 -47.93 -18.26
N ASP B 3 27.51 -48.74 -17.35
CA ASP B 3 26.08 -49.02 -17.31
C ASP B 3 25.41 -48.40 -16.11
N LEU B 4 26.18 -47.89 -15.14
CA LEU B 4 25.59 -47.17 -14.03
C LEU B 4 24.72 -46.01 -14.51
N THR B 5 25.05 -45.44 -15.66
CA THR B 5 24.19 -44.45 -16.27
C THR B 5 22.79 -45.02 -16.51
N GLU B 6 22.74 -46.23 -17.07
CA GLU B 6 21.45 -46.84 -17.35
C GLU B 6 20.69 -47.16 -16.06
N VAL B 7 21.39 -47.70 -15.06
CA VAL B 7 20.70 -48.06 -13.82
C VAL B 7 20.26 -46.81 -13.08
N LYS B 8 20.88 -45.66 -13.37
CA LYS B 8 20.41 -44.42 -12.81
C LYS B 8 18.98 -44.12 -13.25
N LYS B 9 18.66 -44.42 -14.51
CA LYS B 9 17.30 -44.23 -14.97
C LYS B 9 16.33 -45.12 -14.22
N ASP B 10 16.71 -46.37 -13.99
CA ASP B 10 15.85 -47.28 -13.24
C ASP B 10 15.65 -46.78 -11.81
N ALA B 11 16.73 -46.30 -11.19
CA ALA B 11 16.60 -45.76 -9.84
C ALA B 11 15.68 -44.55 -9.83
N LEU B 12 15.79 -43.70 -10.85
CA LEU B 12 14.91 -42.54 -10.96
C LEU B 12 13.46 -42.97 -11.07
N GLU B 13 13.17 -43.93 -11.96
CA GLU B 13 11.80 -44.36 -12.15
C GLU B 13 11.24 -44.98 -10.87
N ASN B 14 12.03 -45.81 -10.19
CA ASN B 14 11.59 -46.34 -8.91
C ASN B 14 11.36 -45.22 -7.91
N LEU B 15 12.10 -44.12 -8.05
CA LEU B 15 12.00 -43.00 -7.14
C LEU B 15 11.09 -41.90 -7.67
N ARG B 16 10.40 -42.15 -8.79
CA ARG B 16 9.54 -41.11 -9.34
C ARG B 16 8.33 -40.82 -8.45
N VAL B 17 8.03 -41.69 -7.50
CA VAL B 17 6.97 -41.36 -6.55
C VAL B 17 7.34 -40.12 -5.75
N TYR B 18 8.60 -40.03 -5.30
CA TYR B 18 9.03 -38.89 -4.51
C TYR B 18 9.14 -37.61 -5.33
N LEU B 19 8.77 -37.65 -6.61
CA LEU B 19 8.69 -36.43 -7.41
C LEU B 19 7.80 -35.38 -6.75
N CYS B 20 6.57 -35.77 -6.40
CA CYS B 20 5.57 -34.80 -5.97
C CYS B 20 6.07 -33.96 -4.82
N GLU B 21 6.88 -34.53 -3.94
CA GLU B 21 7.31 -33.82 -2.74
C GLU B 21 8.23 -32.66 -3.08
N LYS B 22 9.40 -32.96 -3.63
CA LYS B 22 10.41 -31.91 -3.79
C LYS B 22 10.88 -31.74 -5.22
N ILE B 23 10.00 -31.91 -6.21
CA ILE B 23 10.34 -31.36 -7.51
C ILE B 23 9.35 -30.22 -7.78
N ILE B 24 8.54 -29.89 -6.78
CA ILE B 24 7.77 -28.65 -6.82
C ILE B 24 8.70 -27.48 -7.04
N ALA B 25 9.94 -27.62 -6.59
CA ALA B 25 11.00 -26.67 -6.85
C ALA B 25 11.65 -26.88 -8.21
N GLU B 26 10.93 -27.48 -9.17
CA GLU B 26 11.50 -27.66 -10.50
C GLU B 26 11.99 -26.36 -11.11
N ARG B 27 11.09 -25.39 -11.30
CA ARG B 27 11.53 -24.11 -11.83
C ARG B 27 12.47 -23.42 -10.85
N HIS B 28 12.29 -23.67 -9.56
CA HIS B 28 13.15 -23.08 -8.54
C HIS B 28 14.60 -23.53 -8.65
N PHE B 29 14.82 -24.75 -9.12
CA PHE B 29 16.14 -25.37 -9.13
C PHE B 29 16.71 -25.55 -10.52
N ASP B 30 16.01 -26.32 -11.35
CA ASP B 30 16.64 -26.86 -12.54
C ASP B 30 16.62 -25.84 -13.66
N HIS B 31 15.57 -25.03 -13.73
CA HIS B 31 15.50 -24.04 -14.80
C HIS B 31 16.65 -23.05 -14.70
N LEU B 32 17.29 -22.98 -13.55
CA LEU B 32 18.43 -22.10 -13.38
C LEU B 32 19.75 -22.82 -13.25
N ARG B 33 19.75 -24.09 -12.83
CA ARG B 33 20.97 -24.88 -12.85
C ARG B 33 21.13 -25.76 -14.06
N ALA B 34 20.22 -26.70 -14.27
CA ALA B 34 20.33 -27.71 -15.30
C ALA B 34 20.17 -27.12 -16.70
N LYS B 35 20.08 -25.80 -16.82
CA LYS B 35 20.16 -25.20 -18.14
C LYS B 35 21.53 -25.45 -18.75
N LYS B 36 22.50 -25.80 -17.91
CA LYS B 36 23.78 -26.34 -18.35
C LYS B 36 23.59 -27.60 -19.17
N ILE B 37 22.52 -28.35 -18.93
CA ILE B 37 22.21 -29.58 -19.66
C ILE B 37 20.85 -29.50 -20.35
N LEU B 38 19.84 -29.00 -19.66
CA LEU B 38 18.49 -28.94 -20.23
C LEU B 38 18.41 -27.90 -21.33
N SER B 39 17.59 -28.18 -22.33
CA SER B 39 17.37 -27.23 -23.42
C SER B 39 16.64 -25.99 -22.92
N ARG B 40 16.96 -24.85 -23.53
CA ARG B 40 16.35 -23.59 -23.11
C ARG B 40 14.85 -23.63 -23.32
N GLU B 41 14.41 -24.04 -24.51
CA GLU B 41 12.98 -24.13 -24.76
C GLU B 41 12.35 -25.20 -23.87
N ASP B 42 13.13 -26.21 -23.50
CA ASP B 42 12.59 -27.28 -22.68
C ASP B 42 12.06 -26.73 -21.37
N THR B 43 12.70 -25.70 -20.83
CA THR B 43 12.14 -25.04 -19.66
C THR B 43 10.77 -24.48 -19.96
N GLU B 44 10.61 -23.84 -21.12
CA GLU B 44 9.31 -23.31 -21.49
C GLU B 44 8.29 -24.43 -21.68
N GLU B 45 8.71 -25.54 -22.31
CA GLU B 45 7.79 -26.65 -22.48
C GLU B 45 7.35 -27.21 -21.14
N ILE B 46 8.28 -27.33 -20.21
CA ILE B 46 7.94 -27.82 -18.88
C ILE B 46 6.94 -26.89 -18.21
N SER B 47 7.22 -25.59 -18.25
CA SER B 47 6.49 -24.66 -17.40
C SER B 47 5.16 -24.21 -17.99
N CYS B 48 5.10 -23.99 -19.31
CA CYS B 48 4.02 -23.17 -19.87
C CYS B 48 2.66 -23.81 -19.67
N GLN B 49 2.50 -25.07 -20.06
CA GLN B 49 1.20 -25.73 -20.05
C GLN B 49 1.31 -27.06 -19.33
N THR B 50 1.11 -27.03 -18.01
CA THR B 50 0.97 -28.26 -17.23
C THR B 50 0.27 -27.85 -15.93
N SER B 51 0.31 -28.73 -14.92
CA SER B 51 -0.39 -28.47 -13.67
C SER B 51 0.52 -28.73 -12.47
N SER B 52 1.79 -28.33 -12.59
CA SER B 52 2.73 -28.15 -11.48
C SER B 52 3.14 -29.46 -10.80
N ARG B 53 2.55 -30.59 -11.15
CA ARG B 53 3.14 -31.85 -10.71
C ARG B 53 3.58 -32.67 -11.90
N LYS B 54 2.64 -32.88 -12.83
CA LYS B 54 2.95 -33.49 -14.11
C LYS B 54 4.09 -32.70 -14.76
N ARG B 55 4.14 -31.41 -14.45
CA ARG B 55 5.24 -30.57 -14.90
C ARG B 55 6.57 -31.16 -14.44
N ALA B 56 6.66 -31.51 -13.16
CA ALA B 56 7.86 -32.17 -12.66
C ALA B 56 8.04 -33.53 -13.31
N GLY B 57 6.95 -34.19 -13.66
CA GLY B 57 7.06 -35.46 -14.34
C GLY B 57 7.77 -35.33 -15.66
N LYS B 58 7.38 -34.33 -16.45
CA LYS B 58 8.05 -34.08 -17.72
C LYS B 58 9.49 -33.67 -17.50
N LEU B 59 9.74 -32.91 -16.42
CA LEU B 59 11.12 -32.59 -16.09
C LEU B 59 11.97 -33.84 -15.89
N LEU B 60 11.51 -34.76 -15.05
CA LEU B 60 12.26 -35.97 -14.83
C LEU B 60 12.34 -36.85 -16.05
N ASP B 61 11.32 -36.84 -16.90
CA ASP B 61 11.39 -37.57 -18.16
C ASP B 61 12.50 -37.01 -19.04
N TYR B 62 12.64 -35.70 -19.10
CA TYR B 62 13.78 -35.12 -19.80
C TYR B 62 15.09 -35.45 -19.12
N LEU B 63 15.08 -35.60 -17.81
CA LEU B 63 16.28 -35.92 -17.06
C LEU B 63 16.77 -37.35 -17.28
N GLN B 64 15.85 -38.30 -17.44
CA GLN B 64 16.26 -39.70 -17.59
C GLN B 64 17.19 -39.88 -18.77
N GLU B 65 16.91 -39.16 -19.86
CA GLU B 65 17.70 -39.31 -21.08
C GLU B 65 19.15 -38.93 -20.84
N ASN B 66 19.39 -37.90 -20.04
CA ASN B 66 20.75 -37.52 -19.74
C ASN B 66 21.39 -38.58 -18.83
N PRO B 67 22.66 -38.92 -19.06
CA PRO B 67 23.32 -39.85 -18.15
C PRO B 67 23.62 -39.21 -16.81
N LYS B 68 23.78 -37.89 -16.81
CA LYS B 68 24.17 -37.16 -15.61
C LYS B 68 22.90 -36.74 -14.86
N GLY B 69 22.13 -37.75 -14.48
CA GLY B 69 21.00 -37.57 -13.60
C GLY B 69 21.38 -37.20 -12.20
N LEU B 70 22.68 -37.12 -11.93
CA LEU B 70 23.21 -36.55 -10.71
C LEU B 70 23.32 -35.04 -10.79
N ASP B 71 22.97 -34.43 -11.92
CA ASP B 71 22.97 -32.98 -12.01
C ASP B 71 21.93 -32.39 -11.08
N THR B 72 20.74 -33.00 -11.02
CA THR B 72 19.75 -32.57 -10.06
C THR B 72 20.28 -32.70 -8.64
N LEU B 73 21.02 -33.79 -8.37
CA LEU B 73 21.59 -33.97 -7.05
C LEU B 73 22.58 -32.85 -6.73
N VAL B 74 23.46 -32.54 -7.68
CA VAL B 74 24.46 -31.50 -7.47
C VAL B 74 23.80 -30.16 -7.22
N GLU B 75 22.77 -29.85 -8.02
CA GLU B 75 22.01 -28.63 -7.79
C GLU B 75 21.33 -28.63 -6.44
N SER B 76 20.87 -29.80 -5.99
CA SER B 76 20.11 -29.89 -4.75
C SER B 76 20.92 -29.43 -3.56
N ILE B 77 22.23 -29.69 -3.56
CA ILE B 77 23.08 -29.18 -2.49
C ILE B 77 23.04 -27.66 -2.47
N ARG B 78 23.05 -27.04 -3.64
CA ARG B 78 22.83 -25.60 -3.69
C ARG B 78 21.41 -25.29 -3.24
N ARG B 79 21.21 -24.11 -2.65
CA ARG B 79 19.98 -23.77 -1.96
C ARG B 79 19.74 -24.75 -0.80
N GLU B 80 20.65 -24.66 0.17
CA GLU B 80 20.66 -25.50 1.35
C GLU B 80 19.44 -25.31 2.25
N LYS B 81 18.68 -24.24 2.05
CA LYS B 81 17.45 -24.07 2.84
C LYS B 81 16.53 -25.28 2.65
N THR B 82 16.32 -25.69 1.41
CA THR B 82 15.53 -26.88 1.13
C THR B 82 16.28 -28.17 1.40
N GLN B 83 17.58 -28.10 1.70
CA GLN B 83 18.35 -29.33 1.71
C GLN B 83 18.20 -30.07 3.03
N ASN B 84 17.67 -29.42 4.06
CA ASN B 84 17.47 -30.12 5.33
C ASN B 84 16.72 -31.43 5.12
N PHE B 85 15.71 -31.42 4.24
CA PHE B 85 15.05 -32.63 3.78
C PHE B 85 15.52 -33.10 2.41
N LEU B 86 15.98 -32.18 1.56
CA LEU B 86 16.28 -32.66 0.22
C LEU B 86 17.58 -33.44 0.22
N ILE B 87 18.44 -33.22 1.23
CA ILE B 87 19.59 -34.09 1.46
C ILE B 87 19.13 -35.44 2.00
N GLN B 88 18.06 -35.44 2.81
CA GLN B 88 17.42 -36.72 3.09
C GLN B 88 17.02 -37.39 1.79
N LYS B 89 16.61 -36.58 0.82
CA LYS B 89 16.28 -37.11 -0.50
C LYS B 89 17.53 -37.57 -1.25
N ILE B 90 18.65 -36.88 -1.10
CA ILE B 90 19.86 -37.34 -1.80
C ILE B 90 20.35 -38.62 -1.16
N THR B 91 20.16 -38.77 0.15
CA THR B 91 20.45 -40.03 0.81
C THR B 91 19.52 -41.13 0.31
N ASP B 92 18.23 -40.81 0.15
CA ASP B 92 17.30 -41.77 -0.41
C ASP B 92 17.70 -42.16 -1.83
N GLU B 93 18.12 -41.17 -2.61
CA GLU B 93 18.58 -41.40 -3.98
C GLU B 93 19.80 -42.29 -3.99
N VAL B 94 20.76 -42.02 -3.12
CA VAL B 94 21.98 -42.82 -3.07
C VAL B 94 21.66 -44.22 -2.58
N LEU B 95 20.69 -44.35 -1.68
CA LEU B 95 20.28 -45.67 -1.22
C LEU B 95 19.68 -46.48 -2.35
N LYS B 96 18.78 -45.87 -3.13
CA LYS B 96 18.20 -46.57 -4.27
C LYS B 96 19.27 -46.91 -5.30
N LEU B 97 20.19 -45.97 -5.55
CA LEU B 97 21.26 -46.22 -6.48
C LEU B 97 22.15 -47.36 -6.01
N ARG B 98 22.42 -47.42 -4.71
CA ARG B 98 23.23 -48.50 -4.15
C ARG B 98 22.51 -49.83 -4.25
N ASN B 99 21.21 -49.85 -4.00
CA ASN B 99 20.45 -51.09 -4.14
C ASN B 99 20.51 -51.59 -5.57
N ILE B 100 20.29 -50.69 -6.54
CA ILE B 100 20.31 -51.09 -7.94
C ILE B 100 21.72 -51.51 -8.34
N LYS B 101 22.74 -50.84 -7.79
CA LYS B 101 24.12 -51.21 -8.06
C LYS B 101 24.43 -52.60 -7.55
N LEU B 102 23.96 -52.91 -6.34
CA LEU B 102 24.15 -54.25 -5.79
C LEU B 102 23.46 -55.29 -6.65
N GLU B 103 22.25 -54.97 -7.14
CA GLU B 103 21.61 -55.86 -8.09
C GLU B 103 22.43 -56.02 -9.36
N HIS B 104 23.04 -54.92 -9.82
CA HIS B 104 23.85 -54.96 -11.03
C HIS B 104 25.06 -55.86 -10.87
N LEU B 105 25.69 -55.82 -9.69
CA LEU B 105 26.83 -56.71 -9.44
C LEU B 105 26.40 -58.17 -9.47
N LYS B 106 25.24 -58.49 -8.88
CA LYS B 106 24.71 -59.85 -8.75
C LYS B 106 25.78 -60.92 -8.60
N GLU C 1 11.76 -10.63 -62.28
CA GLU C 1 11.56 -11.90 -62.96
C GLU C 1 10.34 -12.62 -62.41
N GLU C 2 9.72 -12.00 -61.39
CA GLU C 2 8.56 -12.55 -60.68
C GLU C 2 8.89 -13.87 -59.98
N ASP C 3 10.17 -14.21 -59.89
CA ASP C 3 10.61 -15.38 -59.14
C ASP C 3 11.36 -15.02 -57.88
N LEU C 4 11.71 -13.74 -57.69
CA LEU C 4 12.31 -13.30 -56.44
C LEU C 4 11.43 -13.65 -55.25
N THR C 5 10.11 -13.69 -55.46
CA THR C 5 9.20 -14.17 -54.43
C THR C 5 9.58 -15.58 -54.01
N GLU C 6 9.81 -16.47 -54.99
CA GLU C 6 10.16 -17.84 -54.68
C GLU C 6 11.50 -17.93 -53.97
N VAL C 7 12.49 -17.17 -54.44
CA VAL C 7 13.81 -17.26 -53.83
C VAL C 7 13.79 -16.64 -52.44
N LYS C 8 12.80 -15.80 -52.16
CA LYS C 8 12.64 -15.30 -50.80
C LYS C 8 12.36 -16.44 -49.83
N LYS C 9 11.57 -17.42 -50.26
CA LYS C 9 11.32 -18.57 -49.40
C LYS C 9 12.60 -19.34 -49.13
N ASP C 10 13.42 -19.53 -50.16
CA ASP C 10 14.68 -20.23 -49.96
C ASP C 10 15.59 -19.46 -49.02
N ALA C 11 15.65 -18.14 -49.16
CA ALA C 11 16.44 -17.34 -48.25
C ALA C 11 15.92 -17.45 -46.83
N LEU C 12 14.60 -17.46 -46.67
CA LEU C 12 14.02 -17.64 -45.34
C LEU C 12 14.42 -18.97 -44.74
N GLU C 13 14.30 -20.05 -45.52
CA GLU C 13 14.63 -21.37 -44.98
C GLU C 13 16.09 -21.46 -44.62
N ASN C 14 16.99 -20.92 -45.46
CA ASN C 14 18.39 -20.88 -45.10
C ASN C 14 18.60 -20.05 -43.85
N LEU C 15 17.74 -19.05 -43.62
CA LEU C 15 17.87 -18.18 -42.48
C LEU C 15 16.98 -18.61 -41.33
N ARG C 16 16.33 -19.77 -41.42
CA ARG C 16 15.44 -20.19 -40.34
C ARG C 16 16.20 -20.53 -39.07
N VAL C 17 17.52 -20.70 -39.14
CA VAL C 17 18.29 -20.87 -37.92
C VAL C 17 18.18 -19.64 -37.03
N TYR C 18 18.27 -18.45 -37.62
CA TYR C 18 18.18 -17.21 -36.86
C TYR C 18 16.79 -16.94 -36.33
N LEU C 19 15.84 -17.85 -36.55
CA LEU C 19 14.53 -17.73 -35.94
C LEU C 19 14.62 -17.59 -34.43
N CYS C 20 15.34 -18.52 -33.78
CA CYS C 20 15.30 -18.60 -32.32
C CYS C 20 15.68 -17.28 -31.67
N GLU C 21 16.57 -16.52 -32.31
CA GLU C 21 17.06 -15.31 -31.67
C GLU C 21 15.97 -14.24 -31.60
N LYS C 22 15.49 -13.78 -32.75
CA LYS C 22 14.61 -12.62 -32.73
C LYS C 22 13.27 -12.88 -33.40
N ILE C 23 12.71 -14.08 -33.28
CA ILE C 23 11.30 -14.20 -33.56
C ILE C 23 10.61 -14.54 -32.25
N ILE C 24 11.38 -14.51 -31.15
CA ILE C 24 10.77 -14.53 -29.82
C ILE C 24 9.77 -13.39 -29.70
N ALA C 25 10.00 -12.32 -30.44
CA ALA C 25 9.08 -11.22 -30.57
C ALA C 25 7.98 -11.49 -31.58
N GLU C 26 7.67 -12.76 -31.86
CA GLU C 26 6.60 -13.07 -32.80
C GLU C 26 5.29 -12.39 -32.43
N ARG C 27 4.74 -12.70 -31.25
CA ARG C 27 3.52 -12.04 -30.84
C ARG C 27 3.76 -10.55 -30.64
N HIS C 28 4.98 -10.18 -30.27
CA HIS C 28 5.32 -8.78 -30.07
C HIS C 28 5.24 -7.96 -31.35
N PHE C 29 5.50 -8.58 -32.49
CA PHE C 29 5.62 -7.89 -33.76
C PHE C 29 4.50 -8.23 -34.72
N ASP C 30 4.39 -9.50 -35.09
CA ASP C 30 3.61 -9.85 -36.26
C ASP C 30 2.14 -9.94 -35.93
N HIS C 31 1.80 -10.38 -34.73
CA HIS C 31 0.40 -10.48 -34.36
C HIS C 31 -0.28 -9.12 -34.40
N LEU C 32 0.51 -8.05 -34.37
CA LEU C 32 -0.06 -6.71 -34.44
C LEU C 32 0.23 -6.01 -35.75
N ARG C 33 1.28 -6.40 -36.47
CA ARG C 33 1.50 -5.86 -37.81
C ARG C 33 0.99 -6.73 -38.93
N ALA C 34 1.51 -7.94 -39.05
CA ALA C 34 1.22 -8.82 -40.16
C ALA C 34 -0.21 -9.34 -40.13
N LYS C 35 -1.03 -8.86 -39.21
CA LYS C 35 -2.46 -9.16 -39.30
C LYS C 35 -3.04 -8.55 -40.56
N LYS C 36 -2.33 -7.58 -41.14
CA LYS C 36 -2.61 -7.09 -42.48
C LYS C 36 -2.53 -8.20 -43.51
N ILE C 37 -1.72 -9.24 -43.24
CA ILE C 37 -1.57 -10.38 -44.14
C ILE C 37 -1.93 -11.70 -43.44
N LEU C 38 -1.48 -11.89 -42.20
CA LEU C 38 -1.75 -13.13 -41.50
C LEU C 38 -3.22 -13.24 -41.11
N SER C 39 -3.72 -14.47 -41.10
CA SER C 39 -5.10 -14.71 -40.68
C SER C 39 -5.27 -14.45 -39.19
N ARG C 40 -6.45 -13.97 -38.82
CA ARG C 40 -6.71 -13.64 -37.42
C ARG C 40 -6.61 -14.88 -36.55
N GLU C 41 -7.26 -15.97 -36.96
CA GLU C 41 -7.16 -17.20 -36.18
C GLU C 41 -5.74 -17.72 -36.20
N ASP C 42 -5.00 -17.44 -37.28
CA ASP C 42 -3.65 -17.95 -37.38
C ASP C 42 -2.80 -17.45 -36.22
N THR C 43 -3.06 -16.24 -35.74
CA THR C 43 -2.39 -15.78 -34.53
C THR C 43 -2.70 -16.70 -33.37
N GLU C 44 -3.98 -17.07 -33.21
CA GLU C 44 -4.35 -17.98 -32.14
C GLU C 44 -3.71 -19.34 -32.32
N GLU C 45 -3.66 -19.84 -33.56
CA GLU C 45 -3.01 -21.13 -33.78
C GLU C 45 -1.54 -21.07 -33.42
N ILE C 46 -0.87 -19.98 -33.79
CA ILE C 46 0.53 -19.83 -33.46
C ILE C 46 0.72 -19.81 -31.95
N SER C 47 -0.10 -19.03 -31.25
CA SER C 47 0.19 -18.73 -29.85
C SER C 47 -0.31 -19.79 -28.89
N CYS C 48 -1.48 -20.36 -29.15
CA CYS C 48 -2.21 -21.07 -28.09
C CYS C 48 -1.45 -22.28 -27.58
N GLN C 49 -1.04 -23.16 -28.47
CA GLN C 49 -0.44 -24.43 -28.07
C GLN C 49 0.88 -24.61 -28.81
N THR C 50 1.96 -24.12 -28.22
CA THR C 50 3.31 -24.42 -28.70
C THR C 50 4.26 -24.13 -27.53
N SER C 51 5.55 -24.01 -27.81
CA SER C 51 6.55 -23.81 -26.76
C SER C 51 7.50 -22.68 -27.12
N SER C 52 6.95 -21.61 -27.71
CA SER C 52 7.60 -20.30 -27.81
C SER C 52 8.81 -20.26 -28.74
N ARG C 53 9.27 -21.40 -29.26
CA ARG C 53 10.24 -21.33 -30.34
C ARG C 53 9.66 -21.96 -31.59
N LYS C 54 9.18 -23.20 -31.46
CA LYS C 54 8.44 -23.87 -32.51
C LYS C 54 7.27 -22.98 -32.92
N ARG C 55 6.79 -22.18 -31.96
CA ARG C 55 5.77 -21.18 -32.26
C ARG C 55 6.24 -20.25 -33.35
N ALA C 56 7.46 -19.73 -33.22
CA ALA C 56 8.02 -18.91 -34.27
C ALA C 56 8.24 -19.70 -35.54
N GLY C 57 8.52 -21.00 -35.40
CA GLY C 57 8.66 -21.83 -36.58
C GLY C 57 7.38 -21.88 -37.40
N LYS C 58 6.25 -22.09 -36.73
CA LYS C 58 4.98 -22.08 -37.42
C LYS C 58 4.68 -20.71 -37.99
N LEU C 59 5.08 -19.65 -37.27
CA LEU C 59 4.92 -18.31 -37.82
C LEU C 59 5.64 -18.17 -39.16
N LEU C 60 6.91 -18.53 -39.21
CA LEU C 60 7.65 -18.42 -40.45
C LEU C 60 7.15 -19.37 -41.52
N ASP C 61 6.62 -20.53 -41.13
CA ASP C 61 6.01 -21.42 -42.11
C ASP C 61 4.79 -20.77 -42.75
N TYR C 62 3.98 -20.07 -41.96
CA TYR C 62 2.88 -19.30 -42.53
C TYR C 62 3.40 -18.15 -43.38
N LEU C 63 4.55 -17.59 -43.03
CA LEU C 63 5.12 -16.49 -43.78
C LEU C 63 5.66 -16.89 -45.14
N GLN C 64 6.23 -18.09 -45.25
CA GLN C 64 6.83 -18.51 -46.52
C GLN C 64 5.81 -18.47 -47.64
N GLU C 65 4.58 -18.86 -47.34
CA GLU C 65 3.55 -18.93 -48.36
C GLU C 65 3.27 -17.56 -48.96
N ASN C 66 3.30 -16.52 -48.13
CA ASN C 66 3.10 -15.18 -48.66
C ASN C 66 4.31 -14.77 -49.49
N PRO C 67 4.10 -14.09 -50.61
CA PRO C 67 5.26 -13.59 -51.37
C PRO C 67 5.91 -12.43 -50.67
N LYS C 68 5.15 -11.70 -49.87
CA LYS C 68 5.64 -10.50 -49.21
C LYS C 68 6.23 -10.88 -47.86
N GLY C 69 7.24 -11.74 -47.92
CA GLY C 69 8.04 -12.07 -46.76
C GLY C 69 8.90 -10.94 -46.28
N LEU C 70 8.84 -9.82 -46.98
CA LEU C 70 9.42 -8.56 -46.52
C LEU C 70 8.49 -7.82 -45.57
N ASP C 71 7.29 -8.35 -45.33
CA ASP C 71 6.41 -7.71 -44.36
C ASP C 71 6.99 -7.77 -42.96
N THR C 72 7.59 -8.90 -42.60
CA THR C 72 8.30 -8.98 -41.33
C THR C 72 9.43 -7.96 -41.29
N LEU C 73 10.12 -7.79 -42.41
CA LEU C 73 11.20 -6.81 -42.46
C LEU C 73 10.67 -5.40 -42.22
N VAL C 74 9.57 -5.06 -42.90
CA VAL C 74 8.98 -3.73 -42.77
C VAL C 74 8.54 -3.49 -41.33
N GLU C 75 7.91 -4.49 -40.73
CA GLU C 75 7.52 -4.39 -39.33
C GLU C 75 8.74 -4.25 -38.42
N SER C 76 9.84 -4.91 -38.77
CA SER C 76 11.02 -4.92 -37.93
C SER C 76 11.59 -3.53 -37.74
N ILE C 77 11.50 -2.68 -38.76
CA ILE C 77 11.94 -1.30 -38.60
C ILE C 77 11.10 -0.62 -37.52
N ARG C 78 9.81 -0.86 -37.50
CA ARG C 78 9.00 -0.41 -36.39
C ARG C 78 9.43 -1.10 -35.11
N ARG C 79 9.27 -0.42 -33.98
CA ARG C 79 9.85 -0.83 -32.71
C ARG C 79 11.38 -0.91 -32.83
N GLU C 80 11.95 0.27 -33.03
CA GLU C 80 13.39 0.45 -33.21
C GLU C 80 14.21 0.07 -31.99
N LYS C 81 13.58 -0.10 -30.82
CA LYS C 81 14.33 -0.56 -29.66
C LYS C 81 15.02 -1.89 -29.95
N THR C 82 14.29 -2.84 -30.52
CA THR C 82 14.87 -4.11 -30.92
C THR C 82 15.69 -4.02 -32.19
N GLN C 83 15.65 -2.88 -32.88
CA GLN C 83 16.22 -2.86 -34.22
C GLN C 83 17.73 -2.69 -34.18
N ASN C 84 18.29 -2.29 -33.04
CA ASN C 84 19.75 -2.14 -32.96
C ASN C 84 20.45 -3.41 -33.46
N PHE C 85 19.91 -4.57 -33.09
CA PHE C 85 20.33 -5.85 -33.65
C PHE C 85 19.40 -6.37 -34.72
N LEU C 86 18.13 -6.02 -34.69
CA LEU C 86 17.25 -6.66 -35.66
C LEU C 86 17.47 -6.04 -37.04
N ILE C 87 18.02 -4.83 -37.10
CA ILE C 87 18.49 -4.26 -38.36
C ILE C 87 19.77 -4.97 -38.80
N GLN C 88 20.61 -5.38 -37.85
CA GLN C 88 21.67 -6.31 -38.22
C GLN C 88 21.07 -7.55 -38.85
N LYS C 89 19.89 -7.95 -38.36
CA LYS C 89 19.17 -9.07 -38.96
C LYS C 89 18.61 -8.72 -40.33
N ILE C 90 18.15 -7.48 -40.54
CA ILE C 90 17.64 -7.14 -41.86
C ILE C 90 18.80 -7.06 -42.85
N THR C 91 19.96 -6.63 -42.38
CA THR C 91 21.17 -6.69 -43.21
C THR C 91 21.54 -8.13 -43.52
N ASP C 92 21.45 -9.01 -42.53
CA ASP C 92 21.70 -10.43 -42.78
C ASP C 92 20.70 -10.98 -43.79
N GLU C 93 19.44 -10.60 -43.64
CA GLU C 93 18.39 -11.01 -44.56
C GLU C 93 18.66 -10.53 -45.97
N VAL C 94 19.05 -9.27 -46.10
CA VAL C 94 19.34 -8.70 -47.41
C VAL C 94 20.58 -9.36 -48.00
N LEU C 95 21.54 -9.71 -47.16
CA LEU C 95 22.73 -10.41 -47.64
C LEU C 95 22.37 -11.77 -48.19
N LYS C 96 21.56 -12.54 -47.46
CA LYS C 96 21.13 -13.84 -47.95
C LYS C 96 20.31 -13.69 -49.23
N LEU C 97 19.42 -12.69 -49.26
CA LEU C 97 18.61 -12.45 -50.45
C LEU C 97 19.49 -12.10 -51.64
N ARG C 98 20.53 -11.30 -51.40
CA ARG C 98 21.44 -10.92 -52.47
C ARG C 98 22.23 -12.13 -52.96
N ASN C 99 22.68 -12.98 -52.04
CA ASN C 99 23.39 -14.18 -52.45
C ASN C 99 22.51 -15.07 -53.32
N ILE C 100 21.26 -15.28 -52.89
CA ILE C 100 20.35 -16.12 -53.65
C ILE C 100 20.01 -15.45 -54.98
N LYS C 101 19.91 -14.13 -54.99
CA LYS C 101 19.65 -13.41 -56.23
C LYS C 101 20.80 -13.57 -57.22
N LEU C 102 22.04 -13.48 -56.71
CA LEU C 102 23.21 -13.69 -57.57
C LEU C 102 23.22 -15.10 -58.11
N GLU C 103 22.84 -16.08 -57.29
CA GLU C 103 22.69 -17.44 -57.81
C GLU C 103 21.61 -17.50 -58.88
N HIS C 104 20.52 -16.77 -58.68
CA HIS C 104 19.41 -16.76 -59.63
C HIS C 104 19.85 -16.21 -60.97
N LEU C 105 20.66 -15.15 -60.96
CA LEU C 105 21.17 -14.60 -62.21
C LEU C 105 22.05 -15.61 -62.95
N LYS C 106 22.90 -16.33 -62.22
CA LYS C 106 23.86 -17.30 -62.76
C LYS C 106 24.40 -16.92 -64.14
N GLU D 1 -44.81 -29.29 -39.40
CA GLU D 1 -44.61 -30.36 -40.39
C GLU D 1 -43.58 -31.36 -39.90
N GLU D 2 -43.00 -31.07 -38.73
CA GLU D 2 -41.94 -31.87 -38.12
C GLU D 2 -40.68 -31.92 -38.99
N ASP D 3 -40.61 -31.07 -40.01
CA ASP D 3 -39.42 -30.92 -40.83
C ASP D 3 -38.70 -29.61 -40.61
N LEU D 4 -39.32 -28.67 -39.89
CA LEU D 4 -38.63 -27.44 -39.54
C LEU D 4 -37.33 -27.72 -38.79
N THR D 5 -37.29 -28.83 -38.05
CA THR D 5 -36.04 -29.26 -37.45
C THR D 5 -34.96 -29.44 -38.50
N GLU D 6 -35.30 -30.14 -39.60
CA GLU D 6 -34.33 -30.37 -40.65
C GLU D 6 -33.91 -29.07 -41.32
N VAL D 7 -34.87 -28.18 -41.60
CA VAL D 7 -34.51 -26.95 -42.29
C VAL D 7 -33.72 -26.04 -41.36
N LYS D 8 -33.82 -26.26 -40.05
CA LYS D 8 -32.96 -25.52 -39.13
C LYS D 8 -31.49 -25.82 -39.41
N LYS D 9 -31.17 -27.08 -39.71
CA LYS D 9 -29.79 -27.41 -40.04
C LYS D 9 -29.33 -26.68 -41.29
N ASP D 10 -30.20 -26.61 -42.31
CA ASP D 10 -29.84 -25.90 -43.52
C ASP D 10 -29.63 -24.41 -43.24
N ALA D 11 -30.50 -23.83 -42.42
CA ALA D 11 -30.33 -22.42 -42.05
C ALA D 11 -29.03 -22.22 -41.31
N LEU D 12 -28.69 -23.15 -40.41
CA LEU D 12 -27.42 -23.06 -39.70
C LEU D 12 -26.24 -23.10 -40.66
N GLU D 13 -26.25 -24.05 -41.59
CA GLU D 13 -25.13 -24.18 -42.52
C GLU D 13 -25.00 -22.94 -43.38
N ASN D 14 -26.13 -22.41 -43.88
CA ASN D 14 -26.08 -21.16 -44.62
C ASN D 14 -25.54 -20.03 -43.74
N LEU D 15 -25.79 -20.11 -42.44
CA LEU D 15 -25.36 -19.09 -41.51
C LEU D 15 -24.04 -19.44 -40.83
N ARG D 16 -23.39 -20.51 -41.26
CA ARG D 16 -22.14 -20.87 -40.60
C ARG D 16 -21.02 -19.87 -40.87
N VAL D 17 -21.19 -18.98 -41.84
CA VAL D 17 -20.20 -17.93 -42.03
C VAL D 17 -20.16 -17.03 -40.80
N TYR D 18 -21.32 -16.68 -40.25
CA TYR D 18 -21.37 -15.82 -39.08
C TYR D 18 -20.87 -16.50 -37.81
N LEU D 19 -20.41 -17.75 -37.91
CA LEU D 19 -19.78 -18.41 -36.77
C LEU D 19 -18.63 -17.57 -36.21
N CYS D 20 -17.70 -17.16 -37.07
CA CYS D 20 -16.46 -16.56 -36.60
C CYS D 20 -16.72 -15.35 -35.70
N GLU D 21 -17.79 -14.62 -35.97
CA GLU D 21 -18.04 -13.39 -35.22
C GLU D 21 -18.40 -13.68 -33.78
N LYS D 22 -19.53 -14.36 -33.55
CA LYS D 22 -20.03 -14.48 -32.20
C LYS D 22 -20.23 -15.92 -31.75
N ILE D 23 -19.37 -16.84 -32.19
CA ILE D 23 -19.32 -18.10 -31.46
C ILE D 23 -17.96 -18.17 -30.80
N ILE D 24 -17.19 -17.08 -30.88
CA ILE D 24 -16.01 -16.93 -30.03
C ILE D 24 -16.39 -17.10 -28.58
N ALA D 25 -17.63 -16.76 -28.25
CA ALA D 25 -18.21 -17.01 -26.95
C ALA D 25 -18.72 -18.43 -26.79
N GLU D 26 -18.19 -19.38 -27.56
CA GLU D 26 -18.62 -20.77 -27.43
C GLU D 26 -18.49 -21.27 -25.99
N ARG D 27 -17.29 -21.29 -25.45
CA ARG D 27 -17.13 -21.72 -24.06
C ARG D 27 -17.84 -20.75 -23.12
N HIS D 28 -17.93 -19.48 -23.51
CA HIS D 28 -18.59 -18.48 -22.70
C HIS D 28 -20.08 -18.74 -22.54
N PHE D 29 -20.71 -19.36 -23.53
CA PHE D 29 -22.15 -19.54 -23.58
C PHE D 29 -22.57 -20.98 -23.44
N ASP D 30 -22.15 -21.82 -24.36
CA ASP D 30 -22.79 -23.11 -24.53
C ASP D 30 -22.26 -24.12 -23.53
N HIS D 31 -20.97 -24.02 -23.20
CA HIS D 31 -20.40 -24.96 -22.24
C HIS D 31 -21.09 -24.87 -20.90
N LEU D 32 -21.78 -23.76 -20.65
CA LEU D 32 -22.50 -23.59 -19.40
C LEU D 32 -24.01 -23.65 -19.56
N ARG D 33 -24.54 -23.37 -20.75
CA ARG D 33 -25.96 -23.57 -20.98
C ARG D 33 -26.31 -24.87 -21.66
N ALA D 34 -25.81 -25.10 -22.87
CA ALA D 34 -26.18 -26.24 -23.67
C ALA D 34 -25.65 -27.55 -23.11
N LYS D 35 -25.04 -27.52 -21.92
CA LYS D 35 -24.73 -28.78 -21.26
C LYS D 35 -26.01 -29.52 -20.91
N LYS D 36 -27.13 -28.80 -20.90
CA LYS D 36 -28.46 -29.40 -20.86
C LYS D 36 -28.69 -30.32 -22.04
N ILE D 37 -28.02 -30.08 -23.17
CA ILE D 37 -28.12 -30.91 -24.36
C ILE D 37 -26.77 -31.47 -24.79
N LEU D 38 -25.72 -30.65 -24.77
CA LEU D 38 -24.41 -31.11 -25.21
C LEU D 38 -23.81 -32.08 -24.21
N SER D 39 -23.04 -33.04 -24.72
CA SER D 39 -22.35 -34.00 -23.87
C SER D 39 -21.26 -33.32 -23.06
N ARG D 40 -21.05 -33.83 -21.84
CA ARG D 40 -20.06 -33.23 -20.96
C ARG D 40 -18.67 -33.32 -21.57
N GLU D 41 -18.29 -34.51 -22.04
CA GLU D 41 -16.99 -34.65 -22.67
C GLU D 41 -16.93 -33.83 -23.95
N ASP D 42 -18.07 -33.64 -24.60
CA ASP D 42 -18.08 -32.89 -25.85
C ASP D 42 -17.53 -31.49 -25.64
N THR D 43 -17.79 -30.90 -24.48
CA THR D 43 -17.16 -29.62 -24.16
C THR D 43 -15.64 -29.75 -24.18
N GLU D 44 -15.12 -30.81 -23.57
CA GLU D 44 -13.68 -31.04 -23.58
C GLU D 44 -13.17 -31.26 -24.99
N GLU D 45 -13.90 -32.03 -25.80
CA GLU D 45 -13.46 -32.25 -27.17
C GLU D 45 -13.42 -30.94 -27.95
N ILE D 46 -14.44 -30.10 -27.75
CA ILE D 46 -14.46 -28.81 -28.42
C ILE D 46 -13.28 -27.97 -28.00
N SER D 47 -13.02 -27.89 -26.70
CA SER D 47 -12.08 -26.90 -26.19
C SER D 47 -10.63 -27.33 -26.26
N CYS D 48 -10.34 -28.61 -25.99
CA CYS D 48 -8.98 -28.99 -25.63
C CYS D 48 -7.99 -28.75 -26.78
N GLN D 49 -8.29 -29.25 -27.96
CA GLN D 49 -7.35 -29.21 -29.08
C GLN D 49 -8.05 -28.64 -30.30
N THR D 50 -8.01 -27.33 -30.43
CA THR D 50 -8.44 -26.66 -31.67
C THR D 50 -7.79 -25.27 -31.66
N SER D 51 -8.28 -24.37 -32.50
CA SER D 51 -7.68 -23.04 -32.64
C SER D 51 -8.76 -21.96 -32.59
N SER D 52 -9.75 -22.14 -31.72
CA SER D 52 -10.66 -21.09 -31.27
C SER D 52 -11.63 -20.59 -32.34
N ARG D 53 -11.48 -21.01 -33.59
CA ARG D 53 -12.55 -20.74 -34.54
C ARG D 53 -13.13 -22.05 -35.04
N LYS D 54 -12.26 -22.93 -35.54
CA LYS D 54 -12.63 -24.28 -35.89
C LYS D 54 -13.28 -24.93 -34.68
N ARG D 55 -12.88 -24.49 -33.50
CA ARG D 55 -13.51 -24.93 -32.27
C ARG D 55 -15.00 -24.64 -32.31
N ALA D 56 -15.37 -23.42 -32.68
CA ALA D 56 -16.78 -23.09 -32.85
C ALA D 56 -17.40 -23.89 -33.97
N GLY D 57 -16.60 -24.22 -34.99
CA GLY D 57 -17.12 -25.04 -36.07
C GLY D 57 -17.57 -26.40 -35.58
N LYS D 58 -16.74 -27.05 -34.77
CA LYS D 58 -17.11 -28.33 -34.20
C LYS D 58 -18.29 -28.17 -33.25
N LEU D 59 -18.36 -27.06 -32.54
CA LEU D 59 -19.53 -26.80 -31.72
C LEU D 59 -20.81 -26.80 -32.55
N LEU D 60 -20.84 -26.03 -33.63
CA LEU D 60 -22.03 -25.99 -34.46
C LEU D 60 -22.29 -27.31 -35.16
N ASP D 61 -21.25 -28.06 -35.49
CA ASP D 61 -21.45 -29.39 -36.05
C ASP D 61 -22.16 -30.29 -35.05
N TYR D 62 -21.78 -30.23 -33.78
CA TYR D 62 -22.51 -30.96 -32.76
C TYR D 62 -23.92 -30.43 -32.58
N LEU D 63 -24.12 -29.13 -32.82
CA LEU D 63 -25.43 -28.52 -32.68
C LEU D 63 -26.40 -28.94 -33.78
N GLN D 64 -25.91 -29.11 -35.02
CA GLN D 64 -26.80 -29.44 -36.12
C GLN D 64 -27.59 -30.71 -35.85
N GLU D 65 -26.93 -31.69 -35.22
CA GLU D 65 -27.57 -32.97 -34.97
C GLU D 65 -28.78 -32.81 -34.07
N ASN D 66 -28.70 -31.93 -33.08
CA ASN D 66 -29.83 -31.70 -32.22
C ASN D 66 -30.92 -30.97 -33.00
N PRO D 67 -32.19 -31.33 -32.80
CA PRO D 67 -33.26 -30.58 -33.45
C PRO D 67 -33.44 -29.21 -32.84
N LYS D 68 -33.09 -29.08 -31.56
CA LYS D 68 -33.29 -27.84 -30.82
C LYS D 68 -32.06 -26.96 -30.98
N GLY D 69 -31.79 -26.62 -32.24
CA GLY D 69 -30.78 -25.65 -32.57
C GLY D 69 -31.16 -24.24 -32.17
N LEU D 70 -32.35 -24.08 -31.61
CA LEU D 70 -32.76 -22.85 -30.95
C LEU D 70 -32.26 -22.77 -29.52
N ASP D 71 -31.57 -23.81 -29.03
CA ASP D 71 -31.01 -23.74 -27.68
C ASP D 71 -29.93 -22.67 -27.61
N THR D 72 -29.09 -22.59 -28.65
CA THR D 72 -28.12 -21.50 -28.71
C THR D 72 -28.82 -20.16 -28.71
N LEU D 73 -29.94 -20.06 -29.43
CA LEU D 73 -30.69 -18.81 -29.46
C LEU D 73 -31.20 -18.46 -28.07
N VAL D 74 -31.78 -19.44 -27.37
CA VAL D 74 -32.32 -19.20 -26.04
C VAL D 74 -31.22 -18.76 -25.10
N GLU D 75 -30.07 -19.44 -25.16
CA GLU D 75 -28.93 -19.03 -24.36
C GLU D 75 -28.46 -17.63 -24.71
N SER D 76 -28.54 -17.27 -26.00
CA SER D 76 -28.04 -16.00 -26.46
C SER D 76 -28.73 -14.83 -25.79
N ILE D 77 -30.03 -14.97 -25.51
CA ILE D 77 -30.73 -13.91 -24.79
C ILE D 77 -30.12 -13.72 -23.41
N ARG D 78 -29.76 -14.82 -22.75
CA ARG D 78 -28.99 -14.71 -21.52
C ARG D 78 -27.62 -14.12 -21.84
N ARG D 79 -27.06 -13.40 -20.86
CA ARG D 79 -25.88 -12.56 -21.08
C ARG D 79 -26.17 -11.51 -22.14
N GLU D 80 -27.07 -10.61 -21.76
CA GLU D 80 -27.54 -9.53 -22.61
C GLU D 80 -26.45 -8.53 -22.97
N LYS D 81 -25.31 -8.54 -22.28
CA LYS D 81 -24.22 -7.65 -22.67
C LYS D 81 -23.82 -7.89 -24.12
N THR D 82 -23.65 -9.14 -24.51
CA THR D 82 -23.35 -9.49 -25.89
C THR D 82 -24.56 -9.41 -26.79
N GLN D 83 -25.76 -9.21 -26.23
CA GLN D 83 -26.94 -9.39 -27.05
C GLN D 83 -27.23 -8.15 -27.88
N ASN D 84 -26.61 -7.01 -27.56
CA ASN D 84 -26.85 -5.81 -28.36
C ASN D 84 -26.66 -6.10 -29.85
N PHE D 85 -25.62 -6.88 -30.18
CA PHE D 85 -25.42 -7.42 -31.52
C PHE D 85 -25.88 -8.86 -31.67
N LEU D 86 -25.85 -9.65 -30.59
CA LEU D 86 -26.15 -11.04 -30.82
C LEU D 86 -27.65 -11.23 -31.02
N ILE D 87 -28.46 -10.28 -30.56
CA ILE D 87 -29.87 -10.23 -30.93
C ILE D 87 -30.03 -9.81 -32.37
N GLN D 88 -29.16 -8.92 -32.85
CA GLN D 88 -29.09 -8.72 -34.29
C GLN D 88 -28.82 -10.04 -34.98
N LYS D 89 -28.03 -10.90 -34.34
CA LYS D 89 -27.79 -12.24 -34.85
C LYS D 89 -29.01 -13.13 -34.75
N ILE D 90 -29.80 -13.00 -33.67
CA ILE D 90 -31.00 -13.83 -33.57
C ILE D 90 -32.02 -13.38 -34.60
N THR D 91 -32.05 -12.08 -34.90
CA THR D 91 -32.88 -11.57 -35.99
C THR D 91 -32.39 -12.11 -37.33
N ASP D 92 -31.07 -12.13 -37.52
CA ASP D 92 -30.52 -12.72 -38.74
C ASP D 92 -30.89 -14.20 -38.84
N GLU D 93 -30.79 -14.90 -37.72
CA GLU D 93 -31.14 -16.31 -37.65
C GLU D 93 -32.60 -16.52 -38.00
N VAL D 94 -33.48 -15.70 -37.42
CA VAL D 94 -34.91 -15.83 -37.69
C VAL D 94 -35.21 -15.48 -39.13
N LEU D 95 -34.47 -14.51 -39.70
CA LEU D 95 -34.66 -14.17 -41.10
C LEU D 95 -34.29 -15.33 -42.01
N LYS D 96 -33.14 -15.96 -41.74
CA LYS D 96 -32.75 -17.12 -42.53
C LYS D 96 -33.74 -18.25 -42.36
N LEU D 97 -34.19 -18.48 -41.12
CA LEU D 97 -35.17 -19.52 -40.87
C LEU D 97 -36.47 -19.25 -41.59
N ARG D 98 -36.89 -17.98 -41.62
CA ARG D 98 -38.11 -17.61 -42.33
C ARG D 98 -37.96 -17.79 -43.82
N ASN D 99 -36.80 -17.44 -44.37
CA ASN D 99 -36.56 -17.64 -45.80
C ASN D 99 -36.64 -19.12 -46.15
N ILE D 100 -35.98 -19.96 -45.34
CA ILE D 100 -36.00 -21.39 -45.61
C ILE D 100 -37.40 -21.94 -45.41
N LYS D 101 -38.14 -21.42 -44.43
CA LYS D 101 -39.52 -21.85 -44.21
C LYS D 101 -40.40 -21.50 -45.40
N LEU D 102 -40.22 -20.29 -45.95
CA LEU D 102 -40.98 -19.90 -47.14
C LEU D 102 -40.65 -20.80 -48.31
N GLU D 103 -39.37 -21.17 -48.45
CA GLU D 103 -39.00 -22.15 -49.47
C GLU D 103 -39.68 -23.49 -49.20
N HIS D 104 -39.76 -23.88 -47.92
CA HIS D 104 -40.37 -25.16 -47.56
C HIS D 104 -41.85 -25.19 -47.92
N LEU D 105 -42.55 -24.07 -47.72
CA LEU D 105 -43.95 -24.00 -48.10
C LEU D 105 -44.12 -24.15 -49.61
N LYS D 106 -43.26 -23.50 -50.38
CA LYS D 106 -43.30 -23.47 -51.85
C LYS D 106 -44.72 -23.52 -52.43
N GLU E 1 -6.33 -69.99 -8.40
CA GLU E 1 -6.57 -70.79 -9.60
C GLU E 1 -5.79 -70.25 -10.78
N GLU E 2 -5.08 -69.14 -10.54
CA GLU E 2 -4.31 -68.43 -11.56
C GLU E 2 -5.18 -67.91 -12.69
N ASP E 3 -6.49 -67.92 -12.51
CA ASP E 3 -7.43 -67.34 -13.46
C ASP E 3 -8.10 -66.09 -12.93
N LEU E 4 -7.94 -65.78 -11.64
CA LEU E 4 -8.45 -64.53 -11.11
C LEU E 4 -7.88 -63.34 -11.88
N THR E 5 -6.68 -63.48 -12.41
CA THR E 5 -6.14 -62.45 -13.29
C THR E 5 -7.06 -62.21 -14.47
N GLU E 6 -7.51 -63.29 -15.10
CA GLU E 6 -8.40 -63.16 -16.25
C GLU E 6 -9.73 -62.55 -15.86
N VAL E 7 -10.31 -62.99 -14.74
CA VAL E 7 -11.61 -62.47 -14.35
C VAL E 7 -11.49 -61.02 -13.91
N LYS E 8 -10.28 -60.59 -13.54
CA LYS E 8 -10.08 -59.17 -13.27
C LYS E 8 -10.37 -58.33 -14.49
N LYS E 9 -9.97 -58.80 -15.67
CA LYS E 9 -10.26 -58.08 -16.89
C LYS E 9 -11.76 -57.97 -17.12
N ASP E 10 -12.49 -59.06 -16.88
CA ASP E 10 -13.94 -59.02 -17.03
C ASP E 10 -14.56 -58.05 -16.05
N ALA E 11 -14.08 -58.05 -14.81
CA ALA E 11 -14.60 -57.10 -13.82
C ALA E 11 -14.31 -55.67 -14.26
N LEU E 12 -13.12 -55.43 -14.81
CA LEU E 12 -12.78 -54.11 -15.30
C LEU E 12 -13.72 -53.68 -16.41
N GLU E 13 -13.95 -54.56 -17.38
CA GLU E 13 -14.82 -54.21 -18.50
C GLU E 13 -16.24 -53.94 -18.04
N ASN E 14 -16.75 -54.76 -17.13
CA ASN E 14 -18.07 -54.49 -16.56
C ASN E 14 -18.06 -53.16 -15.82
N LEU E 15 -16.91 -52.78 -15.27
CA LEU E 15 -16.79 -51.55 -14.50
C LEU E 15 -16.26 -50.40 -15.34
N ARG E 16 -16.10 -50.59 -16.65
CA ARG E 16 -15.56 -49.53 -17.47
C ARG E 16 -16.51 -48.34 -17.60
N VAL E 17 -17.78 -48.50 -17.21
CA VAL E 17 -18.67 -47.35 -17.18
C VAL E 17 -18.18 -46.33 -16.16
N TYR E 18 -17.75 -46.80 -14.99
CA TYR E 18 -17.26 -45.90 -13.96
C TYR E 18 -15.93 -45.25 -14.30
N LEU E 19 -15.39 -45.53 -15.48
CA LEU E 19 -14.20 -44.82 -15.95
C LEU E 19 -14.38 -43.31 -15.90
N CYS E 20 -15.45 -42.81 -16.52
CA CYS E 20 -15.60 -41.38 -16.74
C CYS E 20 -15.50 -40.60 -15.43
N GLU E 21 -15.96 -41.20 -14.32
CA GLU E 21 -16.01 -40.46 -13.07
C GLU E 21 -14.60 -40.21 -12.53
N LYS E 22 -13.87 -41.26 -12.20
CA LYS E 22 -12.61 -41.07 -11.49
C LYS E 22 -11.42 -41.68 -12.20
N ILE E 23 -11.39 -41.67 -13.52
CA ILE E 23 -10.11 -41.88 -14.18
C ILE E 23 -9.74 -40.57 -14.86
N ILE E 24 -10.53 -39.52 -14.63
CA ILE E 24 -10.11 -38.17 -14.99
C ILE E 24 -8.77 -37.86 -14.35
N ALA E 25 -8.50 -38.49 -13.23
CA ALA E 25 -7.21 -38.44 -12.56
C ALA E 25 -6.22 -39.41 -13.17
N GLU E 26 -6.39 -39.80 -14.43
CA GLU E 26 -5.44 -40.71 -15.06
C GLU E 26 -4.01 -40.20 -14.99
N ARG E 27 -3.74 -39.04 -15.58
CA ARG E 27 -2.40 -38.47 -15.48
C ARG E 27 -2.07 -38.12 -14.05
N HIS E 28 -3.07 -37.78 -13.25
CA HIS E 28 -2.87 -37.44 -11.86
C HIS E 28 -2.35 -38.62 -11.04
N PHE E 29 -2.72 -39.84 -11.40
CA PHE E 29 -2.43 -41.03 -10.62
C PHE E 29 -1.46 -41.95 -11.30
N ASP E 30 -1.80 -42.45 -12.48
CA ASP E 30 -1.11 -43.61 -13.00
C ASP E 30 0.17 -43.22 -13.69
N HIS E 31 0.20 -42.04 -14.32
CA HIS E 31 1.41 -41.61 -15.01
C HIS E 31 2.55 -41.46 -14.03
N LEU E 32 2.25 -41.35 -12.74
CA LEU E 32 3.29 -41.24 -11.73
C LEU E 32 3.42 -42.47 -10.87
N ARG E 33 2.38 -43.30 -10.75
CA ARG E 33 2.52 -44.57 -10.07
C ARG E 33 2.76 -45.75 -10.98
N ALA E 34 1.82 -46.04 -11.87
CA ALA E 34 1.86 -47.23 -12.70
C ALA E 34 2.96 -47.17 -13.74
N LYS E 35 3.82 -46.15 -13.70
CA LYS E 35 5.02 -46.19 -14.53
C LYS E 35 5.92 -47.34 -14.09
N LYS E 36 5.70 -47.85 -12.88
CA LYS E 36 6.27 -49.11 -12.44
C LYS E 36 5.86 -50.26 -13.34
N ILE E 37 4.70 -50.16 -14.00
CA ILE E 37 4.21 -51.18 -14.91
C ILE E 37 3.96 -50.62 -16.31
N LEU E 38 3.35 -49.44 -16.40
CA LEU E 38 3.05 -48.87 -17.71
C LEU E 38 4.31 -48.40 -18.42
N SER E 39 4.30 -48.50 -19.74
CA SER E 39 5.42 -48.04 -20.54
C SER E 39 5.54 -46.52 -20.49
N ARG E 40 6.78 -46.02 -20.55
CA ARG E 40 7.00 -44.59 -20.46
C ARG E 40 6.34 -43.87 -21.63
N GLU E 41 6.56 -44.35 -22.85
CA GLU E 41 5.92 -43.73 -23.99
C GLU E 41 4.41 -43.90 -23.91
N ASP E 42 3.96 -44.97 -23.27
CA ASP E 42 2.52 -45.21 -23.19
C ASP E 42 1.83 -44.06 -22.50
N THR E 43 2.49 -43.43 -21.52
CA THR E 43 1.93 -42.22 -20.94
C THR E 43 1.75 -41.15 -22.01
N GLU E 44 2.76 -40.96 -22.86
CA GLU E 44 2.64 -39.98 -23.93
C GLU E 44 1.54 -40.35 -24.90
N GLU E 45 1.43 -41.63 -25.25
CA GLU E 45 0.36 -42.03 -26.15
C GLU E 45 -1.00 -41.77 -25.54
N ILE E 46 -1.16 -42.04 -24.25
CA ILE E 46 -2.42 -41.78 -23.58
C ILE E 46 -2.73 -40.29 -23.62
N SER E 47 -1.75 -39.46 -23.28
CA SER E 47 -2.03 -38.06 -23.00
C SER E 47 -2.09 -37.19 -24.25
N CYS E 48 -1.20 -37.44 -25.23
CA CYS E 48 -0.91 -36.43 -26.24
C CYS E 48 -2.12 -36.10 -27.09
N GLN E 49 -2.76 -37.11 -27.66
CA GLN E 49 -3.84 -36.90 -28.61
C GLN E 49 -5.05 -37.74 -28.20
N THR E 50 -5.90 -37.15 -27.37
CA THR E 50 -7.21 -37.73 -27.08
C THR E 50 -8.08 -36.60 -26.53
N SER E 51 -9.20 -36.94 -25.89
CA SER E 51 -10.14 -35.94 -25.40
C SER E 51 -10.53 -36.22 -23.96
N SER E 52 -9.57 -36.65 -23.15
CA SER E 52 -9.64 -36.63 -21.68
C SER E 52 -10.64 -37.62 -21.10
N ARG E 53 -11.45 -38.30 -21.91
CA ARG E 53 -12.21 -39.42 -21.38
C ARG E 53 -11.78 -40.69 -22.09
N LYS E 54 -11.85 -40.67 -23.41
CA LYS E 54 -11.32 -41.75 -24.24
C LYS E 54 -9.87 -41.99 -23.85
N ARG E 55 -9.22 -40.92 -23.39
CA ARG E 55 -7.87 -41.04 -22.87
C ARG E 55 -7.83 -42.06 -21.73
N ALA E 56 -8.76 -41.94 -20.78
CA ALA E 56 -8.85 -42.91 -19.71
C ALA E 56 -9.24 -44.28 -20.27
N GLY E 57 -10.00 -44.31 -21.35
CA GLY E 57 -10.33 -45.58 -21.96
C GLY E 57 -9.11 -46.32 -22.44
N LYS E 58 -8.22 -45.61 -23.13
CA LYS E 58 -6.97 -46.22 -23.58
C LYS E 58 -6.12 -46.61 -22.38
N LEU E 59 -6.14 -45.81 -21.32
CA LEU E 59 -5.43 -46.20 -20.11
C LEU E 59 -5.91 -47.54 -19.59
N LEU E 60 -7.21 -47.70 -19.41
CA LEU E 60 -7.72 -48.97 -18.93
C LEU E 60 -7.52 -50.11 -19.90
N ASP E 61 -7.53 -49.83 -21.21
CA ASP E 61 -7.20 -50.86 -22.18
C ASP E 61 -5.78 -51.35 -22.00
N TYR E 62 -4.84 -50.44 -21.76
CA TYR E 62 -3.49 -50.86 -21.44
C TYR E 62 -3.43 -51.60 -20.12
N LEU E 63 -4.30 -51.25 -19.18
CA LEU E 63 -4.33 -51.90 -17.88
C LEU E 63 -4.85 -53.33 -17.93
N GLN E 64 -5.82 -53.62 -18.80
CA GLN E 64 -6.41 -54.95 -18.84
C GLN E 64 -5.34 -56.00 -19.12
N GLU E 65 -4.40 -55.67 -19.98
CA GLU E 65 -3.37 -56.64 -20.37
C GLU E 65 -2.53 -57.06 -19.17
N ASN E 66 -2.24 -56.13 -18.28
CA ASN E 66 -1.49 -56.47 -17.09
C ASN E 66 -2.36 -57.32 -16.17
N PRO E 67 -1.80 -58.35 -15.54
CA PRO E 67 -2.58 -59.12 -14.57
C PRO E 67 -2.81 -58.33 -13.30
N LYS E 68 -1.90 -57.40 -13.00
CA LYS E 68 -1.95 -56.64 -11.76
C LYS E 68 -2.77 -55.37 -11.98
N GLY E 69 -4.03 -55.59 -12.37
CA GLY E 69 -5.01 -54.54 -12.45
C GLY E 69 -5.40 -53.99 -11.11
N LEU E 70 -4.85 -54.54 -10.04
CA LEU E 70 -4.93 -53.98 -8.71
C LEU E 70 -3.89 -52.90 -8.48
N ASP E 71 -3.01 -52.65 -9.45
CA ASP E 71 -2.05 -51.57 -9.30
C ASP E 71 -2.75 -50.22 -9.23
N THR E 72 -3.78 -50.02 -10.06
CA THR E 72 -4.58 -48.81 -9.96
C THR E 72 -5.23 -48.72 -8.59
N LEU E 73 -5.70 -49.86 -8.06
CA LEU E 73 -6.29 -49.85 -6.73
C LEU E 73 -5.28 -49.43 -5.68
N VAL E 74 -4.07 -50.00 -5.74
CA VAL E 74 -3.03 -49.68 -4.77
C VAL E 74 -2.68 -48.21 -4.84
N GLU E 75 -2.54 -47.69 -6.05
CA GLU E 75 -2.29 -46.26 -6.23
C GLU E 75 -3.43 -45.43 -5.68
N SER E 76 -4.66 -45.91 -5.84
CA SER E 76 -5.83 -45.15 -5.44
C SER E 76 -5.83 -44.83 -3.96
N ILE E 77 -5.33 -45.75 -3.13
CA ILE E 77 -5.22 -45.45 -1.71
C ILE E 77 -4.29 -44.27 -1.49
N ARG E 78 -3.20 -44.19 -2.25
CA ARG E 78 -2.39 -42.99 -2.23
C ARG E 78 -3.18 -41.83 -2.81
N ARG E 79 -2.88 -40.62 -2.33
CA ARG E 79 -3.70 -39.44 -2.58
C ARG E 79 -5.11 -39.66 -2.04
N GLU E 80 -5.17 -39.75 -0.72
CA GLU E 80 -6.39 -40.00 0.04
C GLU E 80 -7.41 -38.88 -0.10
N LYS E 81 -7.02 -37.70 -0.59
CA LYS E 81 -8.00 -36.64 -0.81
C LYS E 81 -9.12 -37.12 -1.73
N THR E 82 -8.76 -37.76 -2.84
CA THR E 82 -9.74 -38.33 -3.75
C THR E 82 -10.33 -39.63 -3.24
N GLN E 83 -9.80 -40.17 -2.15
CA GLN E 83 -10.18 -41.54 -1.80
C GLN E 83 -11.50 -41.57 -1.05
N ASN E 84 -11.97 -40.43 -0.56
CA ASN E 84 -13.25 -40.42 0.14
C ASN E 84 -14.34 -41.09 -0.70
N PHE E 85 -14.33 -40.83 -2.01
CA PHE E 85 -15.15 -41.54 -2.97
C PHE E 85 -14.39 -42.63 -3.73
N LEU E 86 -13.10 -42.48 -3.91
CA LEU E 86 -12.44 -43.45 -4.76
C LEU E 86 -12.28 -44.77 -4.00
N ILE E 87 -12.30 -44.72 -2.67
CA ILE E 87 -12.40 -45.93 -1.86
C ILE E 87 -13.79 -46.52 -1.97
N GLN E 88 -14.82 -45.68 -2.08
CA GLN E 88 -16.12 -46.20 -2.48
C GLN E 88 -15.97 -46.93 -3.81
N LYS E 89 -15.10 -46.43 -4.68
CA LYS E 89 -14.82 -47.11 -5.93
C LYS E 89 -14.03 -48.41 -5.72
N ILE E 90 -13.11 -48.43 -4.76
CA ILE E 90 -12.38 -49.67 -4.54
C ILE E 90 -13.31 -50.72 -3.93
N THR E 91 -14.27 -50.27 -3.12
CA THR E 91 -15.31 -51.18 -2.63
C THR E 91 -16.17 -51.67 -3.77
N ASP E 92 -16.53 -50.78 -4.70
CA ASP E 92 -17.28 -51.20 -5.87
C ASP E 92 -16.49 -52.20 -6.70
N GLU E 93 -15.19 -51.94 -6.85
CA GLU E 93 -14.30 -52.83 -7.58
C GLU E 93 -14.23 -54.20 -6.90
N VAL E 94 -14.08 -54.21 -5.59
CA VAL E 94 -14.00 -55.47 -4.85
C VAL E 94 -15.33 -56.20 -4.92
N LEU E 95 -16.44 -55.45 -4.93
CA LEU E 95 -17.74 -56.09 -5.05
C LEU E 95 -17.89 -56.76 -6.41
N LYS E 96 -17.51 -56.07 -7.48
CA LYS E 96 -17.57 -56.68 -8.80
C LYS E 96 -16.63 -57.88 -8.89
N LEU E 97 -15.43 -57.75 -8.33
CA LEU E 97 -14.49 -58.85 -8.34
C LEU E 97 -15.03 -60.04 -7.56
N ARG E 98 -15.70 -59.78 -6.44
CA ARG E 98 -16.29 -60.86 -5.66
C ARG E 98 -17.43 -61.52 -6.40
N ASN E 99 -18.26 -60.73 -7.08
CA ASN E 99 -19.33 -61.31 -7.87
C ASN E 99 -18.78 -62.22 -8.96
N ILE E 100 -17.76 -61.75 -9.67
CA ILE E 100 -17.18 -62.54 -10.74
C ILE E 100 -16.48 -63.77 -10.16
N LYS E 101 -15.87 -63.63 -8.98
CA LYS E 101 -15.24 -64.76 -8.32
C LYS E 101 -16.26 -65.82 -7.93
N LEU E 102 -17.41 -65.39 -7.41
CA LEU E 102 -18.48 -66.32 -7.08
C LEU E 102 -18.98 -67.03 -8.32
N GLU E 103 -19.09 -66.30 -9.43
CA GLU E 103 -19.43 -66.95 -10.70
C GLU E 103 -18.36 -67.96 -11.09
N HIS E 104 -17.09 -67.61 -10.86
CA HIS E 104 -15.98 -68.50 -11.22
C HIS E 104 -16.04 -69.79 -10.43
N LEU E 105 -16.38 -69.70 -9.14
CA LEU E 105 -16.51 -70.91 -8.33
C LEU E 105 -17.63 -71.80 -8.85
N LYS E 106 -18.75 -71.22 -9.23
CA LYS E 106 -19.97 -71.92 -9.69
C LYS E 106 -20.18 -73.28 -9.02
N GLU F 1 -31.61 41.55 11.46
CA GLU F 1 -31.45 40.44 10.54
C GLU F 1 -30.72 39.30 11.23
N GLU F 2 -30.30 39.53 12.47
CA GLU F 2 -29.53 38.58 13.27
C GLU F 2 -28.18 38.27 12.65
N ASP F 3 -27.77 39.05 11.65
CA ASP F 3 -26.45 38.93 11.06
C ASP F 3 -25.54 40.10 11.38
N LEU F 4 -26.10 41.17 11.96
CA LEU F 4 -25.27 42.28 12.41
C LEU F 4 -24.20 41.81 13.38
N THR F 5 -24.48 40.74 14.13
CA THR F 5 -23.46 40.13 14.96
C THR F 5 -22.27 39.70 14.11
N GLU F 6 -22.53 39.03 12.99
CA GLU F 6 -21.45 38.58 12.13
C GLU F 6 -20.69 39.75 11.53
N VAL F 7 -21.41 40.77 11.06
CA VAL F 7 -20.72 41.89 10.44
C VAL F 7 -19.94 42.69 11.47
N LYS F 8 -20.31 42.56 12.74
CA LYS F 8 -19.51 43.17 13.79
C LYS F 8 -18.09 42.61 13.79
N LYS F 9 -17.95 41.30 13.58
CA LYS F 9 -16.63 40.71 13.50
C LYS F 9 -15.83 41.30 12.34
N ASP F 10 -16.47 41.45 11.18
CA ASP F 10 -15.79 42.04 10.04
C ASP F 10 -15.36 43.47 10.34
N ALA F 11 -16.24 44.24 10.98
CA ALA F 11 -15.88 45.60 11.35
C ALA F 11 -14.70 45.61 12.31
N LEU F 12 -14.70 44.68 13.26
CA LEU F 12 -13.59 44.58 14.19
C LEU F 12 -12.29 44.28 13.47
N GLU F 13 -12.32 43.30 12.56
CA GLU F 13 -11.09 42.93 11.85
C GLU F 13 -10.59 44.09 10.99
N ASN F 14 -11.50 44.78 10.31
CA ASN F 14 -11.08 45.97 9.57
C ASN F 14 -10.51 47.02 10.50
N LEU F 15 -11.00 47.05 11.74
CA LEU F 15 -10.56 48.03 12.72
C LEU F 15 -9.46 47.49 13.63
N ARG F 16 -8.94 46.29 13.35
CA ARG F 16 -7.92 45.75 14.22
C ARG F 16 -6.61 46.51 14.14
N VAL F 17 -6.44 47.37 13.14
CA VAL F 17 -5.26 48.23 13.12
C VAL F 17 -5.26 49.15 14.32
N TYR F 18 -6.42 49.74 14.65
CA TYR F 18 -6.52 50.65 15.77
C TYR F 18 -6.38 49.95 17.12
N LEU F 19 -6.14 48.65 17.12
CA LEU F 19 -5.85 47.94 18.37
C LEU F 19 -4.69 48.58 19.11
N CYS F 20 -3.56 48.78 18.43
CA CYS F 20 -2.33 49.17 19.11
C CYS F 20 -2.51 50.44 19.92
N GLU F 21 -3.38 51.34 19.45
CA GLU F 21 -3.51 52.63 20.12
C GLU F 21 -4.17 52.49 21.48
N LYS F 22 -5.42 52.04 21.51
CA LYS F 22 -6.17 52.06 22.77
C LYS F 22 -6.71 50.70 23.19
N ILE F 23 -5.96 49.63 22.93
CA ILE F 23 -6.28 48.42 23.67
C ILE F 23 -5.08 48.13 24.57
N ILE F 24 -4.13 49.06 24.61
CA ILE F 24 -3.11 49.04 25.64
C ILE F 24 -3.76 49.02 27.02
N ALA F 25 -4.95 49.58 27.11
CA ALA F 25 -5.79 49.51 28.29
C ALA F 25 -6.56 48.21 28.38
N GLU F 26 -6.09 47.14 27.73
CA GLU F 26 -6.78 45.86 27.81
C GLU F 26 -7.01 45.41 29.25
N ARG F 27 -5.94 45.21 30.00
CA ARG F 27 -6.11 44.84 31.40
C ARG F 27 -6.77 45.96 32.18
N HIS F 28 -6.56 47.20 31.75
CA HIS F 28 -7.16 48.34 32.42
C HIS F 28 -8.68 48.35 32.32
N PHE F 29 -9.22 47.81 31.24
CA PHE F 29 -10.65 47.89 30.93
C PHE F 29 -11.35 46.55 31.02
N ASP F 30 -10.92 45.60 30.20
CA ASP F 30 -11.76 44.45 29.95
C ASP F 30 -11.60 43.41 31.04
N HIS F 31 -10.40 43.29 31.60
CA HIS F 31 -10.18 42.31 32.65
C HIS F 31 -11.06 42.60 33.85
N LEU F 32 -11.57 43.82 33.96
CA LEU F 32 -12.45 44.18 35.05
C LEU F 32 -13.90 44.38 34.63
N ARG F 33 -14.15 44.68 33.35
CA ARG F 33 -15.52 44.73 32.87
C ARG F 33 -15.98 43.48 32.17
N ALA F 34 -15.33 43.11 31.07
CA ALA F 34 -15.75 42.01 30.23
C ALA F 34 -15.58 40.67 30.90
N LYS F 35 -15.20 40.64 32.18
CA LYS F 35 -15.25 39.38 32.91
C LYS F 35 -16.68 38.90 33.03
N LYS F 36 -17.63 39.80 32.83
CA LYS F 36 -19.03 39.46 32.64
C LYS F 36 -19.23 38.52 31.45
N ILE F 37 -18.32 38.59 30.46
CA ILE F 37 -18.38 37.73 29.28
C ILE F 37 -17.10 36.93 29.11
N LEU F 38 -15.94 37.54 29.31
CA LEU F 38 -14.68 36.84 29.12
C LEU F 38 -14.45 35.82 30.22
N SER F 39 -13.79 34.72 29.87
CA SER F 39 -13.45 33.69 30.85
C SER F 39 -12.41 34.20 31.83
N ARG F 40 -12.51 33.74 33.08
CA ARG F 40 -11.58 34.19 34.11
C ARG F 40 -10.16 33.82 33.77
N GLU F 41 -9.93 32.57 33.39
CA GLU F 41 -8.58 32.16 33.00
C GLU F 41 -8.15 32.90 31.74
N ASP F 42 -9.11 33.26 30.90
CA ASP F 42 -8.77 33.93 29.65
C ASP F 42 -8.02 35.22 29.93
N THR F 43 -8.35 35.90 31.02
CA THR F 43 -7.56 37.06 31.42
C THR F 43 -6.12 36.66 31.68
N GLU F 44 -5.92 35.55 32.39
CA GLU F 44 -4.56 35.09 32.65
C GLU F 44 -3.86 34.70 31.36
N GLU F 45 -4.57 34.04 30.44
CA GLU F 45 -3.95 33.68 29.18
C GLU F 45 -3.55 34.92 28.40
N ILE F 46 -4.40 35.93 28.39
CA ILE F 46 -4.07 37.17 27.71
C ILE F 46 -2.84 37.81 28.31
N SER F 47 -2.81 37.90 29.64
CA SER F 47 -1.81 38.73 30.31
C SER F 47 -0.46 38.05 30.50
N CYS F 48 -0.46 36.77 30.83
CA CYS F 48 0.72 36.15 31.44
C CYS F 48 1.91 36.16 30.49
N GLN F 49 1.74 35.65 29.28
CA GLN F 49 2.84 35.48 28.35
C GLN F 49 2.49 36.11 27.01
N THR F 50 2.79 37.39 26.86
CA THR F 50 2.72 38.05 25.57
C THR F 50 3.60 39.31 25.66
N SER F 51 3.43 40.24 24.73
CA SER F 51 4.28 41.42 24.68
C SER F 51 3.43 42.69 24.51
N SER F 52 2.29 42.73 25.20
CA SER F 52 1.52 43.94 25.47
C SER F 52 0.87 44.56 24.23
N ARG F 53 1.15 44.06 23.03
CA ARG F 53 0.32 44.46 21.90
C ARG F 53 -0.39 43.25 21.33
N LYS F 54 0.39 42.22 21.01
CA LYS F 54 -0.16 40.94 20.61
C LYS F 54 -1.13 40.46 21.69
N ARG F 55 -0.85 40.89 22.93
CA ARG F 55 -1.77 40.63 24.04
C ARG F 55 -3.16 41.17 23.71
N ALA F 56 -3.21 42.42 23.27
CA ALA F 56 -4.49 42.99 22.84
C ALA F 56 -5.04 42.26 21.63
N GLY F 57 -4.15 41.74 20.78
CA GLY F 57 -4.62 40.97 19.64
C GLY F 57 -5.39 39.74 20.07
N LYS F 58 -4.84 39.00 21.03
CA LYS F 58 -5.54 37.84 21.54
C LYS F 58 -6.82 38.24 22.25
N LEU F 59 -6.80 39.39 22.93
CA LEU F 59 -8.03 39.89 23.52
C LEU F 59 -9.13 40.08 22.48
N LEU F 60 -8.83 40.79 21.41
CA LEU F 60 -9.82 41.00 20.36
C LEU F 60 -10.20 39.71 19.65
N ASP F 61 -9.27 38.77 19.52
CA ASP F 61 -9.62 37.47 18.95
C ASP F 61 -10.64 36.76 19.83
N TYR F 62 -10.47 36.82 21.15
CA TYR F 62 -11.50 36.28 22.03
C TYR F 62 -12.80 37.07 21.93
N LEU F 63 -12.71 38.36 21.66
CA LEU F 63 -13.89 39.20 21.54
C LEU F 63 -14.71 38.91 20.29
N GLN F 64 -14.06 38.58 19.17
CA GLN F 64 -14.78 38.37 17.93
C GLN F 64 -15.82 37.28 18.08
N GLU F 65 -15.49 36.23 18.82
CA GLU F 65 -16.39 35.10 18.98
C GLU F 65 -17.68 35.51 19.65
N ASN F 66 -17.60 36.41 20.62
CA ASN F 66 -18.81 36.88 21.26
C ASN F 66 -19.60 37.76 20.28
N PRO F 67 -20.93 37.64 20.26
CA PRO F 67 -21.70 38.54 19.41
C PRO F 67 -21.74 39.94 19.97
N LYS F 68 -21.59 40.07 21.28
CA LYS F 68 -21.69 41.35 21.95
C LYS F 68 -20.31 42.01 22.00
N GLY F 69 -19.77 42.23 20.81
CA GLY F 69 -18.55 42.99 20.65
C GLY F 69 -18.73 44.45 20.94
N LEU F 70 -19.94 44.85 21.29
CA LEU F 70 -20.23 46.16 21.84
C LEU F 70 -19.98 46.22 23.34
N ASP F 71 -19.60 45.10 23.95
CA ASP F 71 -19.27 45.13 25.37
C ASP F 71 -18.04 46.00 25.62
N THR F 72 -17.03 45.88 24.75
CA THR F 72 -15.89 46.77 24.86
C THR F 72 -16.32 48.22 24.70
N LEU F 73 -17.26 48.48 23.79
CA LEU F 73 -17.75 49.84 23.61
C LEU F 73 -18.42 50.34 24.87
N VAL F 74 -19.28 49.52 25.47
CA VAL F 74 -20.00 49.91 26.68
C VAL F 74 -19.02 50.19 27.80
N GLU F 75 -18.02 49.33 27.96
CA GLU F 75 -16.97 49.56 28.95
C GLU F 75 -16.20 50.84 28.66
N SER F 76 -15.99 51.13 27.38
CA SER F 76 -15.18 52.28 26.99
C SER F 76 -15.77 53.59 27.50
N ILE F 77 -17.09 53.69 27.55
CA ILE F 77 -17.70 54.88 28.11
C ILE F 77 -17.31 55.03 29.57
N ARG F 78 -17.28 53.91 30.31
CA ARG F 78 -16.73 53.96 31.66
C ARG F 78 -15.24 54.28 31.58
N ARG F 79 -14.73 54.93 32.63
CA ARG F 79 -13.40 55.53 32.62
C ARG F 79 -13.30 56.57 31.50
N GLU F 80 -14.08 57.63 31.69
CA GLU F 80 -14.18 58.73 30.75
C GLU F 80 -12.88 59.51 30.58
N LYS F 81 -11.91 59.33 31.47
CA LYS F 81 -10.62 59.98 31.27
C LYS F 81 -10.02 59.62 29.91
N THR F 82 -10.02 58.33 29.59
CA THR F 82 -9.56 57.87 28.29
C THR F 82 -10.56 58.12 27.18
N GLN F 83 -11.77 58.55 27.51
CA GLN F 83 -12.80 58.54 26.49
C GLN F 83 -12.73 59.78 25.61
N ASN F 84 -11.97 60.80 26.01
CA ASN F 84 -11.84 61.98 25.17
C ASN F 84 -11.44 61.59 23.74
N PHE F 85 -10.53 60.63 23.62
CA PHE F 85 -10.20 59.99 22.34
C PHE F 85 -10.88 58.65 22.14
N LEU F 86 -11.19 57.93 23.20
CA LEU F 86 -11.69 56.59 22.96
C LEU F 86 -13.15 56.67 22.49
N ILE F 87 -13.84 57.77 22.78
CA ILE F 87 -15.13 58.06 22.18
C ILE F 87 -14.95 58.44 20.72
N GLN F 88 -13.86 59.12 20.38
CA GLN F 88 -13.52 59.24 18.97
C GLN F 88 -13.38 57.85 18.37
N LYS F 89 -12.88 56.90 19.16
CA LYS F 89 -12.80 55.52 18.72
C LYS F 89 -14.17 54.87 18.62
N ILE F 90 -15.09 55.18 19.53
CA ILE F 90 -16.42 54.58 19.42
C ILE F 90 -17.14 55.16 18.22
N THR F 91 -16.89 56.43 17.91
CA THR F 91 -17.40 57.02 16.68
C THR F 91 -16.80 56.35 15.45
N ASP F 92 -15.49 56.07 15.49
CA ASP F 92 -14.86 55.34 14.41
C ASP F 92 -15.46 53.95 14.27
N GLU F 93 -15.69 53.29 15.40
CA GLU F 93 -16.30 51.98 15.42
C GLU F 93 -17.70 52.01 14.83
N VAL F 94 -18.49 53.00 15.22
CA VAL F 94 -19.86 53.12 14.70
C VAL F 94 -19.83 53.46 13.22
N LEU F 95 -18.84 54.23 12.79
CA LEU F 95 -18.72 54.54 11.37
C LEU F 95 -18.41 53.29 10.56
N LYS F 96 -17.46 52.48 11.04
CA LYS F 96 -17.16 51.23 10.34
C LYS F 96 -18.36 50.29 10.36
N LEU F 97 -19.05 50.22 11.49
CA LEU F 97 -20.23 49.38 11.59
C LEU F 97 -21.31 49.85 10.63
N ARG F 98 -21.48 51.17 10.52
CA ARG F 98 -22.48 51.71 9.59
C ARG F 98 -22.10 51.43 8.15
N ASN F 99 -20.81 51.56 7.82
CA ASN F 99 -20.38 51.23 6.46
C ASN F 99 -20.67 49.77 6.14
N ILE F 100 -20.33 48.87 7.06
CA ILE F 100 -20.55 47.46 6.81
C ILE F 100 -22.06 47.17 6.77
N LYS F 101 -22.84 47.88 7.58
CA LYS F 101 -24.28 47.71 7.56
C LYS F 101 -24.87 48.15 6.23
N LEU F 102 -24.39 49.28 5.70
CA LEU F 102 -24.84 49.74 4.39
C LEU F 102 -24.48 48.72 3.31
N GLU F 103 -23.28 48.14 3.41
CA GLU F 103 -22.93 47.06 2.49
C GLU F 103 -23.88 45.88 2.65
N HIS F 104 -24.25 45.56 3.89
CA HIS F 104 -25.14 44.44 4.17
C HIS F 104 -26.52 44.66 3.54
N LEU F 105 -27.02 45.89 3.61
CA LEU F 105 -28.30 46.20 2.98
C LEU F 105 -28.24 46.00 1.47
N LYS F 106 -27.14 46.43 0.84
CA LYS F 106 -26.92 46.41 -0.62
C LYS F 106 -28.20 46.58 -1.43
N GLU G 1 -6.99 -3.87 50.14
CA GLU G 1 -7.14 -4.69 48.95
C GLU G 1 -6.08 -4.32 47.91
N GLU G 2 -5.28 -3.31 48.23
CA GLU G 2 -4.25 -2.78 47.36
C GLU G 2 -4.83 -2.19 46.07
N ASP G 3 -6.14 -2.01 46.02
CA ASP G 3 -6.80 -1.36 44.90
C ASP G 3 -7.36 0.00 45.27
N LEU G 4 -7.38 0.35 46.56
CA LEU G 4 -7.78 1.69 46.95
C LEU G 4 -6.93 2.75 46.28
N THR G 5 -5.68 2.41 45.96
CA THR G 5 -4.85 3.30 45.16
C THR G 5 -5.52 3.60 43.82
N GLU G 6 -6.01 2.57 43.16
CA GLU G 6 -6.66 2.76 41.86
C GLU G 6 -7.94 3.58 42.00
N VAL G 7 -8.75 3.28 43.02
CA VAL G 7 -10.00 4.00 43.15
C VAL G 7 -9.75 5.43 43.57
N LYS G 8 -8.57 5.71 44.13
CA LYS G 8 -8.21 7.09 44.41
C LYS G 8 -8.15 7.90 43.12
N LYS G 9 -7.64 7.31 42.04
CA LYS G 9 -7.61 8.02 40.77
C LYS G 9 -9.03 8.31 40.28
N ASP G 10 -9.93 7.35 40.42
CA ASP G 10 -11.31 7.59 40.01
C ASP G 10 -11.94 8.70 40.84
N ALA G 11 -11.69 8.69 42.15
CA ALA G 11 -12.21 9.75 43.00
C ALA G 11 -11.65 11.10 42.58
N LEU G 12 -10.37 11.14 42.26
CA LEU G 12 -9.75 12.38 41.79
C LEU G 12 -10.42 12.88 40.52
N GLU G 13 -10.60 11.99 39.54
CA GLU G 13 -11.20 12.39 38.28
C GLU G 13 -12.63 12.89 38.49
N ASN G 14 -13.40 12.19 39.31
CA ASN G 14 -14.74 12.68 39.63
C ASN G 14 -14.67 14.03 40.32
N LEU G 15 -13.59 14.27 41.06
CA LEU G 15 -13.42 15.51 41.79
C LEU G 15 -12.58 16.53 41.03
N ARG G 16 -12.24 16.25 39.78
CA ARG G 16 -11.42 17.19 39.04
C ARG G 16 -12.16 18.48 38.72
N VAL G 17 -13.47 18.52 38.88
CA VAL G 17 -14.17 19.79 38.73
C VAL G 17 -13.72 20.77 39.78
N TYR G 18 -13.57 20.32 41.02
CA TYR G 18 -13.14 21.20 42.10
C TYR G 18 -11.69 21.63 41.98
N LEU G 19 -10.99 21.22 40.91
CA LEU G 19 -9.65 21.72 40.66
C LEU G 19 -9.61 23.25 40.63
N CYS G 20 -10.48 23.86 39.82
CA CYS G 20 -10.38 25.29 39.54
C CYS G 20 -10.39 26.10 40.82
N GLU G 21 -11.11 25.64 41.84
CA GLU G 21 -11.25 26.44 43.05
C GLU G 21 -9.95 26.53 43.82
N LYS G 22 -9.44 25.40 44.30
CA LYS G 22 -8.31 25.45 45.21
C LYS G 22 -7.11 24.63 44.74
N ILE G 23 -6.86 24.58 43.44
CA ILE G 23 -5.53 24.15 43.03
C ILE G 23 -4.86 25.36 42.38
N ILE G 24 -5.52 26.51 42.45
CA ILE G 24 -4.86 27.77 42.12
C ILE G 24 -3.61 27.93 42.98
N ALA G 25 -3.63 27.33 44.16
CA ALA G 25 -2.48 27.23 45.03
C ALA G 25 -1.54 26.09 44.64
N GLU G 26 -1.56 25.66 43.39
CA GLU G 26 -0.66 24.59 42.95
C GLU G 26 0.79 24.92 43.26
N ARG G 27 1.32 25.99 42.69
CA ARG G 27 2.69 26.36 43.00
C ARG G 27 2.83 26.74 44.47
N HIS G 28 1.76 27.26 45.07
CA HIS G 28 1.78 27.64 46.47
C HIS G 28 1.96 26.46 47.39
N PHE G 29 1.49 25.28 47.00
CA PHE G 29 1.46 24.10 47.86
C PHE G 29 2.40 23.01 47.39
N ASP G 30 2.18 22.51 46.18
CA ASP G 30 2.77 21.23 45.81
C ASP G 30 4.20 21.41 45.35
N HIS G 31 4.50 22.53 44.70
CA HIS G 31 5.86 22.76 44.23
C HIS G 31 6.84 22.80 45.39
N LEU G 32 6.33 23.01 46.60
CA LEU G 32 7.20 23.03 47.77
C LEU G 32 7.00 21.83 48.69
N ARG G 33 5.84 21.17 48.64
CA ARG G 33 5.67 19.93 49.37
C ARG G 33 5.89 18.69 48.54
N ALA G 34 5.08 18.48 47.51
CA ALA G 34 5.09 17.26 46.74
C ALA G 34 6.34 17.11 45.90
N LYS G 35 7.32 18.00 46.06
CA LYS G 35 8.62 17.75 45.46
C LYS G 35 9.26 16.50 46.07
N LYS G 36 8.76 16.10 47.24
CA LYS G 36 9.06 14.80 47.82
C LYS G 36 8.65 13.66 46.89
N ILE G 37 7.63 13.90 46.05
CA ILE G 37 7.16 12.90 45.08
C ILE G 37 7.25 13.42 43.65
N LEU G 38 6.85 14.67 43.41
CA LEU G 38 6.85 15.21 42.06
C LEU G 38 8.28 15.46 41.57
N SER G 39 8.47 15.29 40.27
CA SER G 39 9.77 15.55 39.67
C SER G 39 10.10 17.04 39.70
N ARG G 40 11.38 17.35 39.85
CA ARG G 40 11.81 18.74 39.93
C ARG G 40 11.46 19.48 38.65
N GLU G 41 11.82 18.91 37.50
CA GLU G 41 11.47 19.55 36.24
C GLU G 41 9.97 19.61 36.06
N ASP G 42 9.26 18.64 36.64
CA ASP G 42 7.81 18.61 36.47
C ASP G 42 7.18 19.89 37.00
N THR G 43 7.76 20.47 38.05
CA THR G 43 7.29 21.77 38.49
C THR G 43 7.46 22.81 37.39
N GLU G 44 8.61 22.80 36.72
CA GLU G 44 8.83 23.73 35.63
C GLU G 44 7.86 23.47 34.48
N GLU G 45 7.63 22.20 34.16
CA GLU G 45 6.68 21.90 33.09
C GLU G 45 5.29 22.40 33.44
N ILE G 46 4.88 22.20 34.70
CA ILE G 46 3.56 22.68 35.12
C ILE G 46 3.49 24.19 34.99
N SER G 47 4.51 24.89 35.49
CA SER G 47 4.39 26.33 35.66
C SER G 47 4.68 27.13 34.40
N CYS G 48 5.67 26.71 33.61
CA CYS G 48 6.28 27.62 32.64
C CYS G 48 5.29 28.06 31.58
N GLN G 49 4.62 27.13 30.92
CA GLN G 49 3.76 27.44 29.79
C GLN G 49 2.39 26.81 30.00
N THR G 50 1.50 27.55 30.66
CA THR G 50 0.10 27.17 30.74
C THR G 50 -0.69 28.44 31.09
N SER G 51 -1.92 28.29 31.53
CA SER G 51 -2.78 29.44 31.82
C SER G 51 -3.46 29.30 33.18
N SER G 52 -2.72 28.78 34.16
CA SER G 52 -3.03 28.87 35.58
C SER G 52 -4.25 28.07 36.01
N ARG G 53 -5.00 27.48 35.08
CA ARG G 53 -6.00 26.49 35.50
C ARG G 53 -5.66 25.14 34.91
N LYS G 54 -5.48 25.10 33.60
CA LYS G 54 -4.99 23.92 32.92
C LYS G 54 -3.68 23.50 33.56
N ARG G 55 -2.96 24.48 34.10
CA ARG G 55 -1.75 24.20 34.86
C ARG G 55 -2.06 23.26 36.01
N ALA G 56 -3.10 23.56 36.77
CA ALA G 56 -3.53 22.66 37.83
C ALA G 56 -4.00 21.34 37.27
N GLY G 57 -4.57 21.36 36.06
CA GLY G 57 -4.98 20.12 35.43
C GLY G 57 -3.81 19.19 35.20
N LYS G 58 -2.73 19.73 34.65
CA LYS G 58 -1.53 18.93 34.45
C LYS G 58 -0.95 18.48 35.78
N LEU G 59 -1.04 19.33 36.80
CA LEU G 59 -0.60 18.91 38.13
C LEU G 59 -1.35 17.68 38.60
N LEU G 60 -2.68 17.71 38.55
CA LEU G 60 -3.45 16.55 38.98
C LEU G 60 -3.25 15.35 38.07
N ASP G 61 -3.00 15.57 36.78
CA ASP G 61 -2.68 14.44 35.91
C ASP G 61 -1.39 13.77 36.34
N TYR G 62 -0.38 14.55 36.72
CA TYR G 62 0.82 13.97 37.29
C TYR G 62 0.55 13.29 38.63
N LEU G 63 -0.41 13.81 39.39
CA LEU G 63 -0.75 13.24 40.68
C LEU G 63 -1.46 11.90 40.58
N GLN G 64 -2.31 11.70 39.56
CA GLN G 64 -3.06 10.47 39.45
C GLN G 64 -2.14 9.26 39.39
N GLU G 65 -1.02 9.41 38.70
CA GLU G 65 -0.10 8.29 38.53
C GLU G 65 0.45 7.82 39.86
N ASN G 66 0.73 8.74 40.76
CA ASN G 66 1.20 8.35 42.07
C ASN G 66 0.07 7.69 42.85
N PRO G 67 0.37 6.63 43.59
CA PRO G 67 -0.68 6.03 44.44
C PRO G 67 -0.99 6.91 45.62
N LYS G 68 -0.03 7.71 46.06
CA LYS G 68 -0.17 8.53 47.24
C LYS G 68 -0.75 9.89 46.85
N GLY G 69 -1.95 9.82 46.25
CA GLY G 69 -2.73 11.01 45.97
C GLY G 69 -3.26 11.68 47.20
N LEU G 70 -2.98 11.11 48.36
CA LEU G 70 -3.21 11.74 49.66
C LEU G 70 -2.07 12.67 50.03
N ASP G 71 -1.01 12.76 49.21
CA ASP G 71 0.06 13.70 49.51
C ASP G 71 -0.45 15.13 49.42
N THR G 72 -1.27 15.42 48.41
CA THR G 72 -1.89 16.74 48.34
C THR G 72 -2.74 16.99 49.58
N LEU G 73 -3.45 15.97 50.04
CA LEU G 73 -4.26 16.12 51.25
C LEU G 73 -3.38 16.45 52.44
N VAL G 74 -2.29 15.72 52.61
CA VAL G 74 -1.40 15.93 53.74
C VAL G 74 -0.82 17.33 53.70
N GLU G 75 -0.40 17.77 52.51
CA GLU G 75 0.09 19.13 52.35
C GLU G 75 -1.00 20.16 52.66
N SER G 76 -2.24 19.83 52.31
CA SER G 76 -3.34 20.77 52.47
C SER G 76 -3.54 21.16 53.92
N ILE G 77 -3.33 20.24 54.84
CA ILE G 77 -3.41 20.59 56.26
C ILE G 77 -2.37 21.64 56.60
N ARG G 78 -1.18 21.52 56.05
CA ARG G 78 -0.20 22.60 56.18
C ARG G 78 -0.71 23.83 55.44
N ARG G 79 -0.32 25.00 55.93
CA ARG G 79 -0.90 26.27 55.50
C ARG G 79 -2.40 26.28 55.79
N GLU G 80 -2.69 26.26 57.09
CA GLU G 80 -4.05 26.24 57.61
C GLU G 80 -4.86 27.48 57.28
N LYS G 81 -4.22 28.56 56.83
CA LYS G 81 -4.98 29.73 56.41
C LYS G 81 -5.98 29.37 55.32
N THR G 82 -5.54 28.63 54.31
CA THR G 82 -6.43 28.16 53.26
C THR G 82 -7.28 26.98 53.70
N GLN G 83 -7.02 26.42 54.87
CA GLN G 83 -7.66 25.14 55.19
C GLN G 83 -9.07 25.35 55.69
N ASN G 84 -9.45 26.57 56.08
CA ASN G 84 -10.82 26.80 56.53
C ASN G 84 -11.82 26.24 55.53
N PHE G 85 -11.56 26.42 54.24
CA PHE G 85 -12.31 25.77 53.17
C PHE G 85 -11.60 24.56 52.59
N LEU G 86 -10.28 24.51 52.63
CA LEU G 86 -9.64 23.42 51.93
C LEU G 86 -9.80 22.13 52.74
N ILE G 87 -10.04 22.25 54.05
CA ILE G 87 -10.46 21.11 54.86
C ILE G 87 -11.88 20.72 54.52
N GLN G 88 -12.74 21.70 54.21
CA GLN G 88 -14.01 21.33 53.60
C GLN G 88 -13.76 20.52 52.34
N LYS G 89 -12.68 20.84 51.63
CA LYS G 89 -12.29 20.07 50.45
C LYS G 89 -11.76 18.70 50.84
N ILE G 90 -11.03 18.59 51.94
CA ILE G 90 -10.54 17.26 52.33
C ILE G 90 -11.70 16.40 52.79
N THR G 91 -12.71 17.01 53.41
CA THR G 91 -13.94 16.30 53.73
C THR G 91 -14.66 15.87 52.46
N ASP G 92 -14.72 16.75 51.47
CA ASP G 92 -15.31 16.38 50.19
C ASP G 92 -14.54 15.23 49.55
N GLU G 93 -13.22 15.30 49.62
CA GLU G 93 -12.36 14.25 49.09
C GLU G 93 -12.61 12.94 49.80
N VAL G 94 -12.68 12.97 51.12
CA VAL G 94 -12.92 11.75 51.89
C VAL G 94 -14.31 11.21 51.61
N LEU G 95 -15.28 12.10 51.39
CA LEU G 95 -16.63 11.65 51.05
C LEU G 95 -16.64 10.94 49.71
N LYS G 96 -15.98 11.51 48.71
CA LYS G 96 -15.90 10.84 47.41
C LYS G 96 -15.15 9.52 47.53
N LEU G 97 -14.07 9.51 48.28
CA LEU G 97 -13.30 8.29 48.47
C LEU G 97 -14.14 7.23 49.16
N ARG G 98 -14.94 7.64 50.15
CA ARG G 98 -15.81 6.71 50.85
C ARG G 98 -16.89 6.17 49.94
N ASN G 99 -17.46 7.03 49.09
CA ASN G 99 -18.47 6.56 48.14
C ASN G 99 -17.87 5.53 47.20
N ILE G 100 -16.69 5.82 46.66
CA ILE G 100 -16.06 4.89 45.74
C ILE G 100 -15.66 3.61 46.46
N LYS G 101 -15.25 3.73 47.72
CA LYS G 101 -14.91 2.56 48.51
C LYS G 101 -16.13 1.68 48.74
N LEU G 102 -17.27 2.29 49.05
CA LEU G 102 -18.50 1.53 49.22
C LEU G 102 -18.88 0.84 47.92
N GLU G 103 -18.70 1.52 46.79
CA GLU G 103 -18.91 0.86 45.51
C GLU G 103 -17.95 -0.32 45.33
N HIS G 104 -16.70 -0.14 45.76
CA HIS G 104 -15.69 -1.18 45.63
C HIS G 104 -16.07 -2.42 46.44
N LEU G 105 -16.60 -2.22 47.64
CA LEU G 105 -17.05 -3.34 48.45
C LEU G 105 -18.18 -4.11 47.77
N LYS G 106 -19.13 -3.38 47.17
CA LYS G 106 -20.34 -3.93 46.53
C LYS G 106 -20.86 -5.21 47.18
N GLU H 1 -0.29 43.04 -17.54
CA GLU H 1 -0.34 41.77 -18.25
C GLU H 1 -1.03 40.70 -17.41
N GLU H 2 -1.39 41.08 -16.18
CA GLU H 2 -2.01 40.19 -15.20
C GLU H 2 -1.09 39.04 -14.82
N ASP H 3 0.19 39.11 -15.19
CA ASP H 3 1.18 38.14 -14.78
C ASP H 3 2.18 38.71 -13.80
N LEU H 4 2.18 40.03 -13.60
CA LEU H 4 3.04 40.62 -12.57
C LEU H 4 2.76 40.00 -11.21
N THR H 5 1.53 39.54 -10.98
CA THR H 5 1.23 38.79 -9.76
C THR H 5 2.13 37.57 -9.66
N GLU H 6 2.24 36.82 -10.76
CA GLU H 6 3.06 35.61 -10.75
C GLU H 6 4.53 35.95 -10.54
N VAL H 7 5.03 36.98 -11.21
CA VAL H 7 6.44 37.31 -11.09
C VAL H 7 6.73 37.87 -9.71
N LYS H 8 5.71 38.36 -9.02
CA LYS H 8 5.89 38.77 -7.64
C LYS H 8 6.32 37.60 -6.78
N LYS H 9 5.75 36.41 -7.03
CA LYS H 9 6.17 35.23 -6.28
C LYS H 9 7.62 34.89 -6.54
N ASP H 10 8.05 34.99 -7.80
CA ASP H 10 9.45 34.72 -8.12
C ASP H 10 10.36 35.73 -7.43
N ALA H 11 9.97 37.00 -7.44
CA ALA H 11 10.77 38.02 -6.75
C ALA H 11 10.84 37.72 -5.26
N LEU H 12 9.73 37.30 -4.68
CA LEU H 12 9.73 36.94 -3.27
C LEU H 12 10.68 35.78 -3.00
N GLU H 13 10.61 34.73 -3.81
CA GLU H 13 11.47 33.58 -3.58
C GLU H 13 12.94 33.95 -3.72
N ASN H 14 13.27 34.74 -4.75
CA ASN H 14 14.64 35.23 -4.87
C ASN H 14 15.03 36.07 -3.68
N LEU H 15 14.06 36.74 -3.06
CA LEU H 15 14.31 37.60 -1.93
C LEU H 15 14.05 36.90 -0.59
N ARG H 16 13.78 35.60 -0.62
CA ARG H 16 13.50 34.91 0.63
C ARG H 16 14.72 34.81 1.53
N VAL H 17 15.92 35.07 1.01
CA VAL H 17 17.08 35.13 1.89
C VAL H 17 16.93 36.25 2.89
N TYR H 18 16.45 37.43 2.45
CA TYR H 18 16.29 38.56 3.34
C TYR H 18 15.16 38.38 4.34
N LEU H 19 14.49 37.22 4.33
CA LEU H 19 13.50 36.91 5.35
C LEU H 19 14.08 37.05 6.75
N CYS H 20 15.22 36.40 7.01
CA CYS H 20 15.73 36.29 8.38
C CYS H 20 15.91 37.65 9.02
N GLU H 21 16.26 38.66 8.23
CA GLU H 21 16.56 39.97 8.80
C GLU H 21 15.31 40.64 9.36
N LYS H 22 14.35 40.94 8.50
CA LYS H 22 13.22 41.76 8.94
C LYS H 22 11.86 41.09 8.73
N ILE H 23 11.77 39.78 8.88
CA ILE H 23 10.45 39.22 9.07
C ILE H 23 10.40 38.67 10.49
N ILE H 24 11.45 38.92 11.26
CA ILE H 24 11.39 38.71 12.70
C ILE H 24 10.22 39.47 13.29
N ALA H 25 9.85 40.57 12.65
CA ALA H 25 8.65 41.33 12.97
C ALA H 25 7.40 40.73 12.34
N GLU H 26 7.39 39.43 12.04
CA GLU H 26 6.21 38.80 11.47
C GLU H 26 4.98 39.03 12.34
N ARG H 27 5.00 38.56 13.58
CA ARG H 27 3.86 38.80 14.45
C ARG H 27 3.70 40.29 14.74
N HIS H 28 4.82 41.02 14.74
CA HIS H 28 4.78 42.46 14.98
C HIS H 28 4.03 43.21 13.90
N PHE H 29 4.03 42.73 12.67
CA PHE H 29 3.48 43.43 11.52
C PHE H 29 2.25 42.76 10.95
N ASP H 30 2.40 41.52 10.50
CA ASP H 30 1.40 40.96 9.61
C ASP H 30 0.22 40.41 10.39
N HIS H 31 0.48 39.88 11.58
CA HIS H 31 -0.61 39.33 12.38
C HIS H 31 -1.62 40.41 12.74
N LEU H 32 -1.22 41.67 12.63
CA LEU H 32 -2.14 42.76 12.92
C LEU H 32 -2.55 43.54 11.67
N ARG H 33 -1.76 43.50 10.60
CA ARG H 33 -2.19 44.10 9.34
C ARG H 33 -2.79 43.12 8.35
N ALA H 34 -2.01 42.13 7.93
CA ALA H 34 -2.40 41.22 6.88
C ALA H 34 -3.51 40.28 7.31
N LYS H 35 -4.06 40.47 8.51
CA LYS H 35 -5.28 39.73 8.87
C LYS H 35 -6.42 40.14 7.95
N LYS H 36 -6.27 41.29 7.29
CA LYS H 36 -7.13 41.69 6.18
C LYS H 36 -7.10 40.66 5.05
N ILE H 37 -5.99 39.93 4.92
CA ILE H 37 -5.83 38.89 3.89
C ILE H 37 -5.53 37.53 4.51
N LEU H 38 -4.64 37.48 5.49
CA LEU H 38 -4.27 36.21 6.09
C LEU H 38 -5.40 35.64 6.93
N SER H 39 -5.49 34.32 6.96
CA SER H 39 -6.49 33.64 7.78
C SER H 39 -6.20 33.83 9.26
N ARG H 40 -7.26 33.91 10.06
CA ARG H 40 -7.09 34.13 11.50
C ARG H 40 -6.33 32.97 12.12
N GLU H 41 -6.74 31.73 11.83
CA GLU H 41 -6.02 30.59 12.38
C GLU H 41 -4.61 30.54 11.83
N ASP H 42 -4.42 31.06 10.61
CA ASP H 42 -3.10 31.01 10.01
C ASP H 42 -2.08 31.72 10.87
N THR H 43 -2.50 32.80 11.54
CA THR H 43 -1.60 33.43 12.51
C THR H 43 -1.21 32.44 13.60
N GLU H 44 -2.19 31.69 14.12
CA GLU H 44 -1.88 30.70 15.14
C GLU H 44 -0.96 29.61 14.59
N GLU H 45 -1.22 29.16 13.36
CA GLU H 45 -0.34 28.14 12.79
C GLU H 45 1.08 28.66 12.63
N ILE H 46 1.22 29.90 12.20
CA ILE H 46 2.55 30.49 12.06
C ILE H 46 3.24 30.55 13.41
N SER H 47 2.54 31.03 14.43
CA SER H 47 3.20 31.40 15.68
C SER H 47 3.40 30.22 16.62
N CYS H 48 2.43 29.30 16.71
CA CYS H 48 2.35 28.40 17.85
C CYS H 48 3.56 27.48 17.93
N GLN H 49 3.89 26.78 16.86
CA GLN H 49 4.92 25.76 16.88
C GLN H 49 5.89 26.01 15.72
N THR H 50 6.91 26.82 15.98
CA THR H 50 8.03 26.96 15.06
C THR H 50 9.20 27.52 15.86
N SER H 51 10.22 28.04 15.19
CA SER H 51 11.42 28.53 15.86
C SER H 51 11.81 29.92 15.34
N SER H 52 10.81 30.76 15.10
CA SER H 52 10.96 32.21 14.96
C SER H 52 11.69 32.63 13.69
N ARG H 53 12.26 31.71 12.92
CA ARG H 53 12.72 32.10 11.59
C ARG H 53 11.94 31.32 10.53
N LYS H 54 11.93 30.00 10.67
CA LYS H 54 11.08 29.14 9.85
C LYS H 54 9.65 29.62 9.96
N ARG H 55 9.32 30.21 11.11
CA ARG H 55 8.02 30.84 11.30
C ARG H 55 7.79 31.88 10.22
N ALA H 56 8.76 32.76 10.01
CA ALA H 56 8.66 33.74 8.93
C ALA H 56 8.63 33.06 7.58
N GLY H 57 9.30 31.92 7.46
CA GLY H 57 9.26 31.19 6.20
C GLY H 57 7.84 30.74 5.86
N LYS H 58 7.15 30.18 6.83
CA LYS H 58 5.76 29.79 6.62
C LYS H 58 4.89 31.00 6.34
N LEU H 59 5.20 32.12 7.01
CA LEU H 59 4.47 33.35 6.70
C LEU H 59 4.60 33.73 5.24
N LEU H 60 5.82 33.78 4.73
CA LEU H 60 6.01 34.13 3.33
C LEU H 60 5.46 33.09 2.39
N ASP H 61 5.47 31.81 2.78
CA ASP H 61 4.83 30.79 1.96
C ASP H 61 3.34 31.04 1.85
N TYR H 62 2.69 31.42 2.94
CA TYR H 62 1.29 31.82 2.85
C TYR H 62 1.11 33.08 2.03
N LEU H 63 2.10 33.97 2.05
CA LEU H 63 2.03 35.21 1.29
C LEU H 63 2.15 35.01 -0.21
N GLN H 64 2.96 34.05 -0.65
CA GLN H 64 3.17 33.86 -2.09
C GLN H 64 1.86 33.57 -2.80
N GLU H 65 0.98 32.81 -2.15
CA GLU H 65 -0.29 32.44 -2.78
C GLU H 65 -1.14 33.66 -3.08
N ASN H 66 -1.13 34.64 -2.19
CA ASN H 66 -1.87 35.85 -2.45
C ASN H 66 -1.21 36.63 -3.58
N PRO H 67 -1.98 37.23 -4.48
CA PRO H 67 -1.38 38.06 -5.52
C PRO H 67 -0.88 39.37 -4.94
N LYS H 68 -1.49 39.81 -3.85
CA LYS H 68 -1.18 41.10 -3.25
C LYS H 68 -0.06 40.92 -2.22
N GLY H 69 1.07 40.42 -2.73
CA GLY H 69 2.28 40.34 -1.95
C GLY H 69 2.89 41.69 -1.65
N LEU H 70 2.27 42.75 -2.15
CA LEU H 70 2.57 44.11 -1.75
C LEU H 70 1.86 44.51 -0.47
N ASP H 71 1.04 43.62 0.09
CA ASP H 71 0.41 43.95 1.37
C ASP H 71 1.44 44.07 2.47
N THR H 72 2.43 43.17 2.47
CA THR H 72 3.53 43.30 3.42
C THR H 72 4.25 44.63 3.21
N LEU H 73 4.43 45.03 1.95
CA LEU H 73 5.08 46.29 1.66
C LEU H 73 4.27 47.45 2.23
N VAL H 74 2.96 47.44 2.00
CA VAL H 74 2.10 48.51 2.48
C VAL H 74 2.14 48.59 4.00
N GLU H 75 2.08 47.44 4.65
CA GLU H 75 2.20 47.40 6.10
C GLU H 75 3.56 47.92 6.55
N SER H 76 4.60 47.63 5.79
CA SER H 76 5.96 47.99 6.18
C SER H 76 6.12 49.48 6.34
N ILE H 77 5.44 50.27 5.52
CA ILE H 77 5.49 51.72 5.69
C ILE H 77 4.93 52.09 7.05
N ARG H 78 3.86 51.44 7.48
CA ARG H 78 3.39 51.62 8.84
C ARG H 78 4.42 51.08 9.81
N ARG H 79 4.49 51.67 11.00
CA ARG H 79 5.58 51.45 11.95
C ARG H 79 6.91 51.86 11.32
N GLU H 80 7.00 53.16 11.09
CA GLU H 80 8.16 53.78 10.46
C GLU H 80 9.43 53.66 11.28
N LYS H 81 9.34 53.29 12.56
CA LYS H 81 10.54 53.09 13.35
C LYS H 81 11.44 52.04 12.69
N THR H 82 10.87 50.92 12.29
CA THR H 82 11.61 49.89 11.57
C THR H 82 11.87 50.25 10.12
N GLN H 83 11.27 51.34 9.61
CA GLN H 83 11.29 51.54 8.18
C GLN H 83 12.61 52.18 7.74
N ASN H 84 13.39 52.72 8.67
CA ASN H 84 14.67 53.31 8.27
C ASN H 84 15.48 52.34 7.43
N PHE H 85 15.48 51.06 7.81
CA PHE H 85 16.03 49.99 7.00
C PHE H 85 14.96 49.21 6.24
N LEU H 86 13.74 49.14 6.73
CA LEU H 86 12.80 48.28 6.04
C LEU H 86 12.34 48.93 4.74
N ILE H 87 12.45 50.26 4.66
CA ILE H 87 12.27 50.96 3.39
C ILE H 87 13.45 50.70 2.47
N GLN H 88 14.65 50.57 3.03
CA GLN H 88 15.74 50.03 2.23
C GLN H 88 15.33 48.66 1.69
N LYS H 89 14.58 47.90 2.48
CA LYS H 89 14.05 46.63 2.02
C LYS H 89 12.98 46.79 0.96
N ILE H 90 12.12 47.82 1.08
CA ILE H 90 11.11 48.00 0.06
C ILE H 90 11.76 48.45 -1.24
N THR H 91 12.85 49.22 -1.15
CA THR H 91 13.64 49.55 -2.33
C THR H 91 14.28 48.30 -2.92
N ASP H 92 14.81 47.43 -2.07
CA ASP H 92 15.35 46.17 -2.55
C ASP H 92 14.28 45.33 -3.23
N GLU H 93 13.09 45.30 -2.63
CA GLU H 93 11.96 44.58 -3.19
C GLU H 93 11.56 45.14 -4.54
N VAL H 94 11.49 46.47 -4.64
CA VAL H 94 11.12 47.11 -5.90
C VAL H 94 12.21 46.87 -6.94
N LEU H 95 13.48 46.84 -6.51
CA LEU H 95 14.55 46.56 -7.44
C LEU H 95 14.45 45.15 -8.00
N LYS H 96 14.20 44.17 -7.14
CA LYS H 96 14.02 42.80 -7.61
C LYS H 96 12.80 42.69 -8.51
N LEU H 97 11.71 43.36 -8.13
CA LEU H 97 10.50 43.34 -8.94
C LEU H 97 10.77 43.96 -10.31
N ARG H 98 11.53 45.06 -10.33
CA ARG H 98 11.86 45.70 -11.60
C ARG H 98 12.74 44.83 -12.46
N ASN H 99 13.71 44.14 -11.85
CA ASN H 99 14.54 43.22 -12.61
C ASN H 99 13.71 42.12 -13.23
N ILE H 100 12.82 41.53 -12.44
CA ILE H 100 11.98 40.45 -12.96
C ILE H 100 11.02 40.98 -14.01
N LYS H 101 10.54 42.21 -13.83
CA LYS H 101 9.66 42.83 -14.82
C LYS H 101 10.40 43.05 -16.13
N LEU H 102 11.65 43.52 -16.07
CA LEU H 102 12.44 43.69 -17.28
C LEU H 102 12.67 42.35 -17.96
N GLU H 103 12.91 41.30 -17.19
CA GLU H 103 12.99 39.97 -17.78
C GLU H 103 11.67 39.58 -18.43
N HIS H 104 10.55 39.93 -17.80
CA HIS H 104 9.24 39.59 -18.32
C HIS H 104 8.99 40.28 -19.65
N LEU H 105 9.41 41.53 -19.79
CA LEU H 105 9.26 42.23 -21.05
C LEU H 105 10.07 41.56 -22.16
N LYS H 106 11.30 41.13 -21.84
CA LYS H 106 12.25 40.53 -22.78
C LYS H 106 12.13 41.06 -24.22
N GLU I 1 -36.89 6.75 20.96
CA GLU I 1 -36.74 5.82 19.85
C GLU I 1 -35.35 5.22 19.84
N GLU I 2 -34.51 5.69 20.75
CA GLU I 2 -33.09 5.30 20.86
C GLU I 2 -32.30 5.66 19.61
N ASP I 3 -32.87 6.48 18.74
CA ASP I 3 -32.17 6.99 17.58
C ASP I 3 -31.87 8.48 17.68
N LEU I 4 -32.45 9.17 18.66
CA LEU I 4 -32.10 10.57 18.89
C LEU I 4 -30.61 10.73 19.11
N THR I 5 -29.95 9.71 19.64
CA THR I 5 -28.50 9.73 19.74
C THR I 5 -27.88 9.90 18.35
N GLU I 6 -28.37 9.13 17.37
CA GLU I 6 -27.82 9.22 16.03
C GLU I 6 -28.10 10.58 15.41
N VAL I 7 -29.33 11.09 15.58
CA VAL I 7 -29.65 12.37 14.95
C VAL I 7 -28.91 13.49 15.64
N LYS I 8 -28.45 13.27 16.86
CA LYS I 8 -27.60 14.25 17.51
C LYS I 8 -26.31 14.47 16.72
N LYS I 9 -25.75 13.39 16.18
CA LYS I 9 -24.55 13.53 15.35
C LYS I 9 -24.84 14.36 14.11
N ASP I 10 -25.98 14.11 13.47
CA ASP I 10 -26.34 14.90 12.30
C ASP I 10 -26.52 16.37 12.66
N ALA I 11 -27.17 16.64 13.78
CA ALA I 11 -27.32 18.02 14.23
C ALA I 11 -25.97 18.66 14.48
N LEU I 12 -25.06 17.90 15.09
CA LEU I 12 -23.71 18.42 15.33
C LEU I 12 -23.01 18.76 14.02
N GLU I 13 -23.06 17.85 13.06
CA GLU I 13 -22.39 18.09 11.79
C GLU I 13 -22.98 19.30 11.07
N ASN I 14 -24.31 19.42 11.06
CA ASN I 14 -24.93 20.60 10.50
C ASN I 14 -24.50 21.85 11.25
N LEU I 15 -24.21 21.71 12.54
CA LEU I 15 -23.83 22.83 13.38
C LEU I 15 -22.31 22.96 13.51
N ARG I 16 -21.55 22.16 12.77
CA ARG I 16 -20.10 22.23 12.90
C ARG I 16 -19.53 23.55 12.37
N VAL I 17 -20.31 24.31 11.62
CA VAL I 17 -19.85 25.64 11.23
C VAL I 17 -19.64 26.51 12.46
N TYR I 18 -20.57 26.46 13.41
CA TYR I 18 -20.46 27.27 14.61
C TYR I 18 -19.35 26.81 15.55
N LEU I 19 -18.59 25.79 15.15
CA LEU I 19 -17.42 25.39 15.92
C LEU I 19 -16.46 26.56 16.14
N CYS I 20 -16.09 27.25 15.05
CA CYS I 20 -15.01 28.24 15.13
C CYS I 20 -15.30 29.30 16.19
N GLU I 21 -16.57 29.63 16.39
CA GLU I 21 -16.89 30.72 17.31
C GLU I 21 -16.60 30.34 18.76
N LYS I 22 -17.28 29.33 19.28
CA LYS I 22 -17.19 29.06 20.71
C LYS I 22 -16.75 27.64 21.03
N ILE I 23 -15.88 27.05 20.23
CA ILE I 23 -15.17 25.90 20.74
C ILE I 23 -13.71 26.28 20.88
N ILE I 24 -13.41 27.57 20.66
CA ILE I 24 -12.11 28.11 21.05
C ILE I 24 -11.86 27.84 22.52
N ALA I 25 -12.93 27.75 23.28
CA ALA I 25 -12.89 27.34 24.67
C ALA I 25 -12.83 25.83 24.84
N GLU I 26 -12.34 25.09 23.83
CA GLU I 26 -12.24 23.65 23.95
C GLU I 26 -11.45 23.23 25.18
N ARG I 27 -10.18 23.63 25.27
CA ARG I 27 -9.41 23.29 26.46
C ARG I 27 -9.99 23.98 27.69
N HIS I 28 -10.61 25.15 27.50
CA HIS I 28 -11.21 25.88 28.59
C HIS I 28 -12.38 25.13 29.23
N PHE I 29 -13.10 24.32 28.46
CA PHE I 29 -14.32 23.69 28.89
C PHE I 29 -14.19 22.18 29.01
N ASP I 30 -13.88 21.52 27.91
CA ASP I 30 -14.10 20.09 27.84
C ASP I 30 -12.96 19.33 28.47
N HIS I 31 -11.73 19.84 28.34
CA HIS I 31 -10.59 19.16 28.92
C HIS I 31 -10.73 19.05 30.43
N LEU I 32 -11.60 19.86 31.02
CA LEU I 32 -11.82 19.79 32.46
C LEU I 32 -13.19 19.23 32.83
N ARG I 33 -14.17 19.30 31.93
CA ARG I 33 -15.44 18.64 32.19
C ARG I 33 -15.58 17.28 31.53
N ALA I 34 -15.52 17.23 30.21
CA ALA I 34 -15.77 16.01 29.46
C ALA I 34 -14.69 14.98 29.65
N LYS I 35 -13.74 15.21 30.55
CA LYS I 35 -12.83 14.14 30.92
C LYS I 35 -13.59 13.02 31.62
N LYS I 36 -14.80 13.32 32.09
CA LYS I 36 -15.76 12.33 32.52
C LYS I 36 -16.10 11.35 31.40
N ILE I 37 -16.00 11.80 30.14
CA ILE I 37 -16.27 10.96 28.97
C ILE I 37 -15.06 10.88 28.04
N LEU I 38 -14.39 12.00 27.79
CA LEU I 38 -13.26 12.00 26.87
C LEU I 38 -12.06 11.29 27.49
N SER I 39 -11.27 10.64 26.64
CA SER I 39 -10.06 9.98 27.08
C SER I 39 -9.02 10.98 27.54
N ARG I 40 -8.23 10.60 28.54
CA ARG I 40 -7.23 11.51 29.07
C ARG I 40 -6.20 11.87 28.02
N GLU I 41 -5.67 10.86 27.31
CA GLU I 41 -4.71 11.17 26.26
C GLU I 41 -5.38 11.95 25.14
N ASP I 42 -6.68 11.74 24.96
CA ASP I 42 -7.38 12.42 23.88
C ASP I 42 -7.27 13.93 24.04
N THR I 43 -7.26 14.41 25.28
CA THR I 43 -6.98 15.82 25.49
C THR I 43 -5.62 16.21 24.93
N GLU I 44 -4.61 15.39 25.20
CA GLU I 44 -3.28 15.67 24.67
C GLU I 44 -3.28 15.60 23.15
N GLU I 45 -3.97 14.63 22.57
CA GLU I 45 -4.02 14.55 21.11
C GLU I 45 -4.68 15.78 20.53
N ILE I 46 -5.77 16.25 21.15
CA ILE I 46 -6.44 17.44 20.67
C ILE I 46 -5.51 18.64 20.75
N SER I 47 -4.83 18.81 21.88
CA SER I 47 -4.13 20.07 22.15
C SER I 47 -2.75 20.14 21.52
N CYS I 48 -2.00 19.04 21.53
CA CYS I 48 -0.56 19.14 21.35
C CYS I 48 -0.18 19.68 19.98
N GLN I 49 -0.72 19.09 18.91
CA GLN I 49 -0.31 19.43 17.56
C GLN I 49 -1.55 19.72 16.73
N THR I 50 -1.99 20.97 16.73
CA THR I 50 -3.01 21.44 15.80
C THR I 50 -2.88 22.97 15.74
N SER I 51 -3.90 23.64 15.23
CA SER I 51 -3.85 25.09 15.04
C SER I 51 -5.11 25.75 15.58
N SER I 52 -5.60 25.27 16.72
CA SER I 52 -6.56 25.96 17.58
C SER I 52 -7.96 26.09 16.97
N ARG I 53 -8.15 25.74 15.70
CA ARG I 53 -9.52 25.61 15.22
C ARG I 53 -9.80 24.18 14.81
N LYS I 54 -8.95 23.65 13.95
CA LYS I 54 -8.98 22.24 13.60
C LYS I 54 -8.91 21.42 14.87
N ARG I 55 -8.24 21.99 15.88
CA ARG I 55 -8.22 21.37 17.20
C ARG I 55 -9.64 21.15 17.71
N ALA I 56 -10.48 22.18 17.63
CA ALA I 56 -11.88 22.02 18.00
C ALA I 56 -12.58 21.04 17.08
N GLY I 57 -12.15 20.98 15.81
CA GLY I 57 -12.74 20.02 14.91
C GLY I 57 -12.53 18.60 15.37
N LYS I 58 -11.30 18.28 15.75
CA LYS I 58 -11.01 16.95 16.28
C LYS I 58 -11.76 16.71 17.59
N LEU I 59 -11.91 17.76 18.40
CA LEU I 59 -12.71 17.62 19.60
C LEU I 59 -14.13 17.18 19.27
N LEU I 60 -14.79 17.89 18.37
CA LEU I 60 -16.15 17.52 18.00
C LEU I 60 -16.23 16.17 17.30
N ASP I 61 -15.19 15.81 16.54
CA ASP I 61 -15.17 14.48 15.95
C ASP I 61 -15.14 13.40 17.03
N TYR I 62 -14.36 13.61 18.07
CA TYR I 62 -14.39 12.69 19.20
C TYR I 62 -15.74 12.72 19.91
N LEU I 63 -16.40 13.87 19.91
CA LEU I 63 -17.70 14.01 20.56
C LEU I 63 -18.82 13.28 19.83
N GLN I 64 -18.78 13.27 18.50
CA GLN I 64 -19.86 12.66 17.73
C GLN I 64 -20.05 11.20 18.12
N GLU I 65 -18.94 10.50 18.37
CA GLU I 65 -19.01 9.08 18.68
C GLU I 65 -19.79 8.84 19.96
N ASN I 66 -19.62 9.71 20.95
CA ASN I 66 -20.38 9.56 22.17
C ASN I 66 -21.86 9.88 21.90
N PRO I 67 -22.78 9.12 22.49
CA PRO I 67 -24.20 9.46 22.34
C PRO I 67 -24.55 10.70 23.13
N LYS I 68 -23.81 10.95 24.21
CA LYS I 68 -24.11 12.06 25.11
C LYS I 68 -23.38 13.30 24.63
N GLY I 69 -23.70 13.69 23.40
CA GLY I 69 -23.24 14.95 22.84
C GLY I 69 -23.86 16.15 23.51
N LEU I 70 -24.75 15.92 24.47
CA LEU I 70 -25.26 16.94 25.35
C LEU I 70 -24.32 17.20 26.53
N ASP I 71 -23.22 16.45 26.62
CA ASP I 71 -22.26 16.73 27.68
C ASP I 71 -21.62 18.08 27.50
N THR I 72 -21.29 18.44 26.25
CA THR I 72 -20.80 19.78 25.98
C THR I 72 -21.84 20.81 26.37
N LEU I 73 -23.12 20.53 26.10
CA LEU I 73 -24.18 21.45 26.48
C LEU I 73 -24.22 21.63 27.99
N VAL I 74 -24.17 20.53 28.72
CA VAL I 74 -24.24 20.58 30.18
C VAL I 74 -23.06 21.37 30.73
N GLU I 75 -21.87 21.12 30.19
CA GLU I 75 -20.70 21.89 30.59
C GLU I 75 -20.86 23.37 30.25
N SER I 76 -21.51 23.65 29.12
CA SER I 76 -21.64 25.03 28.65
C SER I 76 -22.37 25.91 29.65
N ILE I 77 -23.36 25.34 30.34
CA ILE I 77 -24.04 26.11 31.38
C ILE I 77 -23.06 26.51 32.46
N ARG I 78 -22.16 25.61 32.84
CA ARG I 78 -21.07 25.98 33.73
C ARG I 78 -20.17 26.99 33.03
N ARG I 79 -19.56 27.86 33.82
CA ARG I 79 -18.86 29.05 33.30
C ARG I 79 -19.83 29.93 32.54
N GLU I 80 -20.77 30.49 33.29
CA GLU I 80 -21.83 31.33 32.79
C GLU I 80 -21.32 32.63 32.19
N LYS I 81 -20.07 33.01 32.43
CA LYS I 81 -19.53 34.21 31.79
C LYS I 81 -19.64 34.11 30.28
N THR I 82 -19.24 32.98 29.72
CA THR I 82 -19.37 32.74 28.29
C THR I 82 -20.79 32.39 27.87
N GLN I 83 -21.69 32.18 28.83
CA GLN I 83 -22.97 31.61 28.46
C GLN I 83 -23.92 32.68 27.93
N ASN I 84 -23.62 33.95 28.14
CA ASN I 84 -24.49 35.00 27.61
C ASN I 84 -24.77 34.77 26.12
N PHE I 85 -23.74 34.38 25.37
CA PHE I 85 -23.89 33.93 23.99
C PHE I 85 -23.89 32.42 23.86
N LEU I 86 -23.24 31.70 24.76
CA LEU I 86 -23.13 30.27 24.50
C LEU I 86 -24.46 29.59 24.81
N ILE I 87 -25.31 30.23 25.62
CA ILE I 87 -26.69 29.80 25.79
C ILE I 87 -27.49 30.13 24.54
N GLN I 88 -27.18 31.25 23.89
CA GLN I 88 -27.71 31.45 22.55
C GLN I 88 -27.31 30.28 21.66
N LYS I 89 -26.11 29.74 21.90
CA LYS I 89 -25.67 28.55 21.18
C LYS I 89 -26.42 27.31 21.60
N ILE I 90 -26.76 27.19 22.89
CA ILE I 90 -27.51 26.00 23.31
C ILE I 90 -28.92 26.08 22.75
N THR I 91 -29.47 27.29 22.64
CA THR I 91 -30.75 27.47 21.97
C THR I 91 -30.64 27.12 20.50
N ASP I 92 -29.56 27.54 19.85
CA ASP I 92 -29.34 27.15 18.46
C ASP I 92 -29.22 25.63 18.32
N GLU I 93 -28.50 25.01 19.26
CA GLU I 93 -28.34 23.57 19.28
C GLU I 93 -29.69 22.88 19.44
N VAL I 94 -30.51 23.36 20.38
CA VAL I 94 -31.81 22.77 20.62
C VAL I 94 -32.71 22.99 19.41
N LEU I 95 -32.58 24.13 18.74
CA LEU I 95 -33.36 24.38 17.54
C LEU I 95 -33.00 23.40 16.44
N LYS I 96 -31.70 23.18 16.21
CA LYS I 96 -31.29 22.21 15.20
C LYS I 96 -31.74 20.81 15.59
N LEU I 97 -31.61 20.47 16.87
CA LEU I 97 -32.04 19.16 17.34
C LEU I 97 -33.53 18.98 17.14
N ARG I 98 -34.31 20.04 17.40
CA ARG I 98 -35.75 19.97 17.21
C ARG I 98 -36.11 19.83 15.75
N ASN I 99 -35.40 20.55 14.87
CA ASN I 99 -35.65 20.42 13.44
C ASN I 99 -35.38 18.98 12.99
N ILE I 100 -34.26 18.43 13.41
CA ILE I 100 -33.91 17.07 13.00
C ILE I 100 -34.90 16.08 13.61
N LYS I 101 -35.36 16.35 14.84
CA LYS I 101 -36.35 15.49 15.47
C LYS I 101 -37.66 15.51 14.71
N LEU I 102 -38.09 16.69 14.28
CA LEU I 102 -39.30 16.79 13.47
C LEU I 102 -39.15 16.04 12.17
N GLU I 103 -37.97 16.12 11.55
CA GLU I 103 -37.71 15.31 10.37
C GLU I 103 -37.79 13.82 10.70
N HIS I 104 -37.27 13.44 11.87
CA HIS I 104 -37.28 12.05 12.29
C HIS I 104 -38.70 11.52 12.46
N LEU I 105 -39.58 12.35 13.02
CA LEU I 105 -40.98 11.93 13.16
C LEU I 105 -41.63 11.73 11.80
N LYS I 106 -41.35 12.60 10.84
CA LYS I 106 -41.95 12.60 9.49
C LYS I 106 -43.37 12.07 9.44
N GLU J 1 21.46 -18.67 32.60
CA GLU J 1 21.07 -19.52 31.50
C GLU J 1 21.15 -18.77 30.19
N GLU J 2 21.48 -17.48 30.27
CA GLU J 2 21.54 -16.57 29.14
C GLU J 2 20.20 -16.40 28.45
N ASP J 3 19.12 -16.86 29.08
CA ASP J 3 17.78 -16.66 28.58
C ASP J 3 16.98 -15.69 29.45
N LEU J 4 17.49 -15.32 30.62
CA LEU J 4 16.83 -14.31 31.44
C LEU J 4 16.67 -13.01 30.66
N THR J 5 17.56 -12.75 29.71
CA THR J 5 17.37 -11.61 28.81
C THR J 5 16.05 -11.73 28.08
N GLU J 6 15.78 -12.92 27.53
CA GLU J 6 14.54 -13.11 26.78
C GLU J 6 13.33 -12.99 27.69
N VAL J 7 13.38 -13.57 28.88
CA VAL J 7 12.22 -13.52 29.76
C VAL J 7 12.02 -12.11 30.28
N LYS J 8 13.07 -11.28 30.25
CA LYS J 8 12.89 -9.88 30.59
C LYS J 8 11.91 -9.21 29.64
N LYS J 9 11.98 -9.55 28.35
CA LYS J 9 11.02 -8.99 27.40
C LYS J 9 9.61 -9.42 27.73
N ASP J 10 9.41 -10.68 28.09
CA ASP J 10 8.09 -11.14 28.47
C ASP J 10 7.59 -10.41 29.70
N ALA J 11 8.46 -10.23 30.69
CA ALA J 11 8.07 -9.49 31.89
C ALA J 11 7.70 -8.06 31.54
N LEU J 12 8.45 -7.45 30.64
CA LEU J 12 8.13 -6.09 30.20
C LEU J 12 6.77 -6.04 29.54
N GLU J 13 6.49 -6.96 28.63
CA GLU J 13 5.22 -6.95 27.93
C GLU J 13 4.06 -7.17 28.90
N ASN J 14 4.22 -8.11 29.83
CA ASN J 14 3.19 -8.28 30.86
C ASN J 14 3.03 -7.02 31.68
N LEU J 15 4.12 -6.26 31.84
CA LEU J 15 4.10 -5.05 32.63
C LEU J 15 3.89 -3.80 31.79
N ARG J 16 3.59 -3.96 30.49
CA ARG J 16 3.41 -2.78 29.66
C ARG J 16 2.16 -2.00 30.01
N VAL J 17 1.25 -2.58 30.79
CA VAL J 17 0.11 -1.80 31.27
C VAL J 17 0.59 -0.65 32.15
N TYR J 18 1.55 -0.91 33.03
CA TYR J 18 2.05 0.12 33.92
C TYR J 18 2.88 1.17 33.20
N LEU J 19 3.00 1.08 31.88
CA LEU J 19 3.65 2.14 31.11
C LEU J 19 3.01 3.49 31.37
N CYS J 20 1.69 3.59 31.23
CA CYS J 20 1.00 4.87 31.24
C CYS J 20 1.32 5.66 32.50
N GLU J 21 1.52 4.97 33.63
CA GLU J 21 1.71 5.67 34.89
C GLU J 21 3.05 6.40 34.92
N LYS J 22 4.15 5.67 34.86
CA LYS J 22 5.45 6.30 35.08
C LYS J 22 6.43 6.11 33.95
N ILE J 23 5.96 6.11 32.70
CA ILE J 23 6.90 6.34 31.62
C ILE J 23 6.54 7.68 30.99
N ILE J 24 5.60 8.39 31.61
CA ILE J 24 5.39 9.79 31.27
C ILE J 24 6.69 10.56 31.42
N ALA J 25 7.55 10.08 32.31
CA ALA J 25 8.90 10.59 32.47
C ALA J 25 9.86 10.01 31.45
N GLU J 26 9.37 9.54 30.30
CA GLU J 26 10.26 9.01 29.28
C GLU J 26 11.36 9.99 28.90
N ARG J 27 11.00 11.15 28.37
CA ARG J 27 12.01 12.14 28.05
C ARG J 27 12.73 12.61 29.31
N HIS J 28 12.03 12.61 30.44
CA HIS J 28 12.61 13.03 31.70
C HIS J 28 13.75 12.12 32.16
N PHE J 29 13.68 10.84 31.81
CA PHE J 29 14.61 9.82 32.31
C PHE J 29 15.52 9.28 31.24
N ASP J 30 14.94 8.67 30.21
CA ASP J 30 15.73 7.81 29.35
C ASP J 30 16.47 8.61 28.30
N HIS J 31 15.87 9.70 27.83
CA HIS J 31 16.53 10.51 26.81
C HIS J 31 17.84 11.07 27.33
N LEU J 32 18.01 11.08 28.65
CA LEU J 32 19.25 11.57 29.23
C LEU J 32 20.10 10.47 29.86
N ARG J 33 19.49 9.34 30.24
CA ARG J 33 20.28 8.21 30.69
C ARG J 33 20.54 7.16 29.63
N ALA J 34 19.49 6.55 29.10
CA ALA J 34 19.60 5.43 28.19
C ALA J 34 20.16 5.84 26.84
N LYS J 35 20.59 7.09 26.68
CA LYS J 35 21.33 7.45 25.49
C LYS J 35 22.65 6.68 25.45
N LYS J 36 23.07 6.16 26.59
CA LYS J 36 24.15 5.18 26.68
C LYS J 36 23.84 3.94 25.85
N ILE J 37 22.56 3.63 25.67
CA ILE J 37 22.11 2.47 24.88
C ILE J 37 21.20 2.89 23.72
N LEU J 38 20.26 3.80 23.98
CA LEU J 38 19.33 4.19 22.94
C LEU J 38 20.01 5.05 21.88
N SER J 39 19.55 4.93 20.65
CA SER J 39 20.08 5.73 19.56
C SER J 39 19.71 7.20 19.73
N ARG J 40 20.59 8.08 19.29
CA ARG J 40 20.36 9.51 19.45
C ARG J 40 19.13 9.94 18.68
N GLU J 41 19.02 9.53 17.41
CA GLU J 41 17.84 9.88 16.64
C GLU J 41 16.61 9.21 17.23
N ASP J 42 16.80 8.05 17.87
CA ASP J 42 15.65 7.34 18.42
C ASP J 42 14.92 8.20 19.43
N THR J 43 15.66 9.03 20.18
CA THR J 43 14.99 9.99 21.04
C THR J 43 14.10 10.92 20.24
N GLU J 44 14.60 11.42 19.11
CA GLU J 44 13.79 12.29 18.27
C GLU J 44 12.59 11.54 17.71
N GLU J 45 12.78 10.28 17.29
CA GLU J 45 11.65 9.52 16.79
C GLU J 45 10.60 9.32 17.86
N ILE J 46 11.03 9.03 19.08
CA ILE J 46 10.09 8.86 20.17
C ILE J 46 9.32 10.16 20.42
N SER J 47 10.03 11.28 20.48
CA SER J 47 9.43 12.50 20.98
C SER J 47 8.64 13.28 19.93
N CYS J 48 9.14 13.32 18.69
CA CYS J 48 8.69 14.35 17.76
C CYS J 48 7.21 14.23 17.43
N GLN J 49 6.77 13.04 17.01
CA GLN J 49 5.41 12.86 16.53
C GLN J 49 4.78 11.67 17.25
N THR J 50 4.16 11.94 18.39
CA THR J 50 3.32 10.96 19.06
C THR J 50 2.40 11.73 20.00
N SER J 51 1.78 11.05 20.95
CA SER J 51 0.80 11.67 21.85
C SER J 51 1.08 11.30 23.30
N SER J 52 2.36 11.25 23.66
CA SER J 52 2.83 11.26 25.05
C SER J 52 2.50 10.00 25.84
N ARG J 53 1.71 9.08 25.29
CA ARG J 53 1.62 7.77 25.93
C ARG J 53 2.13 6.70 24.99
N LYS J 54 1.58 6.68 23.78
CA LYS J 54 2.09 5.83 22.71
C LYS J 54 3.57 6.11 22.54
N ARG J 55 3.97 7.35 22.84
CA ARG J 55 5.38 7.71 22.85
C ARG J 55 6.15 6.80 23.79
N ALA J 56 5.66 6.61 25.00
CA ALA J 56 6.29 5.67 25.92
C ALA J 56 6.20 4.25 25.40
N GLY J 57 5.13 3.94 24.66
CA GLY J 57 5.03 2.62 24.07
C GLY J 57 6.16 2.34 23.12
N LYS J 58 6.45 3.29 22.23
CA LYS J 58 7.58 3.13 21.31
C LYS J 58 8.89 3.09 22.07
N LEU J 59 8.99 3.85 23.16
CA LEU J 59 10.19 3.75 23.98
C LEU J 59 10.40 2.34 24.50
N LEU J 60 9.39 1.75 25.10
CA LEU J 60 9.53 0.39 25.60
C LEU J 60 9.72 -0.63 24.49
N ASP J 61 9.13 -0.40 23.32
CA ASP J 61 9.39 -1.27 22.19
C ASP J 61 10.86 -1.25 21.79
N TYR J 62 11.47 -0.06 21.79
CA TYR J 62 12.90 0.02 21.57
C TYR J 62 13.69 -0.63 22.70
N LEU J 63 13.16 -0.58 23.91
CA LEU J 63 13.83 -1.17 25.06
C LEU J 63 13.82 -2.70 25.04
N GLN J 64 12.74 -3.32 24.55
CA GLN J 64 12.65 -4.78 24.57
C GLN J 64 13.81 -5.40 23.82
N GLU J 65 14.22 -4.80 22.72
CA GLU J 65 15.28 -5.35 21.90
C GLU J 65 16.59 -5.43 22.66
N ASN J 66 16.87 -4.44 23.48
CA ASN J 66 18.07 -4.49 24.29
C ASN J 66 17.93 -5.57 25.36
N PRO J 67 18.99 -6.33 25.63
CA PRO J 67 18.91 -7.29 26.73
C PRO J 67 18.92 -6.60 28.07
N LYS J 68 19.53 -5.42 28.14
CA LYS J 68 19.70 -4.70 29.40
C LYS J 68 18.49 -3.80 29.61
N GLY J 69 17.32 -4.44 29.67
CA GLY J 69 16.10 -3.78 30.05
C GLY J 69 16.07 -3.37 31.50
N LEU J 70 17.13 -3.68 32.23
CA LEU J 70 17.35 -3.15 33.56
C LEU J 70 18.01 -1.78 33.52
N ASP J 71 18.32 -1.26 32.34
CA ASP J 71 18.86 0.09 32.26
C ASP J 71 17.84 1.11 32.72
N THR J 72 16.57 0.94 32.33
CA THR J 72 15.53 1.80 32.84
C THR J 72 15.44 1.69 34.35
N LEU J 73 15.60 0.48 34.89
CA LEU J 73 15.57 0.29 36.33
C LEU J 73 16.70 1.07 37.00
N VAL J 74 17.91 0.95 36.45
CA VAL J 74 19.07 1.61 37.02
C VAL J 74 18.88 3.12 36.98
N GLU J 75 18.38 3.63 35.87
CA GLU J 75 18.07 5.05 35.78
C GLU J 75 17.00 5.46 36.77
N SER J 76 16.03 4.58 37.01
CA SER J 76 14.90 4.90 37.88
C SER J 76 15.36 5.23 39.29
N ILE J 77 16.39 4.57 39.78
CA ILE J 77 16.92 4.91 41.09
C ILE J 77 17.41 6.35 41.09
N ARG J 78 18.07 6.77 40.02
CA ARG J 78 18.39 8.18 39.88
C ARG J 78 17.10 8.99 39.75
N ARG J 79 17.15 10.23 40.21
CA ARG J 79 15.96 11.06 40.40
C ARG J 79 15.00 10.38 41.38
N GLU J 80 15.48 10.31 42.62
CA GLU J 80 14.76 9.67 43.72
C GLU J 80 13.46 10.37 44.07
N LYS J 81 13.25 11.59 43.61
CA LYS J 81 11.97 12.25 43.86
C LYS J 81 10.80 11.40 43.35
N THR J 82 10.91 10.91 42.12
CA THR J 82 9.91 10.01 41.57
C THR J 82 10.01 8.60 42.11
N GLN J 83 11.05 8.29 42.88
CA GLN J 83 11.29 6.88 43.18
C GLN J 83 10.43 6.42 44.34
N ASN J 84 9.83 7.34 45.10
CA ASN J 84 8.96 6.93 46.20
C ASN J 84 7.93 5.91 45.73
N PHE J 85 7.37 6.13 44.54
CA PHE J 85 6.53 5.15 43.85
C PHE J 85 7.26 4.38 42.77
N LEU J 86 8.28 4.96 42.16
CA LEU J 86 8.85 4.25 41.03
C LEU J 86 9.71 3.08 41.53
N ILE J 87 10.16 3.15 42.78
CA ILE J 87 10.76 2.00 43.44
C ILE J 87 9.70 0.96 43.76
N GLN J 88 8.49 1.41 44.12
CA GLN J 88 7.39 0.46 44.15
C GLN J 88 7.26 -0.21 42.78
N LYS J 89 7.54 0.55 41.72
CA LYS J 89 7.55 -0.02 40.38
C LYS J 89 8.72 -0.96 40.15
N ILE J 90 9.89 -0.66 40.72
CA ILE J 90 11.01 -1.57 40.53
C ILE J 90 10.76 -2.85 41.32
N THR J 91 10.09 -2.75 42.45
CA THR J 91 9.66 -3.94 43.18
C THR J 91 8.63 -4.72 42.38
N ASP J 92 7.69 -4.04 41.74
CA ASP J 92 6.74 -4.70 40.86
C ASP J 92 7.47 -5.39 39.71
N GLU J 93 8.45 -4.70 39.13
CA GLU J 93 9.25 -5.26 38.06
C GLU J 93 9.99 -6.50 38.50
N VAL J 94 10.62 -6.44 39.67
CA VAL J 94 11.36 -7.57 40.19
C VAL J 94 10.42 -8.71 40.52
N LEU J 95 9.21 -8.39 40.99
CA LEU J 95 8.23 -9.43 41.26
C LEU J 95 7.82 -10.15 39.98
N LYS J 96 7.54 -9.39 38.93
CA LYS J 96 7.20 -10.02 37.65
C LYS J 96 8.36 -10.82 37.11
N LEU J 97 9.58 -10.28 37.22
CA LEU J 97 10.76 -10.99 36.76
C LEU J 97 10.95 -12.28 37.54
N ARG J 98 10.71 -12.25 38.85
CA ARG J 98 10.83 -13.44 39.67
C ARG J 98 9.78 -14.46 39.31
N ASN J 99 8.54 -14.02 39.05
CA ASN J 99 7.51 -14.96 38.64
C ASN J 99 7.89 -15.64 37.34
N ILE J 100 8.36 -14.85 36.37
CA ILE J 100 8.73 -15.42 35.08
C ILE J 100 9.94 -16.33 35.24
N LYS J 101 10.87 -15.96 36.14
CA LYS J 101 12.03 -16.80 36.39
C LYS J 101 11.63 -18.13 37.01
N LEU J 102 10.68 -18.11 37.95
CA LEU J 102 10.18 -19.34 38.53
C LEU J 102 9.51 -20.21 37.47
N GLU J 103 8.77 -19.59 36.56
CA GLU J 103 8.22 -20.33 35.44
C GLU J 103 9.34 -20.92 34.58
N HIS J 104 10.41 -20.17 34.38
CA HIS J 104 11.53 -20.62 33.56
C HIS J 104 12.20 -21.83 34.18
N LEU J 105 12.35 -21.85 35.50
CA LEU J 105 12.92 -23.01 36.18
C LEU J 105 12.05 -24.25 35.99
N LYS J 106 10.73 -24.09 36.10
CA LYS J 106 9.74 -25.16 36.02
C LYS J 106 10.24 -26.50 36.57
N GLU K 1 34.42 18.36 -18.37
CA GLU K 1 34.04 17.14 -19.07
C GLU K 1 32.54 16.93 -19.01
N GLU K 2 31.86 17.83 -18.29
CA GLU K 2 30.41 17.77 -18.06
C GLU K 2 30.00 16.52 -17.31
N ASP K 3 30.96 15.80 -16.74
CA ASP K 3 30.69 14.65 -15.89
C ASP K 3 31.02 14.91 -14.43
N LEU K 4 31.70 16.03 -14.13
CA LEU K 4 31.94 16.39 -12.75
C LEU K 4 30.64 16.50 -11.97
N THR K 5 29.54 16.85 -12.66
CA THR K 5 28.23 16.82 -12.03
C THR K 5 27.92 15.43 -11.50
N GLU K 6 28.16 14.41 -12.33
CA GLU K 6 27.89 13.04 -11.92
C GLU K 6 28.78 12.62 -10.76
N VAL K 7 30.07 12.95 -10.83
CA VAL K 7 30.97 12.52 -9.77
C VAL K 7 30.67 13.28 -8.49
N LYS K 8 30.02 14.42 -8.59
CA LYS K 8 29.57 15.12 -7.39
C LYS K 8 28.60 14.25 -6.60
N LYS K 9 27.71 13.53 -7.29
CA LYS K 9 26.80 12.64 -6.59
C LYS K 9 27.56 11.54 -5.87
N ASP K 10 28.57 10.97 -6.52
CA ASP K 10 29.36 9.94 -5.87
C ASP K 10 30.08 10.48 -4.64
N ALA K 11 30.64 11.69 -4.76
CA ALA K 11 31.30 12.30 -3.62
C ALA K 11 30.31 12.52 -2.49
N LEU K 12 29.09 12.97 -2.83
CA LEU K 12 28.06 13.16 -1.82
C LEU K 12 27.74 11.85 -1.11
N GLU K 13 27.53 10.78 -1.88
CA GLU K 13 27.18 9.50 -1.27
C GLU K 13 28.30 8.99 -0.39
N ASN K 14 29.55 9.10 -0.84
CA ASN K 14 30.67 8.75 0.02
C ASN K 14 30.70 9.61 1.27
N LEU K 15 30.22 10.85 1.15
CA LEU K 15 30.23 11.77 2.27
C LEU K 15 28.90 11.80 3.01
N ARG K 16 27.97 10.90 2.67
CA ARG K 16 26.68 10.92 3.34
C ARG K 16 26.78 10.52 4.81
N VAL K 17 27.91 9.94 5.23
CA VAL K 17 28.08 9.67 6.66
C VAL K 17 28.09 10.98 7.43
N TYR K 18 28.80 11.99 6.91
CA TYR K 18 28.88 13.27 7.60
C TYR K 18 27.57 14.04 7.58
N LEU K 19 26.50 13.47 7.02
CA LEU K 19 25.19 14.08 7.10
C LEU K 19 24.79 14.37 8.54
N CYS K 20 24.87 13.35 9.40
CA CYS K 20 24.30 13.46 10.75
C CYS K 20 24.85 14.66 11.49
N GLU K 21 26.11 15.01 11.25
CA GLU K 21 26.74 16.07 12.02
C GLU K 21 26.13 17.43 11.69
N LYS K 22 26.28 17.88 10.44
CA LYS K 22 25.90 19.25 10.12
C LYS K 22 24.87 19.35 9.01
N ILE K 23 23.94 18.42 8.92
CA ILE K 23 22.76 18.72 8.12
C ILE K 23 21.59 18.78 9.09
N ILE K 24 21.87 18.71 10.39
CA ILE K 24 20.89 19.05 11.40
C ILE K 24 20.37 20.45 11.15
N ALA K 25 21.19 21.30 10.55
CA ALA K 25 20.80 22.62 10.10
C ALA K 25 20.11 22.58 8.74
N GLU K 26 19.50 21.45 8.37
CA GLU K 26 18.79 21.39 7.09
C GLU K 26 17.75 22.50 6.96
N ARG K 27 16.76 22.52 7.84
CA ARG K 27 15.77 23.59 7.78
C ARG K 27 16.43 24.94 8.06
N HIS K 28 17.48 24.94 8.86
CA HIS K 28 18.19 26.17 9.18
C HIS K 28 18.86 26.81 7.97
N PHE K 29 19.28 26.00 6.99
CA PHE K 29 20.06 26.46 5.86
C PHE K 29 19.30 26.37 4.55
N ASP K 30 18.89 25.17 4.17
CA ASP K 30 18.50 24.95 2.78
C ASP K 30 17.08 25.38 2.54
N HIS K 31 16.21 25.22 3.54
CA HIS K 31 14.82 25.62 3.36
C HIS K 31 14.71 27.10 3.08
N LEU K 32 15.75 27.86 3.39
CA LEU K 32 15.74 29.29 3.13
C LEU K 32 16.70 29.69 2.02
N ARG K 33 17.72 28.91 1.74
CA ARG K 33 18.57 29.17 0.58
C ARG K 33 18.22 28.38 -0.65
N ALA K 34 18.30 27.05 -0.57
CA ALA K 34 18.13 26.18 -1.71
C ALA K 34 16.70 26.16 -2.22
N LYS K 35 15.81 27.00 -1.67
CA LYS K 35 14.51 27.16 -2.28
C LYS K 35 14.65 27.76 -3.67
N LYS K 36 15.80 28.37 -3.94
CA LYS K 36 16.20 28.76 -5.28
C LYS K 36 16.25 27.54 -6.22
N ILE K 37 16.50 26.36 -5.67
CA ILE K 37 16.55 25.12 -6.45
C ILE K 37 15.54 24.09 -5.94
N LEU K 38 15.43 23.93 -4.63
CA LEU K 38 14.53 22.92 -4.08
C LEU K 38 13.07 23.35 -4.26
N SER K 39 12.20 22.36 -4.45
CA SER K 39 10.78 22.61 -4.57
C SER K 39 10.20 23.10 -3.24
N ARG K 40 9.20 23.98 -3.33
CA ARG K 40 8.60 24.55 -2.13
C ARG K 40 7.96 23.46 -1.29
N GLU K 41 7.16 22.60 -1.91
CA GLU K 41 6.56 21.51 -1.16
C GLU K 41 7.62 20.55 -0.65
N ASP K 42 8.73 20.46 -1.38
CA ASP K 42 9.78 19.53 -0.96
C ASP K 42 10.28 19.86 0.42
N THR K 43 10.30 21.15 0.77
CA THR K 43 10.62 21.51 2.14
C THR K 43 9.63 20.90 3.11
N GLU K 44 8.33 20.98 2.77
CA GLU K 44 7.32 20.38 3.63
C GLU K 44 7.48 18.87 3.70
N GLU K 45 7.77 18.23 2.57
CA GLU K 45 7.97 16.78 2.60
C GLU K 45 9.15 16.41 3.47
N ILE K 46 10.24 17.18 3.38
CA ILE K 46 11.40 16.91 4.21
C ILE K 46 11.04 17.05 5.68
N SER K 47 10.37 18.14 6.03
CA SER K 47 10.23 18.50 7.44
C SER K 47 9.09 17.79 8.14
N CYS K 48 7.96 17.59 7.47
CA CYS K 48 6.71 17.30 8.18
C CYS K 48 6.77 15.97 8.93
N GLN K 49 7.14 14.90 8.25
CA GLN K 49 7.10 13.57 8.84
C GLN K 49 8.43 12.88 8.64
N THR K 50 9.35 13.07 9.59
CA THR K 50 10.58 12.31 9.65
C THR K 50 11.10 12.42 11.09
N SER K 51 12.37 12.08 11.30
CA SER K 51 12.94 12.06 12.65
C SER K 51 14.29 12.78 12.67
N SER K 52 14.38 13.89 11.93
CA SER K 52 15.43 14.90 12.08
C SER K 52 16.82 14.43 11.66
N ARG K 53 17.01 13.15 11.34
CA ARG K 53 18.26 12.77 10.70
C ARG K 53 17.97 12.21 9.32
N LYS K 54 17.08 11.22 9.27
CA LYS K 54 16.57 10.70 8.01
C LYS K 54 16.01 11.86 7.21
N ARG K 55 15.52 12.87 7.92
CA ARG K 55 15.07 14.10 7.27
C ARG K 55 16.20 14.69 6.43
N ALA K 56 17.39 14.81 7.01
CA ALA K 56 18.54 15.27 6.24
C ALA K 56 18.89 14.29 5.13
N GLY K 57 18.64 13.01 5.36
CA GLY K 57 18.88 12.04 4.32
C GLY K 57 18.05 12.30 3.08
N LYS K 58 16.76 12.54 3.28
CA LYS K 58 15.88 12.87 2.17
C LYS K 58 16.29 14.19 1.54
N LEU K 59 16.75 15.14 2.35
CA LEU K 59 17.27 16.38 1.79
C LEU K 59 18.41 16.12 0.82
N LEU K 60 19.42 15.37 1.24
CA LEU K 60 20.53 15.07 0.37
C LEU K 60 20.14 14.22 -0.83
N ASP K 61 19.15 13.33 -0.66
CA ASP K 61 18.65 12.58 -1.80
C ASP K 61 18.04 13.50 -2.84
N TYR K 62 17.29 14.51 -2.40
CA TYR K 62 16.81 15.52 -3.34
C TYR K 62 17.94 16.33 -3.94
N LEU K 63 19.01 16.53 -3.18
CA LEU K 63 20.16 17.29 -3.65
C LEU K 63 20.96 16.56 -4.72
N GLN K 64 21.08 15.24 -4.62
CA GLN K 64 21.91 14.50 -5.58
C GLN K 64 21.42 14.72 -7.00
N GLU K 65 20.11 14.79 -7.18
CA GLU K 65 19.54 14.93 -8.51
C GLU K 65 19.98 16.23 -9.17
N ASN K 66 20.07 17.30 -8.38
CA ASN K 66 20.54 18.55 -8.94
C ASN K 66 22.03 18.45 -9.25
N PRO K 67 22.48 19.01 -10.37
CA PRO K 67 23.91 19.02 -10.65
C PRO K 67 24.64 19.98 -9.75
N LYS K 68 23.95 21.02 -9.29
CA LYS K 68 24.57 22.07 -8.49
C LYS K 68 24.48 21.69 -7.01
N GLY K 69 25.08 20.55 -6.70
CA GLY K 69 25.26 20.12 -5.34
C GLY K 69 26.23 20.97 -4.57
N LEU K 70 26.82 21.97 -5.23
CA LEU K 70 27.58 23.01 -4.59
C LEU K 70 26.70 24.12 -4.05
N ASP K 71 25.38 24.04 -4.26
CA ASP K 71 24.50 25.04 -3.69
C ASP K 71 24.50 24.97 -2.18
N THR K 72 24.51 23.76 -1.63
CA THR K 72 24.65 23.62 -0.18
C THR K 72 25.97 24.22 0.28
N LEU K 73 27.04 24.02 -0.50
CA LEU K 73 28.32 24.59 -0.14
C LEU K 73 28.25 26.11 -0.12
N VAL K 74 27.66 26.70 -1.15
CA VAL K 74 27.55 28.15 -1.25
C VAL K 74 26.75 28.70 -0.08
N GLU K 75 25.64 28.03 0.25
CA GLU K 75 24.86 28.43 1.41
C GLU K 75 25.65 28.29 2.70
N SER K 76 26.50 27.26 2.77
CA SER K 76 27.24 26.98 4.00
C SER K 76 28.14 28.14 4.39
N ILE K 77 28.71 28.83 3.41
CA ILE K 77 29.52 30.01 3.74
C ILE K 77 28.65 31.05 4.43
N ARG K 78 27.42 31.23 3.96
CA ARG K 78 26.49 32.07 4.70
C ARG K 78 26.18 31.42 6.04
N ARG K 79 25.89 32.26 7.03
CA ARG K 79 25.80 31.84 8.43
C ARG K 79 27.15 31.27 8.88
N GLU K 80 28.13 32.16 8.92
CA GLU K 80 29.50 31.86 9.28
C GLU K 80 29.65 31.38 10.71
N LYS K 81 28.64 31.57 11.57
CA LYS K 81 28.73 31.04 12.92
C LYS K 81 28.98 29.54 12.91
N THR K 82 28.22 28.81 12.10
CA THR K 82 28.42 27.38 11.94
C THR K 82 29.61 27.05 11.06
N GLN K 83 30.22 28.05 10.42
CA GLN K 83 31.18 27.70 9.38
C GLN K 83 32.54 27.39 9.98
N ASN K 84 32.78 27.73 11.25
CA ASN K 84 34.07 27.40 11.86
C ASN K 84 34.41 25.94 11.65
N PHE K 85 33.42 25.06 11.79
CA PHE K 85 33.54 23.65 11.42
C PHE K 85 32.93 23.33 10.08
N LEU K 86 31.92 24.08 9.63
CA LEU K 86 31.27 23.63 8.41
C LEU K 86 32.16 23.97 7.20
N ILE K 87 33.08 24.93 7.36
CA ILE K 87 34.13 25.15 6.38
C ILE K 87 35.15 24.01 6.44
N GLN K 88 35.40 23.48 7.63
CA GLN K 88 36.14 22.23 7.68
C GLN K 88 35.41 21.18 6.87
N LYS K 89 34.07 21.24 6.88
CA LYS K 89 33.28 20.35 6.04
C LYS K 89 33.39 20.68 4.57
N ILE K 90 33.48 21.96 4.21
CA ILE K 90 33.62 22.29 2.79
C ILE K 90 35.00 21.87 2.31
N THR K 91 35.99 21.95 3.18
CA THR K 91 37.31 21.41 2.85
C THR K 91 37.25 19.90 2.69
N ASP K 92 36.53 19.22 3.58
CA ASP K 92 36.35 17.78 3.43
C ASP K 92 35.63 17.46 2.13
N GLU K 93 34.62 18.25 1.80
CA GLU K 93 33.87 18.07 0.56
C GLU K 93 34.78 18.26 -0.65
N VAL K 94 35.59 19.31 -0.63
CA VAL K 94 36.51 19.58 -1.74
C VAL K 94 37.56 18.49 -1.83
N LEU K 95 37.99 17.95 -0.68
CA LEU K 95 38.94 16.86 -0.71
C LEU K 95 38.36 15.62 -1.35
N LYS K 96 37.12 15.27 -0.97
CA LYS K 96 36.48 14.12 -1.59
C LYS K 96 36.25 14.36 -3.09
N LEU K 97 35.83 15.58 -3.44
CA LEU K 97 35.63 15.91 -4.84
C LEU K 97 36.93 15.82 -5.61
N ARG K 98 38.03 16.27 -5.02
CA ARG K 98 39.33 16.19 -5.67
C ARG K 98 39.77 14.75 -5.83
N ASN K 99 39.55 13.91 -4.81
CA ASN K 99 39.89 12.50 -4.93
C ASN K 99 39.12 11.86 -6.07
N ILE K 100 37.82 12.11 -6.13
CA ILE K 100 37.00 11.52 -7.19
C ILE K 100 37.40 12.09 -8.54
N LYS K 101 37.77 13.36 -8.58
CA LYS K 101 38.23 13.97 -9.83
C LYS K 101 39.53 13.32 -10.31
N LEU K 102 40.46 13.07 -9.39
CA LEU K 102 41.69 12.40 -9.75
C LEU K 102 41.41 10.99 -10.26
N GLU K 103 40.46 10.30 -9.64
CA GLU K 103 40.03 9.01 -10.18
C GLU K 103 39.45 9.16 -11.58
N HIS K 104 38.67 10.23 -11.79
CA HIS K 104 38.05 10.47 -13.08
C HIS K 104 39.09 10.68 -14.16
N LEU K 105 40.16 11.42 -13.85
CA LEU K 105 41.24 11.61 -14.82
C LEU K 105 41.91 10.31 -15.19
N LYS K 106 42.14 9.43 -14.20
CA LYS K 106 42.84 8.15 -14.34
C LYS K 106 43.92 8.16 -15.43
N GLU L 1 -29.68 21.80 -18.02
CA GLU L 1 -29.53 20.63 -18.88
C GLU L 1 -29.13 19.41 -18.06
N GLU L 2 -28.92 19.63 -16.76
CA GLU L 2 -28.47 18.61 -15.82
C GLU L 2 -27.09 18.06 -16.18
N ASP L 3 -26.39 18.72 -17.09
CA ASP L 3 -25.02 18.37 -17.43
C ASP L 3 -24.02 19.40 -16.95
N LEU L 4 -24.48 20.57 -16.50
CA LEU L 4 -23.58 21.55 -15.91
C LEU L 4 -22.80 20.96 -14.75
N THR L 5 -23.38 19.98 -14.07
CA THR L 5 -22.63 19.25 -13.04
C THR L 5 -21.39 18.60 -13.65
N GLU L 6 -21.56 17.94 -14.79
CA GLU L 6 -20.43 17.29 -15.43
C GLU L 6 -19.39 18.31 -15.90
N VAL L 7 -19.84 19.40 -16.50
CA VAL L 7 -18.87 20.38 -17.00
C VAL L 7 -18.18 21.09 -15.84
N LYS L 8 -18.78 21.06 -14.66
CA LYS L 8 -18.10 21.58 -13.49
C LYS L 8 -16.83 20.81 -13.21
N LYS L 9 -16.85 19.48 -13.40
CA LYS L 9 -15.65 18.70 -13.22
C LYS L 9 -14.58 19.09 -14.21
N ASP L 10 -14.96 19.32 -15.47
CA ASP L 10 -14.00 19.73 -16.47
C ASP L 10 -13.41 21.09 -16.12
N ALA L 11 -14.25 22.01 -15.66
CA ALA L 11 -13.75 23.31 -15.24
C ALA L 11 -12.78 23.18 -14.08
N LEU L 12 -13.10 22.31 -13.13
CA LEU L 12 -12.21 22.06 -12.01
C LEU L 12 -10.87 21.53 -12.48
N GLU L 13 -10.88 20.54 -13.37
CA GLU L 13 -9.63 19.95 -13.83
C GLU L 13 -8.80 20.97 -14.58
N ASN L 14 -9.43 21.77 -15.44
CA ASN L 14 -8.71 22.86 -16.10
C ASN L 14 -8.16 23.84 -15.09
N LEU L 15 -8.85 24.00 -13.96
CA LEU L 15 -8.44 24.93 -12.93
C LEU L 15 -7.64 24.26 -11.82
N ARG L 16 -7.28 23.00 -11.99
CA ARG L 16 -6.53 22.33 -10.94
C ARG L 16 -5.12 22.87 -10.78
N VAL L 17 -4.63 23.65 -11.75
CA VAL L 17 -3.35 24.31 -11.55
C VAL L 17 -3.42 25.28 -10.38
N TYR L 18 -4.51 26.05 -10.29
CA TYR L 18 -4.66 27.01 -9.21
C TYR L 18 -4.88 26.36 -7.85
N LEU L 19 -4.87 25.03 -7.78
CA LEU L 19 -4.92 24.34 -6.50
C LEU L 19 -3.83 24.82 -5.55
N CYS L 20 -2.57 24.80 -6.02
CA CYS L 20 -1.44 25.03 -5.13
C CYS L 20 -1.57 26.34 -4.38
N GLU L 21 -2.17 27.35 -5.01
CA GLU L 21 -2.21 28.67 -4.39
C GLU L 21 -3.13 28.68 -3.18
N LYS L 22 -4.42 28.44 -3.37
CA LYS L 22 -5.37 28.63 -2.29
C LYS L 22 -6.18 27.40 -1.95
N ILE L 23 -5.59 26.21 -2.06
CA ILE L 23 -6.22 25.09 -1.37
C ILE L 23 -5.28 24.66 -0.27
N ILE L 24 -4.21 25.44 -0.06
CA ILE L 24 -3.40 25.29 1.15
C ILE L 24 -4.29 25.42 2.37
N ALA L 25 -5.38 26.17 2.24
CA ALA L 25 -6.41 26.28 3.25
C ALA L 25 -7.39 25.12 3.19
N GLU L 26 -6.99 23.97 2.66
CA GLU L 26 -7.88 22.81 2.62
C GLU L 26 -8.44 22.47 4.00
N ARG L 27 -7.56 22.12 4.94
CA ARG L 27 -8.05 21.84 6.28
C ARG L 27 -8.66 23.08 6.92
N HIS L 28 -8.17 24.25 6.53
CA HIS L 28 -8.69 25.51 7.07
C HIS L 28 -10.14 25.75 6.67
N PHE L 29 -10.56 25.26 5.52
CA PHE L 29 -11.87 25.55 4.95
C PHE L 29 -12.78 24.34 4.92
N ASP L 30 -12.37 23.30 4.20
CA ASP L 30 -13.33 22.28 3.81
C ASP L 30 -13.53 21.27 4.93
N HIS L 31 -12.49 20.99 5.70
CA HIS L 31 -12.63 20.04 6.79
C HIS L 31 -13.66 20.51 7.80
N LEU L 32 -13.98 21.80 7.78
CA LEU L 32 -14.98 22.33 8.70
C LEU L 32 -16.27 22.75 8.01
N ARG L 33 -16.23 23.04 6.71
CA ARG L 33 -17.46 23.27 5.97
C ARG L 33 -17.98 22.07 5.21
N ALA L 34 -17.21 21.57 4.26
CA ALA L 34 -17.65 20.52 3.36
C ALA L 34 -17.82 19.18 4.08
N LYS L 35 -17.68 19.15 5.40
CA LYS L 35 -18.06 17.95 6.13
C LYS L 35 -19.56 17.70 5.99
N LYS L 36 -20.30 18.75 5.60
CA LYS L 36 -21.68 18.61 5.15
C LYS L 36 -21.79 17.66 3.95
N ILE L 37 -20.73 17.56 3.15
CA ILE L 37 -20.71 16.67 2.00
C ILE L 37 -19.57 15.66 2.08
N LEU L 38 -18.37 16.10 2.47
CA LEU L 38 -17.23 15.20 2.54
C LEU L 38 -17.37 14.21 3.68
N SER L 39 -16.86 13.00 3.46
CA SER L 39 -16.87 11.98 4.49
C SER L 39 -15.96 12.36 5.65
N ARG L 40 -16.35 11.96 6.86
CA ARG L 40 -15.57 12.31 8.05
C ARG L 40 -14.18 11.70 7.97
N GLU L 41 -14.09 10.41 7.66
CA GLU L 41 -12.79 9.79 7.54
C GLU L 41 -12.02 10.40 6.37
N ASP L 42 -12.74 10.87 5.35
CA ASP L 42 -12.06 11.43 4.19
C ASP L 42 -11.19 12.59 4.59
N THR L 43 -11.60 13.36 5.60
CA THR L 43 -10.72 14.40 6.12
C THR L 43 -9.43 13.79 6.65
N GLU L 44 -9.54 12.69 7.40
CA GLU L 44 -8.35 12.02 7.91
C GLU L 44 -7.50 11.48 6.78
N GLU L 45 -8.13 10.91 5.75
CA GLU L 45 -7.35 10.40 4.62
C GLU L 45 -6.61 11.53 3.92
N ILE L 46 -7.28 12.66 3.75
CA ILE L 46 -6.64 13.81 3.11
C ILE L 46 -5.45 14.27 3.95
N SER L 47 -5.64 14.41 5.25
CA SER L 47 -4.66 15.10 6.07
C SER L 47 -3.50 14.22 6.53
N CYS L 48 -3.78 12.97 6.87
CA CYS L 48 -2.84 12.20 7.69
C CYS L 48 -1.50 11.99 6.98
N GLN L 49 -1.53 11.47 5.77
CA GLN L 49 -0.32 11.09 5.06
C GLN L 49 -0.32 11.70 3.67
N THR L 50 0.22 12.91 3.57
CA THR L 50 0.48 13.52 2.27
C THR L 50 1.51 14.63 2.52
N SER L 51 1.69 15.53 1.56
CA SER L 51 2.71 16.57 1.66
C SER L 51 2.11 17.95 1.32
N SER L 52 0.89 18.20 1.79
CA SER L 52 0.29 19.53 1.90
C SER L 52 -0.02 20.18 0.55
N ARG L 53 0.39 19.60 -0.57
CA ARG L 53 -0.14 20.08 -1.84
C ARG L 53 -0.92 18.98 -2.52
N LYS L 54 -0.28 17.82 -2.68
CA LYS L 54 -0.95 16.62 -3.16
C LYS L 54 -2.15 16.36 -2.27
N ARG L 55 -2.05 16.78 -1.01
CA ARG L 55 -3.17 16.71 -0.09
C ARG L 55 -4.37 17.46 -0.67
N ALA L 56 -4.15 18.68 -1.13
CA ALA L 56 -5.22 19.42 -1.80
C ALA L 56 -5.65 18.74 -3.08
N GLY L 57 -4.71 18.06 -3.74
CA GLY L 57 -5.09 17.33 -4.94
C GLY L 57 -6.10 16.24 -4.66
N LYS L 58 -5.87 15.46 -3.61
CA LYS L 58 -6.82 14.44 -3.21
C LYS L 58 -8.14 15.07 -2.76
N LEU L 59 -8.05 16.23 -2.10
CA LEU L 59 -9.28 16.95 -1.76
C LEU L 59 -10.11 17.26 -2.99
N LEU L 60 -9.51 17.87 -4.00
CA LEU L 60 -10.25 18.19 -5.20
C LEU L 60 -10.70 16.95 -5.97
N ASP L 61 -9.93 15.87 -5.91
CA ASP L 61 -10.38 14.62 -6.51
C ASP L 61 -11.64 14.11 -5.84
N TYR L 62 -11.71 14.19 -4.51
CA TYR L 62 -12.95 13.87 -3.83
C TYR L 62 -14.06 14.84 -4.17
N LEU L 63 -13.72 16.09 -4.44
CA LEU L 63 -14.71 17.10 -4.79
C LEU L 63 -15.32 16.90 -6.17
N GLN L 64 -14.54 16.42 -7.14
CA GLN L 64 -15.05 16.27 -8.50
C GLN L 64 -16.26 15.37 -8.53
N GLU L 65 -16.24 14.31 -7.72
CA GLU L 65 -17.32 13.34 -7.72
C GLU L 65 -18.64 13.98 -7.31
N ASN L 66 -18.60 14.89 -6.35
CA ASN L 66 -19.80 15.58 -5.96
C ASN L 66 -20.25 16.52 -7.07
N PRO L 67 -21.55 16.62 -7.35
CA PRO L 67 -22.01 17.59 -8.34
C PRO L 67 -21.91 18.99 -7.80
N LYS L 68 -21.99 19.16 -6.49
CA LYS L 68 -22.00 20.46 -5.86
C LYS L 68 -20.57 20.89 -5.57
N GLY L 69 -19.78 20.97 -6.64
CA GLY L 69 -18.45 21.53 -6.57
C GLY L 69 -18.44 23.01 -6.33
N LEU L 70 -19.62 23.62 -6.23
CA LEU L 70 -19.79 24.98 -5.75
C LEU L 70 -19.81 25.05 -4.23
N ASP L 71 -19.73 23.92 -3.54
CA ASP L 71 -19.66 23.96 -2.09
C ASP L 71 -18.38 24.62 -1.63
N THR L 72 -17.26 24.32 -2.29
CA THR L 72 -16.03 25.01 -1.99
C THR L 72 -16.18 26.50 -2.24
N LEU L 73 -16.89 26.87 -3.31
CA LEU L 73 -17.11 28.28 -3.59
C LEU L 73 -17.91 28.94 -2.48
N VAL L 74 -18.99 28.28 -2.04
CA VAL L 74 -19.84 28.83 -0.99
C VAL L 74 -19.04 29.00 0.30
N GLU L 75 -18.25 27.99 0.64
CA GLU L 75 -17.38 28.10 1.81
C GLU L 75 -16.38 29.23 1.65
N SER L 76 -15.88 29.44 0.43
CA SER L 76 -14.85 30.43 0.19
C SER L 76 -15.29 31.83 0.56
N ILE L 77 -16.57 32.14 0.35
CA ILE L 77 -17.06 33.44 0.79
C ILE L 77 -16.93 33.58 2.29
N ARG L 78 -17.21 32.50 3.04
CA ARG L 78 -16.93 32.51 4.46
C ARG L 78 -15.41 32.59 4.67
N ARG L 79 -15.01 33.21 5.78
CA ARG L 79 -13.61 33.59 6.01
C ARG L 79 -13.15 34.55 4.92
N GLU L 80 -13.77 35.72 4.95
CA GLU L 80 -13.52 36.80 4.00
C GLU L 80 -12.11 37.34 4.07
N LYS L 81 -11.35 37.05 5.11
CA LYS L 81 -9.96 37.49 5.16
C LYS L 81 -9.19 36.98 3.95
N THR L 82 -9.33 35.70 3.63
CA THR L 82 -8.71 35.12 2.45
C THR L 82 -9.45 35.47 1.16
N GLN L 83 -10.62 36.11 1.26
CA GLN L 83 -11.44 36.22 0.07
C GLN L 83 -10.99 37.38 -0.80
N ASN L 84 -10.17 38.29 -0.28
CA ASN L 84 -9.70 39.40 -1.09
C ASN L 84 -9.12 38.89 -2.41
N PHE L 85 -8.37 37.79 -2.36
CA PHE L 85 -7.92 37.07 -3.54
C PHE L 85 -8.76 35.85 -3.85
N LEU L 86 -9.36 35.22 -2.85
CA LEU L 86 -10.03 33.98 -3.17
C LEU L 86 -11.34 34.26 -3.90
N ILE L 87 -11.88 35.47 -3.75
CA ILE L 87 -12.98 35.92 -4.60
C ILE L 87 -12.48 36.21 -5.99
N GLN L 88 -11.25 36.70 -6.13
CA GLN L 88 -10.64 36.71 -7.45
C GLN L 88 -10.62 35.29 -8.00
N LYS L 89 -10.43 34.32 -7.13
CA LYS L 89 -10.50 32.91 -7.54
C LYS L 89 -11.92 32.49 -7.88
N ILE L 90 -12.92 32.98 -7.16
CA ILE L 90 -14.28 32.60 -7.50
C ILE L 90 -14.68 33.22 -8.82
N THR L 91 -14.17 34.42 -9.10
CA THR L 91 -14.35 35.04 -10.42
C THR L 91 -13.65 34.22 -11.49
N ASP L 92 -12.44 33.76 -11.21
CA ASP L 92 -11.74 32.89 -12.15
C ASP L 92 -12.52 31.61 -12.38
N GLU L 93 -13.06 31.04 -11.31
CA GLU L 93 -13.87 29.84 -11.39
C GLU L 93 -15.11 30.06 -12.23
N VAL L 94 -15.80 31.18 -12.01
CA VAL L 94 -17.00 31.49 -12.76
C VAL L 94 -16.65 31.76 -14.21
N LEU L 95 -15.49 32.36 -14.47
CA LEU L 95 -15.06 32.58 -15.84
C LEU L 95 -14.82 31.27 -16.56
N LYS L 96 -14.12 30.33 -15.91
CA LYS L 96 -13.89 29.03 -16.52
C LYS L 96 -15.22 28.29 -16.72
N LEU L 97 -16.10 28.37 -15.73
CA LEU L 97 -17.40 27.74 -15.85
C LEU L 97 -18.20 28.33 -17.00
N ARG L 98 -18.13 29.65 -17.16
CA ARG L 98 -18.84 30.31 -18.26
C ARG L 98 -18.25 29.92 -19.60
N ASN L 99 -16.93 29.82 -19.70
CA ASN L 99 -16.31 29.37 -20.94
C ASN L 99 -16.77 27.97 -21.30
N ILE L 100 -16.75 27.07 -20.32
CA ILE L 100 -17.16 25.69 -20.59
C ILE L 100 -18.65 25.64 -20.91
N LYS L 101 -19.44 26.50 -20.27
CA LYS L 101 -20.87 26.56 -20.55
C LYS L 101 -21.11 27.03 -21.98
N LEU L 102 -20.37 28.04 -22.42
CA LEU L 102 -20.50 28.51 -23.79
C LEU L 102 -20.11 27.42 -24.77
N GLU L 103 -19.07 26.66 -24.44
CA GLU L 103 -18.74 25.49 -25.27
C GLU L 103 -19.88 24.49 -25.28
N HIS L 104 -20.52 24.29 -24.12
CA HIS L 104 -21.60 23.33 -24.01
C HIS L 104 -22.79 23.73 -24.88
N LEU L 105 -23.09 25.03 -24.92
CA LEU L 105 -24.17 25.51 -25.78
C LEU L 105 -23.86 25.24 -27.26
N LYS L 106 -22.62 25.48 -27.67
CA LYS L 106 -22.14 25.36 -29.06
C LYS L 106 -23.21 25.70 -30.10
N GLU M 1 -19.82 -25.42 24.77
CA GLU M 1 -19.91 -26.24 23.56
C GLU M 1 -18.64 -26.08 22.73
N GLU M 2 -17.75 -25.20 23.19
CA GLU M 2 -16.51 -24.87 22.50
C GLU M 2 -16.75 -24.25 21.14
N ASP M 3 -18.00 -23.85 20.85
CA ASP M 3 -18.33 -23.13 19.64
C ASP M 3 -18.70 -21.68 19.90
N LEU M 4 -18.89 -21.30 21.17
CA LEU M 4 -19.13 -19.90 21.49
C LEU M 4 -18.00 -19.02 20.97
N THR M 5 -16.79 -19.57 20.87
CA THR M 5 -15.70 -18.85 20.24
C THR M 5 -16.06 -18.48 18.81
N GLU M 6 -16.60 -19.44 18.06
CA GLU M 6 -16.97 -19.18 16.68
C GLU M 6 -18.10 -18.16 16.60
N VAL M 7 -19.11 -18.29 17.45
CA VAL M 7 -20.24 -17.37 17.36
C VAL M 7 -19.82 -15.98 17.81
N LYS M 8 -18.73 -15.89 18.57
CA LYS M 8 -18.20 -14.58 18.91
C LYS M 8 -17.78 -13.82 17.66
N LYS M 9 -17.20 -14.52 16.69
CA LYS M 9 -16.83 -13.87 15.43
C LYS M 9 -18.07 -13.35 14.70
N ASP M 10 -19.14 -14.15 14.68
CA ASP M 10 -20.37 -13.70 14.04
C ASP M 10 -20.93 -12.48 14.75
N ALA M 11 -20.92 -12.50 16.08
CA ALA M 11 -21.39 -11.34 16.82
C ALA M 11 -20.55 -10.11 16.51
N LEU M 12 -19.24 -10.29 16.41
CA LEU M 12 -18.36 -9.19 16.07
C LEU M 12 -18.70 -8.63 14.70
N GLU M 13 -18.87 -9.51 13.70
CA GLU M 13 -19.16 -9.04 12.36
C GLU M 13 -20.49 -8.31 12.30
N ASN M 14 -21.51 -8.85 12.99
CA ASN M 14 -22.77 -8.14 13.06
C ASN M 14 -22.60 -6.80 13.76
N LEU M 15 -21.64 -6.71 14.67
CA LEU M 15 -21.39 -5.49 15.43
C LEU M 15 -20.28 -4.65 14.83
N ARG M 16 -19.78 -5.03 13.65
CA ARG M 16 -18.70 -4.25 13.07
C ARG M 16 -19.14 -2.86 12.62
N VAL M 17 -20.44 -2.61 12.54
CA VAL M 17 -20.89 -1.25 12.27
C VAL M 17 -20.45 -0.31 13.39
N TYR M 18 -20.60 -0.75 14.64
CA TYR M 18 -20.22 0.08 15.78
C TYR M 18 -18.72 0.26 15.91
N LEU M 19 -17.93 -0.28 14.99
CA LEU M 19 -16.50 -0.02 14.97
C LEU M 19 -16.20 1.47 14.94
N CYS M 20 -16.81 2.20 13.99
CA CYS M 20 -16.42 3.57 13.74
C CYS M 20 -16.52 4.42 15.00
N GLU M 21 -17.48 4.11 15.87
CA GLU M 21 -17.69 4.96 17.04
C GLU M 21 -16.54 4.85 18.03
N LYS M 22 -16.32 3.67 18.60
CA LYS M 22 -15.37 3.56 19.69
C LYS M 22 -14.26 2.55 19.44
N ILE M 23 -13.81 2.41 18.20
CA ILE M 23 -12.51 1.77 18.03
C ILE M 23 -11.55 2.82 17.51
N ILE M 24 -12.01 4.07 17.46
CA ILE M 24 -11.09 5.19 17.26
C ILE M 24 -10.01 5.17 18.32
N ALA M 25 -10.33 4.62 19.47
CA ALA M 25 -9.37 4.35 20.54
C ALA M 25 -8.59 3.07 20.31
N GLU M 26 -8.47 2.61 19.07
CA GLU M 26 -7.69 1.39 18.80
C GLU M 26 -6.28 1.49 19.36
N ARG M 27 -5.49 2.45 18.89
CA ARG M 27 -4.15 2.58 19.44
C ARG M 27 -4.21 2.98 20.91
N HIS M 28 -5.26 3.69 21.31
CA HIS M 28 -5.43 4.10 22.70
C HIS M 28 -5.61 2.92 23.64
N PHE M 29 -6.19 1.83 23.17
CA PHE M 29 -6.56 0.69 24.00
C PHE M 29 -5.76 -0.54 23.71
N ASP M 30 -5.84 -1.04 22.48
CA ASP M 30 -5.41 -2.40 22.22
C ASP M 30 -3.92 -2.47 22.01
N HIS M 31 -3.33 -1.44 21.43
CA HIS M 31 -1.89 -1.45 21.20
C HIS M 31 -1.14 -1.53 22.52
N LEU M 32 -1.80 -1.21 23.63
CA LEU M 32 -1.16 -1.30 24.93
C LEU M 32 -1.71 -2.42 25.79
N ARG M 33 -2.94 -2.89 25.54
CA ARG M 33 -3.44 -4.05 26.23
C ARG M 33 -3.29 -5.34 25.45
N ALA M 34 -3.93 -5.45 24.30
CA ALA M 34 -4.00 -6.67 23.53
C ALA M 34 -2.65 -7.05 22.93
N LYS M 35 -1.58 -6.33 23.27
CA LYS M 35 -0.26 -6.81 22.90
C LYS M 35 0.04 -8.12 23.61
N LYS M 36 -0.71 -8.41 24.68
CA LYS M 36 -0.74 -9.72 25.30
C LYS M 36 -1.17 -10.81 24.31
N ILE M 37 -1.95 -10.43 23.30
CA ILE M 37 -2.42 -11.35 22.26
C ILE M 37 -2.00 -10.90 20.86
N LEU M 38 -2.14 -9.61 20.57
CA LEU M 38 -1.81 -9.12 19.24
C LEU M 38 -0.31 -9.13 19.01
N SER M 39 0.09 -9.37 17.76
CA SER M 39 1.49 -9.34 17.40
C SER M 39 2.04 -7.92 17.49
N ARG M 40 3.33 -7.83 17.85
CA ARG M 40 3.95 -6.51 18.01
C ARG M 40 3.96 -5.77 16.69
N GLU M 41 4.41 -6.43 15.62
CA GLU M 41 4.41 -5.76 14.33
C GLU M 41 2.98 -5.47 13.88
N ASP M 42 2.03 -6.29 14.33
CA ASP M 42 0.65 -6.09 13.90
C ASP M 42 0.16 -4.71 14.31
N THR M 43 0.63 -4.20 15.45
CA THR M 43 0.32 -2.83 15.81
C THR M 43 0.85 -1.87 14.76
N GLU M 44 2.09 -2.08 14.29
CA GLU M 44 2.64 -1.23 13.26
C GLU M 44 1.86 -1.36 11.96
N GLU M 45 1.47 -2.59 11.60
CA GLU M 45 0.68 -2.76 10.39
C GLU M 45 -0.65 -2.03 10.49
N ILE M 46 -1.30 -2.12 11.64
CA ILE M 46 -2.56 -1.42 11.84
C ILE M 46 -2.35 0.08 11.70
N SER M 47 -1.33 0.62 12.35
CA SER M 47 -1.24 2.06 12.51
C SER M 47 -0.60 2.76 11.32
N CYS M 48 0.42 2.17 10.71
CA CYS M 48 1.33 2.93 9.86
C CYS M 48 0.63 3.51 8.65
N GLN M 49 -0.07 2.67 7.89
CA GLN M 49 -0.65 3.08 6.62
C GLN M 49 -2.13 2.70 6.59
N THR M 50 -2.98 3.59 7.08
CA THR M 50 -4.42 3.45 6.91
C THR M 50 -5.02 4.84 7.13
N SER M 51 -6.33 4.91 7.34
CA SER M 51 -7.02 6.19 7.47
C SER M 51 -7.93 6.20 8.69
N SER M 52 -7.46 5.60 9.79
CA SER M 52 -8.00 5.79 11.14
C SER M 52 -9.40 5.20 11.34
N ARG M 53 -10.06 4.72 10.29
CA ARG M 53 -11.27 3.93 10.53
C ARG M 53 -11.06 2.53 10.02
N LYS M 54 -10.67 2.41 8.75
CA LYS M 54 -10.27 1.15 8.16
C LYS M 54 -9.18 0.55 9.03
N ARG M 55 -8.41 1.41 9.68
CA ARG M 55 -7.42 0.96 10.64
C ARG M 55 -8.07 0.11 11.72
N ALA M 56 -9.17 0.60 12.29
CA ALA M 56 -9.92 -0.20 13.26
C ALA M 56 -10.50 -1.44 12.61
N GLY M 57 -10.83 -1.35 11.33
CA GLY M 57 -11.33 -2.53 10.65
C GLY M 57 -10.32 -3.65 10.61
N LYS M 58 -9.07 -3.31 10.27
CA LYS M 58 -8.01 -4.30 10.29
C LYS M 58 -7.75 -4.80 11.70
N LEU M 59 -7.88 -3.90 12.68
CA LEU M 59 -7.76 -4.36 14.07
C LEU M 59 -8.77 -5.44 14.39
N LEU M 60 -10.04 -5.19 14.11
CA LEU M 60 -11.06 -6.19 14.39
C LEU M 60 -10.91 -7.44 13.55
N ASP M 61 -10.41 -7.31 12.32
CA ASP M 61 -10.12 -8.48 11.52
C ASP M 61 -9.07 -9.35 12.17
N TYR M 62 -8.02 -8.73 12.72
CA TYR M 62 -7.05 -9.50 13.49
C TYR M 62 -7.66 -10.07 14.76
N LEU M 63 -8.64 -9.38 15.34
CA LEU M 63 -9.29 -9.85 16.54
C LEU M 63 -10.18 -11.07 16.32
N GLN M 64 -10.86 -11.14 15.17
CA GLN M 64 -11.79 -12.24 14.93
C GLN M 64 -11.08 -13.58 15.03
N GLU M 65 -9.84 -13.64 14.55
CA GLU M 65 -9.11 -14.90 14.53
C GLU M 65 -8.88 -15.42 15.94
N ASN M 66 -8.61 -14.52 16.89
CA ASN M 66 -8.45 -14.95 18.27
C ASN M 66 -9.79 -15.40 18.83
N PRO M 67 -9.81 -16.47 19.62
CA PRO M 67 -11.07 -16.86 20.26
C PRO M 67 -11.44 -15.91 21.37
N LYS M 68 -10.43 -15.26 21.97
CA LYS M 68 -10.65 -14.40 23.12
C LYS M 68 -10.92 -12.98 22.62
N GLY M 69 -11.98 -12.85 21.83
CA GLY M 69 -12.48 -11.57 21.41
C GLY M 69 -13.11 -10.78 22.54
N LEU M 70 -13.12 -11.36 23.73
CA LEU M 70 -13.47 -10.66 24.95
C LEU M 70 -12.28 -9.92 25.53
N ASP M 71 -11.10 -10.04 24.91
CA ASP M 71 -9.95 -9.27 25.39
C ASP M 71 -10.18 -7.78 25.21
N THR M 72 -10.76 -7.39 24.07
CA THR M 72 -11.14 -6.00 23.89
C THR M 72 -12.13 -5.57 24.96
N LEU M 73 -13.07 -6.45 25.29
CA LEU M 73 -14.04 -6.13 26.34
C LEU M 73 -13.34 -5.91 27.68
N VAL M 74 -12.43 -6.81 28.03
CA VAL M 74 -11.72 -6.71 29.29
C VAL M 74 -10.92 -5.43 29.35
N GLU M 75 -10.23 -5.10 28.27
CA GLU M 75 -9.51 -3.84 28.18
C GLU M 75 -10.44 -2.65 28.30
N SER M 76 -11.64 -2.77 27.74
CA SER M 76 -12.57 -1.65 27.71
C SER M 76 -12.96 -1.19 29.09
N ILE M 77 -13.06 -2.12 30.04
CA ILE M 77 -13.33 -1.71 31.42
C ILE M 77 -12.21 -0.83 31.94
N ARG M 78 -10.97 -1.17 31.61
CA ARG M 78 -9.87 -0.26 31.91
C ARG M 78 -10.03 1.01 31.08
N ARG M 79 -9.54 2.12 31.64
CA ARG M 79 -9.81 3.45 31.11
C ARG M 79 -11.32 3.71 31.14
N GLU M 80 -11.83 3.79 32.36
CA GLU M 80 -13.25 3.99 32.64
C GLU M 80 -13.77 5.35 32.17
N LYS M 81 -12.88 6.29 31.84
CA LYS M 81 -13.35 7.56 31.30
C LYS M 81 -14.20 7.34 30.06
N THR M 82 -13.72 6.51 29.14
CA THR M 82 -14.47 6.16 27.94
C THR M 82 -15.58 5.15 28.22
N GLN M 83 -15.63 4.59 29.43
CA GLN M 83 -16.51 3.45 29.62
C GLN M 83 -17.93 3.88 29.88
N ASN M 84 -18.16 5.17 30.18
CA ASN M 84 -19.53 5.63 30.39
C ASN M 84 -20.43 5.22 29.23
N PHE M 85 -19.92 5.32 28.01
CA PHE M 85 -20.57 4.77 26.82
C PHE M 85 -19.99 3.44 26.37
N LEU M 86 -18.71 3.18 26.65
CA LEU M 86 -18.16 1.97 26.07
C LEU M 86 -18.67 0.75 26.85
N ILE M 87 -19.11 0.96 28.08
CA ILE M 87 -19.85 -0.09 28.81
C ILE M 87 -21.23 -0.24 28.23
N GLN M 88 -21.84 0.85 27.77
CA GLN M 88 -23.04 0.69 26.94
C GLN M 88 -22.71 -0.19 25.75
N LYS M 89 -21.49 -0.06 25.24
CA LYS M 89 -21.04 -0.94 24.15
C LYS M 89 -20.81 -2.36 24.62
N ILE M 90 -20.32 -2.56 25.84
CA ILE M 90 -20.13 -3.94 26.30
C ILE M 90 -21.48 -4.58 26.55
N THR M 91 -22.46 -3.79 26.99
CA THR M 91 -23.83 -4.29 27.09
C THR M 91 -24.38 -4.63 25.72
N ASP M 92 -24.12 -3.78 24.73
CA ASP M 92 -24.54 -4.09 23.36
C ASP M 92 -23.88 -5.36 22.87
N GLU M 93 -22.59 -5.51 23.16
CA GLU M 93 -21.83 -6.70 22.79
C GLU M 93 -22.42 -7.94 23.45
N VAL M 94 -22.71 -7.86 24.74
CA VAL M 94 -23.28 -8.99 25.46
C VAL M 94 -24.67 -9.30 24.93
N LEU M 95 -25.43 -8.26 24.55
CA LEU M 95 -26.75 -8.50 23.98
C LEU M 95 -26.65 -9.25 22.66
N LYS M 96 -25.74 -8.83 21.78
CA LYS M 96 -25.56 -9.52 20.51
C LYS M 96 -25.07 -10.95 20.76
N LEU M 97 -24.15 -11.12 21.70
CA LEU M 97 -23.64 -12.44 22.02
C LEU M 97 -24.75 -13.33 22.56
N ARG M 98 -25.63 -12.76 23.39
CA ARG M 98 -26.75 -13.53 23.92
C ARG M 98 -27.73 -13.90 22.84
N ASN M 99 -28.00 -12.98 21.90
CA ASN M 99 -28.88 -13.31 20.79
C ASN M 99 -28.31 -14.45 19.96
N ILE M 100 -27.03 -14.37 19.65
CA ILE M 100 -26.41 -15.41 18.84
C ILE M 100 -26.36 -16.72 19.62
N LYS M 101 -26.17 -16.64 20.94
CA LYS M 101 -26.16 -17.83 21.78
C LYS M 101 -27.54 -18.49 21.80
N LEU M 102 -28.59 -17.68 21.89
CA LEU M 102 -29.95 -18.23 21.84
C LEU M 102 -30.21 -18.89 20.50
N GLU M 103 -29.73 -18.28 19.41
CA GLU M 103 -29.81 -18.93 18.11
C GLU M 103 -29.04 -20.25 18.12
N HIS M 104 -27.87 -20.27 18.76
CA HIS M 104 -27.05 -21.47 18.80
C HIS M 104 -27.76 -22.60 19.53
N LEU M 105 -28.46 -22.28 20.62
CA LEU M 105 -29.22 -23.30 21.34
C LEU M 105 -30.33 -23.88 20.47
N LYS M 106 -31.02 -23.03 19.72
CA LYS M 106 -32.17 -23.39 18.87
C LYS M 106 -33.01 -24.55 19.43
N GLU N 1 39.35 -18.94 0.87
CA GLU N 1 38.86 -19.94 -0.07
C GLU N 1 37.89 -19.31 -1.05
N GLU N 2 37.62 -18.02 -0.85
CA GLU N 2 36.67 -17.24 -1.64
C GLU N 2 35.25 -17.79 -1.54
N ASP N 3 35.01 -18.69 -0.59
CA ASP N 3 33.68 -19.19 -0.32
C ASP N 3 33.13 -18.69 1.01
N LEU N 4 33.96 -18.07 1.84
CA LEU N 4 33.46 -17.46 3.06
C LEU N 4 32.36 -16.46 2.78
N THR N 5 32.40 -15.83 1.60
CA THR N 5 31.30 -14.98 1.18
C THR N 5 30.00 -15.76 1.16
N GLU N 6 30.02 -16.96 0.57
CA GLU N 6 28.82 -17.77 0.49
C GLU N 6 28.35 -18.21 1.87
N VAL N 7 29.29 -18.63 2.73
CA VAL N 7 28.87 -19.11 4.04
C VAL N 7 28.38 -17.95 4.90
N LYS N 8 28.77 -16.72 4.55
CA LYS N 8 28.20 -15.57 5.23
C LYS N 8 26.70 -15.51 5.04
N LYS N 9 26.22 -15.84 3.84
CA LYS N 9 24.78 -15.86 3.61
C LYS N 9 24.10 -16.90 4.49
N ASP N 10 24.71 -18.08 4.61
CA ASP N 10 24.13 -19.12 5.46
C ASP N 10 24.11 -18.66 6.91
N ALA N 11 25.18 -18.03 7.37
CA ALA N 11 25.21 -17.52 8.74
C ALA N 11 24.12 -16.47 8.93
N LEU N 12 23.93 -15.60 7.94
CA LEU N 12 22.88 -14.60 8.02
C LEU N 12 21.50 -15.26 8.13
N GLU N 13 21.24 -16.24 7.28
CA GLU N 13 19.93 -16.89 7.30
C GLU N 13 19.70 -17.59 8.63
N ASN N 14 20.71 -18.29 9.15
CA ASN N 14 20.58 -18.89 10.48
C ASN N 14 20.35 -17.83 11.52
N LEU N 15 20.88 -16.63 11.30
CA LEU N 15 20.77 -15.54 12.25
C LEU N 15 19.61 -14.60 11.92
N ARG N 16 18.79 -14.94 10.92
CA ARG N 16 17.71 -14.05 10.56
C ARG N 16 16.64 -13.96 11.64
N VAL N 17 16.64 -14.88 12.61
CA VAL N 17 15.72 -14.72 13.73
C VAL N 17 16.02 -13.45 14.51
N TYR N 18 17.31 -13.17 14.74
CA TYR N 18 17.69 -11.97 15.47
C TYR N 18 17.45 -10.69 14.70
N LEU N 19 16.88 -10.77 13.50
CA LEU N 19 16.48 -9.58 12.76
C LEU N 19 15.56 -8.69 13.60
N CYS N 20 14.49 -9.28 14.14
CA CYS N 20 13.44 -8.47 14.76
C CYS N 20 13.99 -7.57 15.84
N GLU N 21 15.02 -8.02 16.55
CA GLU N 21 15.52 -7.25 17.69
C GLU N 21 16.18 -5.96 17.23
N LYS N 22 17.28 -6.06 16.48
CA LYS N 22 18.07 -4.87 16.20
C LYS N 22 18.26 -4.62 14.71
N ILE N 23 17.26 -4.92 13.89
CA ILE N 23 17.28 -4.30 12.57
C ILE N 23 16.10 -3.35 12.50
N ILE N 24 15.42 -3.15 13.64
CA ILE N 24 14.49 -2.05 13.76
C ILE N 24 15.18 -0.74 13.43
N ALA N 25 16.48 -0.69 13.66
CA ALA N 25 17.32 0.42 13.26
C ALA N 25 17.74 0.32 11.81
N GLU N 26 16.98 -0.37 10.96
CA GLU N 26 17.32 -0.46 9.55
C GLU N 26 17.50 0.92 8.91
N ARG N 27 16.45 1.72 8.91
CA ARG N 27 16.59 3.07 8.35
C ARG N 27 17.56 3.90 9.18
N HIS N 28 17.64 3.60 10.48
CA HIS N 28 18.56 4.31 11.36
C HIS N 28 20.02 4.09 11.00
N PHE N 29 20.35 2.93 10.45
CA PHE N 29 21.73 2.54 10.21
C PHE N 29 22.07 2.45 8.73
N ASP N 30 21.37 1.59 8.01
CA ASP N 30 21.87 1.17 6.71
C ASP N 30 21.50 2.18 5.64
N HIS N 31 20.34 2.81 5.77
CA HIS N 31 19.93 3.79 4.77
C HIS N 31 20.92 4.94 4.70
N LEU N 32 21.73 5.11 5.74
CA LEU N 32 22.73 6.17 5.74
C LEU N 32 24.15 5.65 5.63
N ARG N 33 24.41 4.39 5.99
CA ARG N 33 25.72 3.81 5.75
C ARG N 33 25.81 2.97 4.49
N ALA N 34 25.03 1.90 4.42
CA ALA N 34 25.12 0.94 3.34
C ALA N 34 24.64 1.49 2.02
N LYS N 35 24.32 2.79 1.95
CA LYS N 35 24.07 3.40 0.66
C LYS N 35 25.35 3.37 -0.18
N LYS N 36 26.49 3.18 0.48
CA LYS N 36 27.74 2.85 -0.19
C LYS N 36 27.62 1.57 -1.01
N ILE N 37 26.73 0.67 -0.62
CA ILE N 37 26.50 -0.59 -1.34
C ILE N 37 25.05 -0.73 -1.78
N LEU N 38 24.10 -0.39 -0.91
CA LEU N 38 22.69 -0.55 -1.25
C LEU N 38 22.26 0.48 -2.29
N SER N 39 21.33 0.09 -3.14
CA SER N 39 20.79 0.99 -4.15
C SER N 39 19.96 2.09 -3.49
N ARG N 40 19.99 3.28 -4.10
CA ARG N 40 19.28 4.42 -3.54
C ARG N 40 17.78 4.15 -3.51
N GLU N 41 17.22 3.68 -4.62
CA GLU N 41 15.80 3.36 -4.63
C GLU N 41 15.51 2.21 -3.68
N ASP N 42 16.49 1.33 -3.48
CA ASP N 42 16.26 0.18 -2.62
C ASP N 42 15.89 0.62 -1.22
N THR N 43 16.45 1.74 -0.77
CA THR N 43 16.00 2.30 0.50
C THR N 43 14.52 2.64 0.46
N GLU N 44 14.07 3.26 -0.63
CA GLU N 44 12.65 3.58 -0.77
C GLU N 44 11.81 2.30 -0.83
N GLU N 45 12.28 1.28 -1.56
CA GLU N 45 11.52 0.05 -1.61
C GLU N 45 11.41 -0.58 -0.23
N ILE N 46 12.50 -0.57 0.53
CA ILE N 46 12.46 -1.12 1.88
C ILE N 46 11.47 -0.36 2.73
N SER N 47 11.53 0.97 2.69
CA SER N 47 10.82 1.77 3.68
C SER N 47 9.35 2.00 3.34
N CYS N 48 9.04 2.22 2.06
CA CYS N 48 7.77 2.86 1.71
C CYS N 48 6.58 2.01 2.12
N GLN N 49 6.55 0.75 1.71
CA GLN N 49 5.38 -0.10 1.92
C GLN N 49 5.83 -1.41 2.57
N THR N 50 5.86 -1.43 3.89
CA THR N 50 6.04 -2.66 4.65
C THR N 50 5.51 -2.39 6.06
N SER N 51 5.86 -3.24 7.02
CA SER N 51 5.34 -3.12 8.38
C SER N 51 6.48 -3.24 9.40
N SER N 52 7.63 -2.64 9.09
CA SER N 52 8.69 -2.33 10.03
C SER N 52 9.42 -3.55 10.58
N ARG N 53 8.97 -4.77 10.30
CA ARG N 53 9.80 -5.91 10.59
C ARG N 53 10.16 -6.64 9.31
N LYS N 54 9.13 -6.99 8.55
CA LYS N 54 9.31 -7.54 7.21
C LYS N 54 10.17 -6.58 6.42
N ARG N 55 10.08 -5.30 6.76
CA ARG N 55 10.94 -4.29 6.15
C ARG N 55 12.41 -4.66 6.38
N ALA N 56 12.77 -5.01 7.60
CA ALA N 56 14.12 -5.46 7.88
C ALA N 56 14.41 -6.77 7.16
N GLY N 57 13.38 -7.60 6.97
CA GLY N 57 13.57 -8.83 6.24
C GLY N 57 14.02 -8.58 4.82
N LYS N 58 13.34 -7.65 4.14
CA LYS N 58 13.74 -7.29 2.79
C LYS N 58 15.12 -6.65 2.79
N LEU N 59 15.43 -5.87 3.83
CA LEU N 59 16.78 -5.33 3.93
C LEU N 59 17.83 -6.43 3.95
N LEU N 60 17.66 -7.42 4.82
CA LEU N 60 18.63 -8.51 4.88
C LEU N 60 18.63 -9.36 3.62
N ASP N 61 17.48 -9.50 2.95
CA ASP N 61 17.45 -10.20 1.68
C ASP N 61 18.31 -9.47 0.65
N TYR N 62 18.22 -8.14 0.61
CA TYR N 62 19.12 -7.40 -0.25
C TYR N 62 20.57 -7.52 0.18
N LEU N 63 20.80 -7.67 1.48
CA LEU N 63 22.15 -7.80 2.00
C LEU N 63 22.81 -9.14 1.65
N GLN N 64 22.04 -10.22 1.63
CA GLN N 64 22.62 -11.53 1.37
C GLN N 64 23.35 -11.56 0.03
N GLU N 65 22.79 -10.88 -0.97
CA GLU N 65 23.38 -10.90 -2.30
C GLU N 65 24.77 -10.28 -2.30
N ASN N 66 24.98 -9.24 -1.51
CA ASN N 66 26.30 -8.66 -1.42
C ASN N 66 27.23 -9.61 -0.68
N PRO N 67 28.47 -9.75 -1.13
CA PRO N 67 29.43 -10.57 -0.37
C PRO N 67 29.84 -9.90 0.91
N LYS N 68 29.80 -8.56 0.94
CA LYS N 68 30.26 -7.80 2.08
C LYS N 68 29.10 -7.58 3.04
N GLY N 69 28.56 -8.72 3.51
CA GLY N 69 27.59 -8.71 4.57
C GLY N 69 28.14 -8.29 5.91
N LEU N 70 29.44 -8.02 5.95
CA LEU N 70 30.08 -7.37 7.09
C LEU N 70 29.93 -5.86 7.04
N ASP N 71 29.31 -5.32 6.00
CA ASP N 71 29.07 -3.88 5.97
C ASP N 71 28.11 -3.47 7.08
N THR N 72 27.07 -4.26 7.31
CA THR N 72 26.20 -4.00 8.44
C THR N 72 26.98 -4.05 9.74
N LEU N 73 27.90 -5.01 9.86
CA LEU N 73 28.72 -5.10 11.05
C LEU N 73 29.56 -3.85 11.25
N VAL N 74 30.21 -3.40 10.18
CA VAL N 74 31.06 -2.21 10.25
C VAL N 74 30.24 -1.01 10.64
N GLU N 75 29.06 -0.86 10.05
CA GLU N 75 28.16 0.23 10.43
C GLU N 75 27.73 0.11 11.88
N SER N 76 27.54 -1.11 12.35
CA SER N 76 27.03 -1.34 13.70
C SER N 76 27.96 -0.76 14.75
N ILE N 77 29.27 -0.81 14.52
CA ILE N 77 30.19 -0.18 15.46
C ILE N 77 29.92 1.31 15.54
N ARG N 78 29.65 1.94 14.40
CA ARG N 78 29.20 3.32 14.45
C ARG N 78 27.84 3.40 15.13
N ARG N 79 27.57 4.53 15.78
CA ARG N 79 26.44 4.67 16.69
C ARG N 79 26.56 3.66 17.83
N GLU N 80 27.59 3.89 18.64
CA GLU N 80 27.93 3.04 19.77
C GLU N 80 26.86 3.04 20.86
N LYS N 81 25.92 3.97 20.84
CA LYS N 81 24.83 3.94 21.81
C LYS N 81 24.10 2.60 21.75
N THR N 82 23.74 2.16 20.55
CA THR N 82 23.11 0.86 20.36
C THR N 82 24.09 -0.30 20.46
N GLN N 83 25.39 -0.02 20.54
CA GLN N 83 26.33 -1.11 20.38
C GLN N 83 26.52 -1.87 21.68
N ASN N 84 26.08 -1.33 22.81
CA ASN N 84 26.21 -2.05 24.07
C ASN N 84 25.66 -3.47 23.94
N PHE N 85 24.52 -3.60 23.25
CA PHE N 85 23.98 -4.91 22.86
C PHE N 85 24.28 -5.27 21.42
N LEU N 86 24.44 -4.30 20.53
CA LEU N 86 24.58 -4.70 19.15
C LEU N 86 25.98 -5.27 18.91
N ILE N 87 26.93 -4.93 19.76
CA ILE N 87 28.23 -5.61 19.77
C ILE N 87 28.08 -7.01 20.33
N GLN N 88 27.19 -7.19 21.31
CA GLN N 88 26.82 -8.56 21.66
C GLN N 88 26.29 -9.27 20.41
N LYS N 89 25.61 -8.54 19.55
CA LYS N 89 25.15 -9.10 18.28
C LYS N 89 26.31 -9.35 17.32
N ILE N 90 27.32 -8.49 17.31
CA ILE N 90 28.44 -8.75 16.40
C ILE N 90 29.23 -9.94 16.90
N THR N 91 29.29 -10.12 18.22
CA THR N 91 29.89 -11.33 18.78
C THR N 91 29.06 -12.56 18.41
N ASP N 92 27.73 -12.45 18.47
CA ASP N 92 26.87 -13.54 18.04
C ASP N 92 27.09 -13.85 16.57
N GLU N 93 27.21 -12.80 15.75
CA GLU N 93 27.46 -12.94 14.33
C GLU N 93 28.79 -13.64 14.08
N VAL N 94 29.83 -13.22 14.79
CA VAL N 94 31.14 -13.82 14.62
C VAL N 94 31.13 -15.26 15.10
N LEU N 95 30.36 -15.54 16.15
CA LEU N 95 30.24 -16.93 16.62
C LEU N 95 29.58 -17.80 15.57
N LYS N 96 28.49 -17.34 14.98
CA LYS N 96 27.84 -18.11 13.93
C LYS N 96 28.75 -18.27 12.72
N LEU N 97 29.46 -17.20 12.36
CA LEU N 97 30.39 -17.27 11.24
C LEU N 97 31.51 -18.26 11.53
N ARG N 98 32.01 -18.28 12.76
CA ARG N 98 33.05 -19.21 13.14
C ARG N 98 32.54 -20.64 13.12
N ASN N 99 31.32 -20.87 13.58
CA ASN N 99 30.74 -22.21 13.53
C ASN N 99 30.64 -22.69 12.09
N ILE N 100 30.13 -21.82 11.21
CA ILE N 100 29.97 -22.21 9.81
C ILE N 100 31.33 -22.40 9.16
N LYS N 101 32.32 -21.58 9.57
CA LYS N 101 33.67 -21.72 9.04
C LYS N 101 34.28 -23.06 9.46
N LEU N 102 34.07 -23.45 10.72
CA LEU N 102 34.56 -24.73 11.18
C LEU N 102 33.90 -25.87 10.42
N GLU N 103 32.60 -25.75 10.14
CA GLU N 103 31.94 -26.71 9.28
C GLU N 103 32.56 -26.73 7.90
N HIS N 104 32.90 -25.55 7.37
CA HIS N 104 33.48 -25.44 6.04
C HIS N 104 34.83 -26.15 5.96
N LEU N 105 35.64 -26.01 7.02
CA LEU N 105 36.92 -26.71 7.05
C LEU N 105 36.73 -28.23 7.04
N LYS N 106 35.75 -28.72 7.80
CA LYS N 106 35.47 -30.15 7.98
C LYS N 106 36.71 -31.05 7.91
N GLU O 1 6.13 17.25 -40.73
CA GLU O 1 6.03 15.98 -41.44
C GLU O 1 5.06 15.06 -40.73
N GLU O 2 4.54 15.53 -39.60
CA GLU O 2 3.63 14.76 -38.74
C GLU O 2 4.28 13.51 -38.18
N ASP O 3 5.60 13.39 -38.31
CA ASP O 3 6.34 12.29 -37.72
C ASP O 3 7.23 12.75 -36.57
N LEU O 4 7.38 14.06 -36.38
CA LEU O 4 8.11 14.56 -35.22
C LEU O 4 7.51 14.03 -33.92
N THR O 5 6.21 13.77 -33.92
CA THR O 5 5.58 13.11 -32.78
C THR O 5 6.26 11.77 -32.51
N GLU O 6 6.46 10.97 -33.56
CA GLU O 6 7.08 9.67 -33.38
C GLU O 6 8.52 9.80 -32.91
N VAL O 7 9.27 10.73 -33.50
CA VAL O 7 10.67 10.85 -33.11
C VAL O 7 10.79 11.41 -31.71
N LYS O 8 9.74 12.07 -31.22
CA LYS O 8 9.73 12.50 -29.83
C LYS O 8 9.83 11.30 -28.90
N LYS O 9 9.14 10.21 -29.24
CA LYS O 9 9.24 9.00 -28.42
C LYS O 9 10.65 8.46 -28.40
N ASP O 10 11.31 8.45 -29.57
CA ASP O 10 12.69 7.98 -29.62
C ASP O 10 13.59 8.87 -28.79
N ALA O 11 13.40 10.18 -28.88
CA ALA O 11 14.20 11.09 -28.06
C ALA O 11 13.96 10.83 -26.58
N LEU O 12 12.71 10.59 -26.21
CA LEU O 12 12.40 10.29 -24.82
C LEU O 12 13.11 9.03 -24.36
N GLU O 13 13.04 7.97 -25.16
CA GLU O 13 13.67 6.71 -24.78
C GLU O 13 15.18 6.86 -24.65
N ASN O 14 15.80 7.57 -25.60
CA ASN O 14 17.22 7.85 -25.48
C ASN O 14 17.51 8.67 -24.23
N LEU O 15 16.55 9.49 -23.82
CA LEU O 15 16.71 10.35 -22.65
C LEU O 15 16.11 9.74 -21.39
N ARG O 16 15.67 8.48 -21.45
CA ARG O 16 15.07 7.88 -20.28
C ARG O 16 16.08 7.65 -19.16
N VAL O 17 17.37 7.72 -19.45
CA VAL O 17 18.36 7.64 -18.38
C VAL O 17 18.19 8.81 -17.43
N TYR O 18 17.99 10.01 -17.96
CA TYR O 18 17.82 11.20 -17.13
C TYR O 18 16.52 11.21 -16.35
N LEU O 19 15.70 10.16 -16.47
CA LEU O 19 14.51 10.03 -15.64
C LEU O 19 14.84 10.14 -14.16
N CYS O 20 15.80 9.34 -13.70
CA CYS O 20 16.03 9.20 -12.26
C CYS O 20 16.29 10.54 -11.61
N GLU O 21 16.92 11.47 -12.33
CA GLU O 21 17.30 12.74 -11.72
C GLU O 21 16.09 13.60 -11.41
N LYS O 22 15.34 14.01 -12.43
CA LYS O 22 14.28 14.99 -12.21
C LYS O 22 12.92 14.51 -12.66
N ILE O 23 12.60 13.24 -12.52
CA ILE O 23 11.20 12.88 -12.57
C ILE O 23 10.81 12.38 -11.19
N ILE O 24 11.74 12.52 -10.24
CA ILE O 24 11.38 12.36 -8.82
C ILE O 24 10.24 13.30 -8.47
N ALA O 25 10.16 14.42 -9.19
CA ALA O 25 9.06 15.35 -9.10
C ALA O 25 7.86 14.91 -9.93
N GLU O 26 7.73 13.62 -10.22
CA GLU O 26 6.58 13.15 -10.99
C GLU O 26 5.26 13.58 -10.37
N ARG O 27 4.98 13.15 -9.14
CA ARG O 27 3.75 13.57 -8.50
C ARG O 27 3.77 15.08 -8.25
N HIS O 28 4.95 15.65 -8.06
CA HIS O 28 5.09 17.08 -7.84
C HIS O 28 4.65 17.90 -9.04
N PHE O 29 4.81 17.37 -10.25
CA PHE O 29 4.59 18.11 -11.48
C PHE O 29 3.41 17.60 -12.26
N ASP O 30 3.44 16.35 -12.67
CA ASP O 30 2.55 15.90 -13.72
C ASP O 30 1.19 15.55 -13.17
N HIS O 31 1.15 15.02 -11.95
CA HIS O 31 -0.14 14.66 -11.37
C HIS O 31 -1.03 15.88 -11.21
N LEU O 32 -0.44 17.07 -11.26
CA LEU O 32 -1.23 18.29 -11.15
C LEU O 32 -1.29 19.08 -12.45
N ARG O 33 -0.33 18.90 -13.36
CA ARG O 33 -0.44 19.51 -14.68
C ARG O 33 -0.98 18.57 -15.74
N ALA O 34 -0.29 17.48 -16.02
CA ALA O 34 -0.62 16.59 -17.12
C ALA O 34 -1.91 15.84 -16.88
N LYS O 35 -2.64 16.14 -15.81
CA LYS O 35 -3.98 15.60 -15.68
C LYS O 35 -4.87 16.14 -16.79
N LYS O 36 -4.44 17.23 -17.43
CA LYS O 36 -5.02 17.70 -18.67
C LYS O 36 -4.93 16.64 -19.77
N ILE O 37 -3.93 15.76 -19.69
CA ILE O 37 -3.75 14.68 -20.66
C ILE O 37 -3.76 13.31 -19.99
N LEU O 38 -3.08 13.16 -18.86
CA LEU O 38 -3.01 11.87 -18.19
C LEU O 38 -4.34 11.50 -17.56
N SER O 39 -4.64 10.21 -17.54
CA SER O 39 -5.85 9.72 -16.92
C SER O 39 -5.81 9.90 -15.41
N ARG O 40 -6.98 10.16 -14.82
CA ARG O 40 -7.04 10.40 -13.39
C ARG O 40 -6.59 9.18 -12.61
N GLU O 41 -7.11 8.00 -12.97
CA GLU O 41 -6.68 6.78 -12.29
C GLU O 41 -5.21 6.51 -12.57
N ASP O 42 -4.73 6.96 -13.73
CA ASP O 42 -3.34 6.69 -14.09
C ASP O 42 -2.40 7.30 -13.06
N THR O 43 -2.78 8.43 -12.48
CA THR O 43 -2.00 8.97 -11.37
C THR O 43 -1.95 7.98 -10.22
N GLU O 44 -3.10 7.39 -9.88
CA GLU O 44 -3.13 6.39 -8.82
C GLU O 44 -2.30 5.17 -9.17
N GLU O 45 -2.38 4.72 -10.42
CA GLU O 45 -1.58 3.56 -10.83
C GLU O 45 -0.10 3.88 -10.72
N ILE O 46 0.30 5.07 -11.13
CA ILE O 46 1.70 5.46 -11.02
C ILE O 46 2.14 5.47 -9.57
N SER O 47 1.34 6.09 -8.70
CA SER O 47 1.80 6.38 -7.36
C SER O 47 1.66 5.22 -6.38
N CYS O 48 0.57 4.46 -6.47
CA CYS O 48 0.16 3.62 -5.36
C CYS O 48 1.19 2.54 -5.04
N GLN O 49 1.59 1.77 -6.03
CA GLN O 49 2.45 0.61 -5.82
C GLN O 49 3.63 0.68 -6.77
N THR O 50 4.71 1.34 -6.34
CA THR O 50 5.99 1.30 -7.04
C THR O 50 7.05 1.72 -6.04
N SER O 51 8.24 2.06 -6.52
CA SER O 51 9.36 2.40 -5.64
C SER O 51 10.03 3.69 -6.08
N SER O 52 9.23 4.67 -6.51
CA SER O 52 9.61 6.07 -6.63
C SER O 52 10.61 6.35 -7.76
N ARG O 53 11.16 5.32 -8.41
CA ARG O 53 11.91 5.58 -9.63
C ARG O 53 11.23 4.90 -10.79
N LYS O 54 11.00 3.59 -10.65
CA LYS O 54 10.21 2.84 -11.61
C LYS O 54 8.87 3.52 -11.78
N ARG O 55 8.42 4.18 -10.71
CA ARG O 55 7.22 5.00 -10.77
C ARG O 55 7.34 6.04 -11.88
N ALA O 56 8.45 6.75 -11.91
CA ALA O 56 8.69 7.70 -13.00
C ALA O 56 8.80 6.98 -14.34
N GLY O 57 9.31 5.75 -14.32
CA GLY O 57 9.38 4.99 -15.54
C GLY O 57 8.02 4.74 -16.14
N LYS O 58 7.07 4.32 -15.32
CA LYS O 58 5.71 4.12 -15.78
C LYS O 58 5.10 5.44 -16.21
N LEU O 59 5.43 6.52 -15.52
CA LEU O 59 4.96 7.83 -15.96
C LEU O 59 5.40 8.14 -17.38
N LEU O 60 6.70 8.01 -17.66
CA LEU O 60 7.18 8.27 -19.00
C LEU O 60 6.67 7.28 -20.02
N ASP O 61 6.43 6.03 -19.62
CA ASP O 61 5.79 5.08 -20.53
C ASP O 61 4.41 5.53 -20.92
N TYR O 62 3.63 6.04 -19.97
CA TYR O 62 2.35 6.63 -20.31
C TYR O 62 2.51 7.88 -21.17
N LEU O 63 3.59 8.62 -20.98
CA LEU O 63 3.83 9.83 -21.75
C LEU O 63 4.20 9.56 -23.20
N GLN O 64 4.93 8.48 -23.47
CA GLN O 64 5.36 8.21 -24.84
C GLN O 64 4.18 8.09 -25.78
N GLU O 65 3.09 7.50 -25.30
CA GLU O 65 1.92 7.28 -26.14
C GLU O 65 1.32 8.59 -26.61
N ASN O 66 1.32 9.60 -25.75
CA ASN O 66 0.82 10.89 -26.15
C ASN O 66 1.78 11.53 -27.15
N PRO O 67 1.28 12.19 -28.17
CA PRO O 67 2.17 12.91 -29.09
C PRO O 67 2.75 14.14 -28.43
N LYS O 68 2.01 14.71 -27.48
CA LYS O 68 2.40 15.96 -26.85
C LYS O 68 3.27 15.65 -25.63
N GLY O 69 4.39 14.98 -25.91
CA GLY O 69 5.42 14.76 -24.91
C GLY O 69 6.15 16.02 -24.53
N LEU O 70 5.78 17.14 -25.14
CA LEU O 70 6.21 18.45 -24.70
C LEU O 70 5.35 19.00 -23.58
N ASP O 71 4.31 18.26 -23.17
CA ASP O 71 3.51 18.71 -22.04
C ASP O 71 4.34 18.71 -20.76
N THR O 72 5.17 17.69 -20.57
CA THR O 72 6.09 17.70 -19.44
C THR O 72 7.02 18.90 -19.52
N LEU O 73 7.48 19.22 -20.73
CA LEU O 73 8.35 20.38 -20.90
C LEU O 73 7.63 21.66 -20.50
N VAL O 74 6.39 21.83 -20.97
CA VAL O 74 5.63 23.02 -20.67
C VAL O 74 5.40 23.14 -19.17
N GLU O 75 5.05 22.03 -18.52
CA GLU O 75 4.90 22.03 -17.08
C GLU O 75 6.22 22.36 -16.38
N SER O 76 7.33 21.90 -16.95
CA SER O 76 8.63 22.08 -16.32
C SER O 76 8.98 23.55 -16.13
N ILE O 77 8.58 24.39 -17.08
CA ILE O 77 8.81 25.82 -16.91
C ILE O 77 8.07 26.33 -15.68
N ARG O 78 6.85 25.84 -15.46
CA ARG O 78 6.18 26.13 -14.20
C ARG O 78 6.94 25.48 -13.06
N ARG O 79 6.86 26.11 -11.88
CA ARG O 79 7.72 25.75 -10.74
C ARG O 79 9.18 25.95 -11.11
N GLU O 80 9.52 27.22 -11.34
CA GLU O 80 10.83 27.66 -11.75
C GLU O 80 11.91 27.38 -10.70
N LYS O 81 11.53 27.08 -9.46
CA LYS O 81 12.53 26.72 -8.46
C LYS O 81 13.38 25.54 -8.93
N THR O 82 12.73 24.50 -9.43
CA THR O 82 13.44 23.35 -9.99
C THR O 82 14.00 23.62 -11.38
N GLN O 83 13.66 24.77 -11.98
CA GLN O 83 13.98 24.91 -13.39
C GLN O 83 15.43 25.34 -13.59
N ASN O 84 16.09 25.80 -12.54
CA ASN O 84 17.49 26.20 -12.69
C ASN O 84 18.30 25.09 -13.36
N PHE O 85 18.04 23.83 -12.98
CA PHE O 85 18.57 22.66 -13.67
C PHE O 85 17.55 22.03 -14.61
N LEU O 86 16.27 22.15 -14.35
CA LEU O 86 15.36 21.39 -15.19
C LEU O 86 15.23 22.07 -16.56
N ILE O 87 15.55 23.36 -16.63
CA ILE O 87 15.71 24.03 -17.92
C ILE O 87 16.99 23.57 -18.60
N GLN O 88 18.04 23.30 -17.83
CA GLN O 88 19.16 22.58 -18.40
C GLN O 88 18.66 21.27 -19.01
N LYS O 89 17.68 20.66 -18.36
CA LYS O 89 17.06 19.45 -18.90
C LYS O 89 16.23 19.74 -20.14
N ILE O 90 15.53 20.87 -20.19
CA ILE O 90 14.76 21.16 -21.38
C ILE O 90 15.69 21.46 -22.54
N THR O 91 16.84 22.07 -22.25
CA THR O 91 17.87 22.25 -23.27
C THR O 91 18.42 20.91 -23.72
N ASP O 92 18.66 19.99 -22.79
CA ASP O 92 19.09 18.65 -23.15
C ASP O 92 18.04 17.96 -24.01
N GLU O 93 16.77 18.12 -23.63
CA GLU O 93 15.67 17.55 -24.39
C GLU O 93 15.62 18.11 -25.80
N VAL O 94 15.75 19.42 -25.92
CA VAL O 94 15.72 20.07 -27.23
C VAL O 94 16.93 19.65 -28.05
N LEU O 95 18.07 19.45 -27.40
CA LEU O 95 19.25 18.99 -28.11
C LEU O 95 19.04 17.59 -28.67
N LYS O 96 18.50 16.68 -27.85
CA LYS O 96 18.21 15.33 -28.34
C LYS O 96 17.18 15.37 -29.45
N LEU O 97 16.14 16.20 -29.28
CA LEU O 97 15.12 16.33 -30.30
C LEU O 97 15.71 16.86 -31.60
N ARG O 98 16.61 17.82 -31.50
CA ARG O 98 17.25 18.38 -32.68
C ARG O 98 18.15 17.35 -33.36
N ASN O 99 18.88 16.56 -32.57
CA ASN O 99 19.70 15.50 -33.16
C ASN O 99 18.83 14.51 -33.91
N ILE O 100 17.74 14.07 -33.30
CA ILE O 100 16.86 13.11 -33.95
C ILE O 100 16.20 13.74 -35.16
N LYS O 101 15.87 15.03 -35.09
CA LYS O 101 15.30 15.73 -36.23
C LYS O 101 16.27 15.80 -37.39
N LEU O 102 17.54 16.09 -37.09
CA LEU O 102 18.56 16.10 -38.13
C LEU O 102 18.71 14.73 -38.77
N GLU O 103 18.66 13.67 -37.95
CA GLU O 103 18.64 12.32 -38.50
C GLU O 103 17.42 12.11 -39.39
N HIS O 104 16.27 12.63 -38.97
CA HIS O 104 15.04 12.46 -39.72
C HIS O 104 15.14 13.14 -41.09
N LEU O 105 15.76 14.32 -41.15
CA LEU O 105 15.95 14.99 -42.43
C LEU O 105 16.83 14.16 -43.36
N LYS O 106 17.91 13.58 -42.82
CA LYS O 106 18.91 12.82 -43.57
C LYS O 106 19.14 13.32 -44.99
N GLU P 1 -41.92 -11.09 -9.12
CA GLU P 1 -41.74 -12.06 -10.19
C GLU P 1 -40.48 -12.88 -9.96
N GLU P 2 -39.76 -12.53 -8.90
CA GLU P 2 -38.48 -13.16 -8.55
C GLU P 2 -37.42 -12.95 -9.63
N ASP P 3 -37.68 -12.07 -10.59
CA ASP P 3 -36.70 -11.70 -11.59
C ASP P 3 -36.19 -10.29 -11.42
N LEU P 4 -36.81 -9.49 -10.55
CA LEU P 4 -36.28 -8.17 -10.24
C LEU P 4 -34.83 -8.25 -9.76
N THR P 5 -34.47 -9.36 -9.12
CA THR P 5 -33.07 -9.58 -8.78
C THR P 5 -32.20 -9.53 -10.02
N GLU P 6 -32.62 -10.24 -11.07
CA GLU P 6 -31.84 -10.26 -12.31
C GLU P 6 -31.78 -8.89 -12.95
N VAL P 7 -32.90 -8.18 -12.99
CA VAL P 7 -32.89 -6.88 -13.65
C VAL P 7 -32.11 -5.88 -12.83
N LYS P 8 -31.92 -6.15 -11.54
CA LYS P 8 -31.04 -5.30 -10.74
C LYS P 8 -29.62 -5.33 -11.29
N LYS P 9 -29.15 -6.50 -11.73
CA LYS P 9 -27.83 -6.57 -12.33
C LYS P 9 -27.74 -5.73 -13.59
N ASP P 10 -28.78 -5.79 -14.43
CA ASP P 10 -28.77 -4.98 -15.64
C ASP P 10 -28.77 -3.50 -15.30
N ALA P 11 -29.56 -3.10 -14.30
CA ALA P 11 -29.55 -1.70 -13.88
C ALA P 11 -28.18 -1.30 -13.38
N LEU P 12 -27.52 -2.17 -12.62
CA LEU P 12 -26.19 -1.89 -12.14
C LEU P 12 -25.22 -1.70 -13.29
N GLU P 13 -25.25 -2.61 -14.26
CA GLU P 13 -24.32 -2.50 -15.38
C GLU P 13 -24.56 -1.23 -16.19
N ASN P 14 -25.84 -0.89 -16.43
CA ASN P 14 -26.12 0.37 -17.08
C ASN P 14 -25.64 1.54 -16.25
N LEU P 15 -25.62 1.37 -14.93
CA LEU P 15 -25.20 2.43 -14.03
C LEU P 15 -23.74 2.30 -13.61
N ARG P 16 -23.00 1.38 -14.22
CA ARG P 16 -21.61 1.21 -13.83
C ARG P 16 -20.75 2.40 -14.23
N VAL P 17 -21.24 3.28 -15.10
CA VAL P 17 -20.49 4.49 -15.38
C VAL P 17 -20.37 5.35 -14.13
N TYR P 18 -21.45 5.47 -13.36
CA TYR P 18 -21.43 6.27 -12.15
C TYR P 18 -20.59 5.65 -11.04
N LEU P 19 -19.95 4.51 -11.30
CA LEU P 19 -19.02 3.94 -10.34
C LEU P 19 -17.94 4.94 -9.94
N CYS P 20 -17.27 5.53 -10.92
CA CYS P 20 -16.07 6.32 -10.64
C CYS P 20 -16.36 7.43 -9.65
N GLU P 21 -17.57 7.98 -9.66
CA GLU P 21 -17.87 9.12 -8.82
C GLU P 21 -17.90 8.73 -7.35
N LYS P 22 -18.84 7.87 -6.97
CA LYS P 22 -19.05 7.60 -5.54
C LYS P 22 -18.92 6.14 -5.17
N ILE P 23 -18.02 5.40 -5.80
CA ILE P 23 -17.63 4.15 -5.18
C ILE P 23 -16.17 4.28 -4.79
N ILE P 24 -15.63 5.50 -4.93
CA ILE P 24 -14.35 5.82 -4.32
C ILE P 24 -14.41 5.55 -2.82
N ALA P 25 -15.60 5.65 -2.26
CA ALA P 25 -15.88 5.27 -0.88
C ALA P 25 -16.11 3.77 -0.73
N GLU P 26 -15.57 2.95 -1.65
CA GLU P 26 -15.74 1.50 -1.53
C GLU P 26 -15.27 0.99 -0.17
N ARG P 27 -13.99 1.16 0.14
CA ARG P 27 -13.51 0.73 1.45
C ARG P 27 -14.18 1.52 2.56
N HIS P 28 -14.55 2.76 2.27
CA HIS P 28 -15.20 3.61 3.26
C HIS P 28 -16.57 3.08 3.66
N PHE P 29 -17.27 2.40 2.76
CA PHE P 29 -18.64 1.98 2.97
C PHE P 29 -18.78 0.48 3.08
N ASP P 30 -18.39 -0.25 2.05
CA ASP P 30 -18.83 -1.62 1.92
C ASP P 30 -17.97 -2.55 2.73
N HIS P 31 -16.68 -2.24 2.84
CA HIS P 31 -15.79 -3.10 3.60
C HIS P 31 -16.22 -3.16 5.06
N LEU P 32 -17.04 -2.21 5.50
CA LEU P 32 -17.52 -2.21 6.87
C LEU P 32 -19.00 -2.52 6.98
N ARG P 33 -19.77 -2.30 5.93
CA ARG P 33 -21.17 -2.74 5.93
C ARG P 33 -21.41 -4.07 5.25
N ALA P 34 -21.12 -4.17 3.97
CA ALA P 34 -21.44 -5.32 3.16
C ALA P 34 -20.60 -6.53 3.53
N LYS P 35 -19.79 -6.44 4.60
CA LYS P 35 -19.16 -7.65 5.11
C LYS P 35 -20.21 -8.60 5.64
N LYS P 36 -21.42 -8.09 5.90
CA LYS P 36 -22.59 -8.91 6.14
C LYS P 36 -22.88 -9.83 4.96
N ILE P 37 -22.49 -9.43 3.75
CA ILE P 37 -22.68 -10.24 2.53
C ILE P 37 -21.35 -10.54 1.84
N LEU P 38 -20.47 -9.55 1.72
CA LEU P 38 -19.21 -9.76 1.03
C LEU P 38 -18.27 -10.64 1.84
N SER P 39 -17.47 -11.43 1.13
CA SER P 39 -16.48 -12.28 1.78
C SER P 39 -15.38 -11.45 2.44
N ARG P 40 -14.87 -11.94 3.56
CA ARG P 40 -13.84 -11.21 4.27
C ARG P 40 -12.59 -11.04 3.42
N GLU P 41 -12.12 -12.13 2.81
CA GLU P 41 -10.96 -12.02 1.95
C GLU P 41 -11.27 -11.16 0.75
N ASP P 42 -12.53 -11.15 0.32
CA ASP P 42 -12.90 -10.37 -0.86
C ASP P 42 -12.57 -8.91 -0.66
N THR P 43 -12.69 -8.41 0.57
CA THR P 43 -12.24 -7.05 0.84
C THR P 43 -10.75 -6.91 0.55
N GLU P 44 -9.96 -7.89 0.98
CA GLU P 44 -8.52 -7.85 0.70
C GLU P 44 -8.25 -7.94 -0.79
N GLU P 45 -8.99 -8.80 -1.50
CA GLU P 45 -8.79 -8.89 -2.94
C GLU P 45 -9.12 -7.58 -3.62
N ILE P 46 -10.20 -6.92 -3.20
CA ILE P 46 -10.57 -5.65 -3.77
C ILE P 46 -9.48 -4.62 -3.51
N SER P 47 -9.00 -4.54 -2.28
CA SER P 47 -8.17 -3.42 -1.88
C SER P 47 -6.69 -3.58 -2.24
N CYS P 48 -6.15 -4.80 -2.11
CA CYS P 48 -4.71 -4.95 -2.03
C CYS P 48 -4.01 -4.50 -3.30
N GLN P 49 -4.43 -5.01 -4.45
CA GLN P 49 -3.74 -4.77 -5.71
C GLN P 49 -4.75 -4.29 -6.75
N THR P 50 -4.95 -2.98 -6.81
CA THR P 50 -5.70 -2.36 -7.89
C THR P 50 -5.31 -0.89 -7.92
N SER P 51 -6.09 -0.06 -8.61
CA SER P 51 -5.76 1.35 -8.76
C SER P 51 -6.97 2.23 -8.44
N SER P 52 -7.73 1.85 -7.43
CA SER P 52 -8.70 2.71 -6.74
C SER P 52 -9.92 3.07 -7.59
N ARG P 53 -9.96 2.73 -8.87
CA ARG P 53 -11.21 2.83 -9.60
C ARG P 53 -11.65 1.46 -10.07
N LYS P 54 -10.75 0.76 -10.77
CA LYS P 54 -10.96 -0.62 -11.14
C LYS P 54 -11.25 -1.42 -9.88
N ARG P 55 -10.70 -0.95 -8.76
CA ARG P 55 -11.02 -1.53 -7.47
C ARG P 55 -12.51 -1.52 -7.22
N ALA P 56 -13.14 -0.36 -7.45
CA ALA P 56 -14.59 -0.28 -7.33
C ALA P 56 -15.27 -1.13 -8.38
N GLY P 57 -14.64 -1.29 -9.53
CA GLY P 57 -15.21 -2.15 -10.55
C GLY P 57 -15.32 -3.59 -10.08
N LYS P 58 -14.26 -4.10 -9.48
CA LYS P 58 -14.29 -5.44 -8.93
C LYS P 58 -15.29 -5.53 -7.78
N LEU P 59 -15.40 -4.46 -7.00
CA LEU P 59 -16.43 -4.45 -5.96
C LEU P 59 -17.82 -4.65 -6.54
N LEU P 60 -18.18 -3.86 -7.54
CA LEU P 60 -19.49 -4.00 -8.15
C LEU P 60 -19.67 -5.32 -8.88
N ASP P 61 -18.59 -5.87 -9.44
CA ASP P 61 -18.67 -7.20 -10.03
C ASP P 61 -19.01 -8.24 -8.98
N TYR P 62 -18.41 -8.15 -7.80
CA TYR P 62 -18.81 -9.03 -6.71
C TYR P 62 -20.24 -8.76 -6.26
N LEU P 63 -20.69 -7.51 -6.36
CA LEU P 63 -22.04 -7.15 -5.96
C LEU P 63 -23.11 -7.69 -6.90
N GLN P 64 -22.83 -7.74 -8.20
CA GLN P 64 -23.85 -8.18 -9.15
C GLN P 64 -24.34 -9.57 -8.82
N GLU P 65 -23.43 -10.44 -8.38
CA GLU P 65 -23.80 -11.83 -8.10
C GLU P 65 -24.82 -11.91 -6.99
N ASN P 66 -24.70 -11.06 -5.98
CA ASN P 66 -25.68 -11.06 -4.92
C ASN P 66 -27.00 -10.50 -5.44
N PRO P 67 -28.13 -11.09 -5.04
CA PRO P 67 -29.42 -10.51 -5.44
C PRO P 67 -29.70 -9.22 -4.71
N LYS P 68 -29.13 -9.07 -3.52
CA LYS P 68 -29.41 -7.92 -2.67
C LYS P 68 -28.39 -6.82 -2.99
N GLY P 69 -28.42 -6.41 -4.26
CA GLY P 69 -27.67 -5.26 -4.70
C GLY P 69 -28.19 -3.95 -4.15
N LEU P 70 -29.26 -4.02 -3.37
CA LEU P 70 -29.73 -2.90 -2.57
C LEU P 70 -29.00 -2.79 -1.25
N ASP P 71 -28.08 -3.70 -0.96
CA ASP P 71 -27.28 -3.57 0.26
C ASP P 71 -26.40 -2.34 0.20
N THR P 72 -25.81 -2.07 -0.96
CA THR P 72 -25.05 -0.84 -1.12
C THR P 72 -25.96 0.36 -0.91
N LEU P 73 -27.19 0.28 -1.41
CA LEU P 73 -28.13 1.38 -1.22
C LEU P 73 -28.42 1.59 0.26
N VAL P 74 -28.68 0.51 0.98
CA VAL P 74 -29.00 0.60 2.40
C VAL P 74 -27.83 1.19 3.16
N GLU P 75 -26.62 0.74 2.84
CA GLU P 75 -25.43 1.31 3.45
C GLU P 75 -25.28 2.78 3.11
N SER P 76 -25.66 3.17 1.89
CA SER P 76 -25.46 4.53 1.43
C SER P 76 -26.21 5.53 2.28
N ILE P 77 -27.39 5.16 2.77
CA ILE P 77 -28.11 6.05 3.68
C ILE P 77 -27.28 6.29 4.93
N ARG P 78 -26.63 5.25 5.45
CA ARG P 78 -25.67 5.47 6.52
C ARG P 78 -24.50 6.29 6.01
N ARG P 79 -23.90 7.06 6.91
CA ARG P 79 -22.93 8.10 6.54
C ARG P 79 -23.59 9.13 5.61
N GLU P 80 -24.55 9.84 6.20
CA GLU P 80 -25.34 10.85 5.52
C GLU P 80 -24.51 12.04 5.04
N LYS P 81 -23.29 12.20 5.51
CA LYS P 81 -22.45 13.28 5.00
C LYS P 81 -22.30 13.17 3.49
N THR P 82 -21.99 11.98 2.99
CA THR P 82 -21.90 11.73 1.56
C THR P 82 -23.26 11.63 0.90
N GLN P 83 -24.34 11.59 1.67
CA GLN P 83 -25.62 11.23 1.07
C GLN P 83 -26.26 12.43 0.39
N ASN P 84 -25.79 13.65 0.66
CA ASN P 84 -26.37 14.81 0.00
C ASN P 84 -26.40 14.61 -1.52
N PHE P 85 -25.35 14.03 -2.08
CA PHE P 85 -25.32 13.58 -3.46
C PHE P 85 -25.54 12.09 -3.61
N LEU P 86 -25.18 11.28 -2.62
CA LEU P 86 -25.28 9.86 -2.88
C LEU P 86 -26.75 9.42 -2.82
N ILE P 87 -27.60 10.20 -2.16
CA ILE P 87 -29.04 10.02 -2.26
C ILE P 87 -29.54 10.46 -3.63
N GLN P 88 -28.94 11.50 -4.19
CA GLN P 88 -29.18 11.75 -5.60
C GLN P 88 -28.82 10.52 -6.42
N LYS P 89 -27.79 9.80 -5.98
CA LYS P 89 -27.43 8.53 -6.62
C LYS P 89 -28.45 7.44 -6.35
N ILE P 90 -29.03 7.40 -5.15
CA ILE P 90 -30.03 6.36 -4.89
C ILE P 90 -31.29 6.67 -5.69
N THR P 91 -31.59 7.95 -5.88
CA THR P 91 -32.68 8.33 -6.77
C THR P 91 -32.37 7.94 -8.21
N ASP P 92 -31.13 8.15 -8.65
CA ASP P 92 -30.73 7.70 -9.97
C ASP P 92 -30.85 6.19 -10.10
N GLU P 93 -30.43 5.48 -9.06
CA GLU P 93 -30.52 4.03 -9.03
C GLU P 93 -31.97 3.58 -9.12
N VAL P 94 -32.85 4.21 -8.34
CA VAL P 94 -34.27 3.84 -8.35
C VAL P 94 -34.88 4.19 -9.69
N LEU P 95 -34.43 5.28 -10.31
CA LEU P 95 -34.94 5.64 -11.63
C LEU P 95 -34.55 4.59 -12.67
N LYS P 96 -33.29 4.15 -12.65
CA LYS P 96 -32.87 3.10 -13.58
C LYS P 96 -33.60 1.81 -13.31
N LEU P 97 -33.77 1.47 -12.03
CA LEU P 97 -34.49 0.26 -11.66
C LEU P 97 -35.94 0.34 -12.13
N ARG P 98 -36.56 1.51 -12.00
CA ARG P 98 -37.94 1.68 -12.44
C ARG P 98 -38.04 1.58 -13.96
N ASN P 99 -37.08 2.15 -14.67
CA ASN P 99 -37.08 2.02 -16.13
C ASN P 99 -36.98 0.57 -16.55
N ILE P 100 -36.05 -0.17 -15.93
CA ILE P 100 -35.88 -1.57 -16.28
C ILE P 100 -37.11 -2.37 -15.87
N LYS P 101 -37.73 -2.00 -14.75
CA LYS P 101 -38.95 -2.68 -14.31
C LYS P 101 -40.09 -2.44 -15.30
N LEU P 102 -40.23 -1.21 -15.79
CA LEU P 102 -41.24 -0.92 -16.79
C LEU P 102 -40.99 -1.72 -18.06
N GLU P 103 -39.72 -1.84 -18.46
CA GLU P 103 -39.38 -2.72 -19.58
C GLU P 103 -39.77 -4.16 -19.28
N HIS P 104 -39.55 -4.60 -18.05
CA HIS P 104 -39.85 -5.97 -17.66
C HIS P 104 -41.35 -6.25 -17.75
N LEU P 105 -42.18 -5.28 -17.34
CA LEU P 105 -43.62 -5.44 -17.47
C LEU P 105 -44.05 -5.58 -18.93
N LYS P 106 -43.46 -4.77 -19.81
CA LYS P 106 -43.78 -4.69 -21.24
C LYS P 106 -45.25 -4.97 -21.55
N GLU Q 1 7.69 -45.28 12.81
CA GLU Q 1 7.34 -46.09 11.65
C GLU Q 1 7.79 -45.40 10.37
N GLU Q 2 8.32 -44.19 10.52
CA GLU Q 2 8.75 -43.34 9.41
C GLU Q 2 7.60 -42.95 8.50
N ASP Q 3 6.36 -43.20 8.93
CA ASP Q 3 5.18 -42.77 8.21
C ASP Q 3 4.43 -41.66 8.92
N LEU Q 4 4.78 -41.37 10.17
CA LEU Q 4 4.19 -40.23 10.86
C LEU Q 4 4.38 -38.94 10.06
N THR Q 5 5.46 -38.86 9.30
CA THR Q 5 5.64 -37.73 8.38
C THR Q 5 4.47 -37.64 7.42
N GLU Q 6 4.08 -38.78 6.83
CA GLU Q 6 2.98 -38.78 5.88
C GLU Q 6 1.66 -38.41 6.56
N VAL Q 7 1.41 -38.98 7.75
CA VAL Q 7 0.15 -38.69 8.40
C VAL Q 7 0.11 -37.25 8.89
N LYS Q 8 1.28 -36.62 9.03
CA LYS Q 8 1.30 -35.20 9.35
C LYS Q 8 0.63 -34.39 8.24
N LYS Q 9 0.86 -34.78 6.99
CA LYS Q 9 0.21 -34.09 5.88
C LYS Q 9 -1.31 -34.25 5.96
N ASP Q 10 -1.78 -35.45 6.28
CA ASP Q 10 -3.22 -35.65 6.41
C ASP Q 10 -3.78 -34.81 7.55
N ALA Q 11 -3.07 -34.77 8.67
CA ALA Q 11 -3.52 -33.93 9.78
C ALA Q 11 -3.57 -32.47 9.38
N LEU Q 12 -2.57 -32.02 8.63
CA LEU Q 12 -2.57 -30.64 8.15
C LEU Q 12 -3.77 -30.37 7.26
N GLU Q 13 -4.04 -31.26 6.31
CA GLU Q 13 -5.15 -31.04 5.39
C GLU Q 13 -6.48 -31.03 6.14
N ASN Q 14 -6.66 -31.95 7.09
CA ASN Q 14 -7.85 -31.92 7.92
C ASN Q 14 -7.93 -30.62 8.72
N LEU Q 15 -6.77 -30.06 9.05
CA LEU Q 15 -6.71 -28.84 9.83
C LEU Q 15 -6.55 -27.60 8.97
N ARG Q 16 -6.63 -27.74 7.65
CA ARG Q 16 -6.46 -26.58 6.80
C ARG Q 16 -7.60 -25.58 6.93
N VAL Q 17 -8.72 -25.97 7.53
CA VAL Q 17 -9.76 -24.99 7.81
C VAL Q 17 -9.25 -23.91 8.76
N TYR Q 18 -8.52 -24.32 9.80
CA TYR Q 18 -7.99 -23.36 10.76
C TYR Q 18 -6.88 -22.49 10.20
N LEU Q 19 -6.56 -22.64 8.92
CA LEU Q 19 -5.62 -21.73 8.27
C LEU Q 19 -6.03 -20.28 8.43
N CYS Q 20 -7.28 -19.97 8.07
CA CYS Q 20 -7.70 -18.58 7.96
C CYS Q 20 -7.47 -17.82 9.25
N GLU Q 21 -7.60 -18.50 10.39
CA GLU Q 21 -7.51 -17.81 11.67
C GLU Q 21 -6.09 -17.32 11.94
N LYS Q 22 -5.13 -18.24 12.06
CA LYS Q 22 -3.81 -17.84 12.52
C LYS Q 22 -2.70 -18.23 11.56
N ILE Q 23 -2.95 -18.19 10.26
CA ILE Q 23 -1.80 -18.15 9.36
C ILE Q 23 -1.80 -16.80 8.68
N ILE Q 24 -2.70 -15.90 9.12
CA ILE Q 24 -2.59 -14.50 8.76
C ILE Q 24 -1.23 -13.97 9.14
N ALA Q 25 -0.62 -14.56 10.15
CA ALA Q 25 0.74 -14.29 10.55
C ALA Q 25 1.75 -15.07 9.71
N GLU Q 26 1.39 -15.47 8.49
CA GLU Q 26 2.33 -16.19 7.64
C GLU Q 26 3.64 -15.42 7.47
N ARG Q 27 3.58 -14.23 6.89
CA ARG Q 27 4.80 -13.45 6.75
C ARG Q 27 5.36 -13.07 8.11
N HIS Q 28 4.49 -12.92 9.11
CA HIS Q 28 4.90 -12.57 10.45
C HIS Q 28 5.77 -13.65 11.10
N PHE Q 29 5.54 -14.91 10.74
CA PHE Q 29 6.17 -16.06 11.39
C PHE Q 29 7.15 -16.78 10.49
N ASP Q 30 6.65 -17.31 9.37
CA ASP Q 30 7.40 -18.32 8.67
C ASP Q 30 8.44 -17.69 7.76
N HIS Q 31 8.14 -16.52 7.19
CA HIS Q 31 9.10 -15.88 6.31
C HIS Q 31 10.38 -15.54 7.06
N LEU Q 32 10.31 -15.52 8.39
CA LEU Q 32 11.51 -15.24 9.17
C LEU Q 32 12.02 -16.45 9.93
N ARG Q 33 11.18 -17.44 10.20
CA ARG Q 33 11.66 -18.69 10.78
C ARG Q 33 11.90 -19.79 9.78
N ALA Q 34 10.87 -20.23 9.08
CA ALA Q 34 10.93 -21.37 8.19
C ALA Q 34 11.78 -21.10 6.96
N LYS Q 35 12.45 -19.95 6.88
CA LYS Q 35 13.44 -19.76 5.84
C LYS Q 35 14.58 -20.75 6.03
N LYS Q 36 14.70 -21.31 7.23
CA LYS Q 36 15.56 -22.46 7.50
C LYS Q 36 15.18 -23.65 6.63
N ILE Q 37 13.90 -23.73 6.22
CA ILE Q 37 13.42 -24.82 5.36
C ILE Q 37 12.81 -24.28 4.07
N LEU Q 38 12.01 -23.23 4.16
CA LEU Q 38 11.35 -22.70 2.97
C LEU Q 38 12.35 -22.00 2.06
N SER Q 39 12.10 -22.08 0.75
CA SER Q 39 12.94 -21.41 -0.22
C SER Q 39 12.80 -19.89 -0.11
N ARG Q 40 13.91 -19.20 -0.39
CA ARG Q 40 13.90 -17.74 -0.28
C ARG Q 40 12.91 -17.12 -1.25
N GLU Q 41 12.95 -17.55 -2.51
CA GLU Q 41 12.00 -17.02 -3.47
C GLU Q 41 10.59 -17.44 -3.11
N ASP Q 42 10.45 -18.60 -2.45
CA ASP Q 42 9.13 -19.08 -2.10
C ASP Q 42 8.40 -18.08 -1.24
N THR Q 43 9.13 -17.36 -0.38
CA THR Q 43 8.51 -16.28 0.36
C THR Q 43 7.94 -15.24 -0.58
N GLU Q 44 8.72 -14.86 -1.60
CA GLU Q 44 8.23 -13.89 -2.58
C GLU Q 44 7.03 -14.44 -3.34
N GLU Q 45 7.07 -15.71 -3.72
CA GLU Q 45 5.93 -16.28 -4.42
C GLU Q 45 4.68 -16.26 -3.55
N ILE Q 46 4.84 -16.59 -2.27
CA ILE Q 46 3.71 -16.56 -1.35
C ILE Q 46 3.15 -15.15 -1.24
N SER Q 47 4.03 -14.17 -1.06
CA SER Q 47 3.58 -12.84 -0.66
C SER Q 47 3.13 -11.97 -1.83
N CYS Q 48 3.83 -12.05 -2.97
CA CYS Q 48 3.74 -10.98 -3.96
C CYS Q 48 2.34 -10.85 -4.54
N GLN Q 49 1.78 -11.95 -5.03
CA GLN Q 49 0.51 -11.91 -5.75
C GLN Q 49 -0.43 -12.94 -5.14
N THR Q 50 -1.19 -12.54 -4.13
CA THR Q 50 -2.29 -13.34 -3.62
C THR Q 50 -3.21 -12.39 -2.86
N SER Q 51 -4.10 -12.93 -2.03
CA SER Q 51 -5.08 -12.11 -1.33
C SER Q 51 -5.13 -12.49 0.16
N SER Q 52 -3.96 -12.76 0.75
CA SER Q 52 -3.73 -12.78 2.19
C SER Q 52 -4.42 -13.95 2.90
N ARG Q 53 -5.26 -14.73 2.23
CA ARG Q 53 -5.69 -15.97 2.84
C ARG Q 53 -5.22 -17.15 2.00
N LYS Q 54 -5.54 -17.11 0.71
CA LYS Q 54 -5.02 -18.06 -0.25
C LYS Q 54 -3.50 -18.06 -0.16
N ARG Q 55 -2.96 -16.90 0.20
CA ARG Q 55 -1.53 -16.79 0.46
C ARG Q 55 -1.09 -17.81 1.51
N ALA Q 56 -1.82 -17.85 2.62
CA ALA Q 56 -1.53 -18.86 3.63
C ALA Q 56 -1.79 -20.26 3.11
N GLY Q 57 -2.74 -20.40 2.18
CA GLY Q 57 -2.97 -21.71 1.59
C GLY Q 57 -1.77 -22.22 0.84
N LYS Q 58 -1.16 -21.35 0.03
CA LYS Q 58 0.05 -21.73 -0.68
C LYS Q 58 1.19 -21.99 0.29
N LEU Q 59 1.23 -21.21 1.38
CA LEU Q 59 2.24 -21.49 2.41
C LEU Q 59 2.11 -22.90 2.94
N LEU Q 60 0.91 -23.30 3.36
CA LEU Q 60 0.72 -24.65 3.87
C LEU Q 60 0.92 -25.71 2.81
N ASP Q 61 0.59 -25.41 1.55
CA ASP Q 61 0.89 -26.36 0.48
C ASP Q 61 2.37 -26.59 0.35
N TYR Q 62 3.18 -25.53 0.45
CA TYR Q 62 4.62 -25.72 0.49
C TYR Q 62 5.07 -26.46 1.73
N LEU Q 63 4.36 -26.28 2.84
CA LEU Q 63 4.71 -26.96 4.08
C LEU Q 63 4.43 -28.45 4.06
N GLN Q 64 3.36 -28.89 3.39
CA GLN Q 64 3.01 -30.31 3.39
C GLN Q 64 4.15 -31.15 2.86
N GLU Q 65 4.85 -30.65 1.84
CA GLU Q 65 5.92 -31.41 1.21
C GLU Q 65 7.03 -31.70 2.20
N ASN Q 66 7.35 -30.74 3.06
CA ASN Q 66 8.36 -30.98 4.06
C ASN Q 66 7.85 -31.98 5.09
N PRO Q 67 8.69 -32.91 5.55
CA PRO Q 67 8.26 -33.82 6.61
C PRO Q 67 8.17 -33.10 7.93
N LYS Q 68 8.94 -32.04 8.11
CA LYS Q 68 9.02 -31.33 9.37
C LYS Q 68 7.97 -30.22 9.38
N GLY Q 69 6.71 -30.65 9.23
CA GLY Q 69 5.59 -29.76 9.39
C GLY Q 69 5.38 -29.31 10.81
N LEU Q 70 6.22 -29.79 11.72
CA LEU Q 70 6.31 -29.27 13.07
C LEU Q 70 7.19 -28.04 13.16
N ASP Q 71 7.79 -27.61 12.04
CA ASP Q 71 8.57 -26.38 12.06
C ASP Q 71 7.68 -25.18 12.33
N THR Q 72 6.49 -25.15 11.73
CA THR Q 72 5.53 -24.10 12.06
C THR Q 72 5.17 -24.15 13.53
N LEU Q 73 5.02 -25.35 14.08
CA LEU Q 73 4.71 -25.48 15.49
C LEU Q 73 5.83 -24.91 16.34
N VAL Q 74 7.07 -25.26 16.02
CA VAL Q 74 8.21 -24.79 16.79
C VAL Q 74 8.30 -23.27 16.73
N GLU Q 75 8.10 -22.71 15.54
CA GLU Q 75 8.08 -21.26 15.39
C GLU Q 75 6.93 -20.64 16.19
N SER Q 76 5.80 -21.33 16.26
CA SER Q 76 4.62 -20.79 16.91
C SER Q 76 4.86 -20.51 18.38
N ILE Q 77 5.67 -21.34 19.04
CA ILE Q 77 6.02 -21.05 20.43
C ILE Q 77 6.76 -19.71 20.52
N ARG Q 78 7.64 -19.44 19.57
CA ARG Q 78 8.24 -18.12 19.50
C ARG Q 78 7.16 -17.11 19.15
N ARG Q 79 7.34 -15.87 19.62
CA ARG Q 79 6.30 -14.85 19.60
C ARG Q 79 5.09 -15.32 20.39
N GLU Q 80 5.31 -15.44 21.69
CA GLU Q 80 4.32 -15.91 22.65
C GLU Q 80 3.12 -14.98 22.77
N LYS Q 81 3.21 -13.75 22.28
CA LYS Q 81 2.05 -12.88 22.31
C LYS Q 81 0.86 -13.52 21.60
N THR Q 82 1.09 -14.06 20.41
CA THR Q 82 0.05 -14.78 19.68
C THR Q 82 -0.19 -16.18 20.24
N GLN Q 83 0.63 -16.64 21.17
CA GLN Q 83 0.56 -18.05 21.51
C GLN Q 83 -0.56 -18.33 22.50
N ASN Q 84 -1.11 -17.29 23.15
CA ASN Q 84 -2.21 -17.52 24.07
C ASN Q 84 -3.31 -18.35 23.42
N PHE Q 85 -3.61 -18.07 22.16
CA PHE Q 85 -4.48 -18.91 21.35
C PHE Q 85 -3.72 -19.82 20.40
N LEU Q 86 -2.52 -19.45 19.97
CA LEU Q 86 -1.90 -20.28 18.96
C LEU Q 86 -1.37 -21.56 19.60
N ILE Q 87 -1.13 -21.55 20.91
CA ILE Q 87 -0.87 -22.76 21.66
C ILE Q 87 -2.13 -23.59 21.80
N GLN Q 88 -3.29 -22.93 21.92
CA GLN Q 88 -4.53 -23.67 21.75
C GLN Q 88 -4.54 -24.34 20.39
N LYS Q 89 -3.95 -23.68 19.40
CA LYS Q 89 -3.82 -24.29 18.08
C LYS Q 89 -2.81 -25.42 18.06
N ILE Q 90 -1.72 -25.30 18.82
CA ILE Q 90 -0.76 -26.41 18.83
C ILE Q 90 -1.36 -27.60 19.55
N THR Q 91 -2.20 -27.34 20.56
CA THR Q 91 -2.94 -28.41 21.20
C THR Q 91 -3.94 -29.04 20.22
N ASP Q 92 -4.62 -28.21 19.43
CA ASP Q 92 -5.51 -28.73 18.40
C ASP Q 92 -4.73 -29.57 17.39
N GLU Q 93 -3.55 -29.08 17.00
CA GLU Q 93 -2.69 -29.79 16.07
C GLU Q 93 -2.27 -31.13 16.64
N VAL Q 94 -1.85 -31.15 17.90
CA VAL Q 94 -1.42 -32.38 18.54
C VAL Q 94 -2.59 -33.33 18.70
N LEU Q 95 -3.79 -32.79 18.95
CA LEU Q 95 -4.97 -33.64 19.04
C LEU Q 95 -5.27 -34.31 17.71
N LYS Q 96 -5.23 -33.54 16.62
CA LYS Q 96 -5.45 -34.13 15.31
C LYS Q 96 -4.37 -35.14 14.97
N LEU Q 97 -3.13 -34.82 15.30
CA LEU Q 97 -2.02 -35.74 15.05
C LEU Q 97 -2.20 -37.01 15.85
N ARG Q 98 -2.65 -36.90 17.09
CA ARG Q 98 -2.88 -38.07 17.92
C ARG Q 98 -4.03 -38.91 17.38
N ASN Q 99 -5.10 -38.27 16.91
CA ASN Q 99 -6.21 -39.02 16.32
C ASN Q 99 -5.72 -39.79 15.10
N ILE Q 100 -4.98 -39.13 14.23
CA ILE Q 100 -4.49 -39.80 13.03
C ILE Q 100 -3.50 -40.90 13.40
N LYS Q 101 -2.70 -40.67 14.44
CA LYS Q 101 -1.76 -41.68 14.90
C LYS Q 101 -2.49 -42.91 15.43
N LEU Q 102 -3.57 -42.69 16.19
CA LEU Q 102 -4.37 -43.81 16.68
C LEU Q 102 -4.99 -44.57 15.51
N GLU Q 103 -5.45 -43.85 14.49
CA GLU Q 103 -5.91 -44.53 13.28
C GLU Q 103 -4.79 -45.33 12.64
N HIS Q 104 -3.58 -44.78 12.62
CA HIS Q 104 -2.44 -45.44 12.01
C HIS Q 104 -2.11 -46.75 12.73
N LEU Q 105 -2.20 -46.74 14.06
CA LEU Q 105 -1.96 -47.96 14.83
C LEU Q 105 -2.99 -49.03 14.48
N LYS Q 106 -4.27 -48.64 14.36
CA LYS Q 106 -5.40 -49.53 14.11
C LYS Q 106 -5.25 -50.91 14.73
N GLU R 1 35.89 -12.80 -34.87
CA GLU R 1 35.46 -13.99 -35.61
C GLU R 1 33.96 -13.96 -35.84
N GLU R 2 33.31 -12.94 -35.28
CA GLU R 2 31.86 -12.75 -35.33
C GLU R 2 31.11 -13.90 -34.64
N ASP R 3 31.84 -14.73 -33.89
CA ASP R 3 31.23 -15.77 -33.09
C ASP R 3 31.31 -15.49 -31.59
N LEU R 4 32.09 -14.49 -31.19
CA LEU R 4 32.12 -14.09 -29.79
C LEU R 4 30.73 -13.75 -29.29
N THR R 5 29.86 -13.27 -30.17
CA THR R 5 28.46 -13.07 -29.82
C THR R 5 27.85 -14.37 -29.33
N GLU R 6 28.07 -15.45 -30.08
CA GLU R 6 27.50 -16.74 -29.69
C GLU R 6 28.09 -17.23 -28.39
N VAL R 7 29.41 -17.11 -28.21
CA VAL R 7 30.02 -17.62 -26.99
C VAL R 7 29.61 -16.76 -25.80
N LYS R 8 29.16 -15.54 -26.05
CA LYS R 8 28.62 -14.73 -24.97
C LYS R 8 27.40 -15.39 -24.36
N LYS R 9 26.55 -16.00 -25.20
CA LYS R 9 25.39 -16.71 -24.67
C LYS R 9 25.82 -17.88 -23.80
N ASP R 10 26.84 -18.63 -24.22
CA ASP R 10 27.33 -19.73 -23.42
C ASP R 10 27.87 -19.24 -22.09
N ALA R 11 28.63 -18.14 -22.13
CA ALA R 11 29.14 -17.57 -20.89
C ALA R 11 28.00 -17.14 -19.97
N LEU R 12 26.97 -16.55 -20.55
CA LEU R 12 25.81 -16.16 -19.76
C LEU R 12 25.16 -17.37 -19.10
N GLU R 13 24.93 -18.43 -19.87
CA GLU R 13 24.27 -19.61 -19.33
C GLU R 13 25.11 -20.24 -18.22
N ASN R 14 26.43 -20.33 -18.43
CA ASN R 14 27.30 -20.82 -17.37
C ASN R 14 27.23 -19.91 -16.16
N LEU R 15 26.98 -18.62 -16.38
CA LEU R 15 26.92 -17.64 -15.31
C LEU R 15 25.50 -17.38 -14.83
N ARG R 16 24.53 -18.15 -15.32
CA ARG R 16 23.15 -17.90 -14.92
C ARG R 16 22.90 -18.25 -13.46
N VAL R 17 23.82 -18.96 -12.81
CA VAL R 17 23.69 -19.18 -11.38
C VAL R 17 23.76 -17.86 -10.63
N TYR R 18 24.69 -16.99 -11.03
CA TYR R 18 24.85 -15.70 -10.36
C TYR R 18 23.70 -14.74 -10.65
N LEU R 19 22.69 -15.17 -11.40
CA LEU R 19 21.49 -14.37 -11.58
C LEU R 19 20.88 -13.95 -10.25
N CYS R 20 20.64 -14.93 -9.37
CA CYS R 20 19.85 -14.67 -8.16
C CYS R 20 20.44 -13.53 -7.35
N GLU R 21 21.77 -13.39 -7.36
CA GLU R 21 22.39 -12.40 -6.49
C GLU R 21 22.08 -10.98 -6.96
N LYS R 22 22.51 -10.62 -8.17
CA LYS R 22 22.43 -9.22 -8.57
C LYS R 22 21.66 -9.02 -9.87
N ILE R 23 20.63 -9.81 -10.12
CA ILE R 23 19.67 -9.37 -11.13
C ILE R 23 18.37 -9.08 -10.41
N ILE R 24 18.40 -9.14 -9.08
CA ILE R 24 17.30 -8.61 -8.29
C ILE R 24 17.05 -7.15 -8.66
N ALA R 25 18.10 -6.48 -9.11
CA ALA R 25 18.03 -5.14 -9.65
C ALA R 25 17.59 -5.13 -11.11
N GLU R 26 16.90 -6.17 -11.58
CA GLU R 26 16.43 -6.19 -12.96
C GLU R 26 15.63 -4.96 -13.32
N ARG R 27 14.51 -4.74 -12.64
CA ARG R 27 13.74 -3.52 -12.92
C ARG R 27 14.52 -2.28 -12.54
N HIS R 28 15.40 -2.40 -11.55
CA HIS R 28 16.22 -1.27 -11.12
C HIS R 28 17.19 -0.81 -12.20
N PHE R 29 17.65 -1.72 -13.06
CA PHE R 29 18.70 -1.44 -14.03
C PHE R 29 18.19 -1.48 -15.46
N ASP R 30 17.68 -2.62 -15.89
CA ASP R 30 17.53 -2.85 -17.31
C ASP R 30 16.26 -2.22 -17.83
N HIS R 31 15.21 -2.19 -17.03
CA HIS R 31 13.95 -1.61 -17.48
C HIS R 31 14.14 -0.14 -17.80
N LEU R 32 15.21 0.48 -17.30
CA LEU R 32 15.48 1.87 -17.60
C LEU R 32 16.67 2.08 -18.51
N ARG R 33 17.60 1.12 -18.57
CA ARG R 33 18.67 1.21 -19.55
C ARG R 33 18.43 0.41 -20.82
N ALA R 34 18.30 -0.90 -20.69
CA ALA R 34 18.20 -1.79 -21.83
C ALA R 34 16.90 -1.63 -22.60
N LYS R 35 16.09 -0.65 -22.24
CA LYS R 35 14.95 -0.32 -23.10
C LYS R 35 15.44 0.20 -24.44
N LYS R 36 16.71 0.60 -24.50
CA LYS R 36 17.41 0.86 -25.75
C LYS R 36 17.44 -0.39 -26.64
N ILE R 37 17.40 -1.57 -26.03
CA ILE R 37 17.39 -2.84 -26.76
C ILE R 37 16.16 -3.68 -26.44
N LEU R 38 15.78 -3.76 -25.16
CA LEU R 38 14.65 -4.58 -24.78
C LEU R 38 13.34 -3.96 -25.24
N SER R 39 12.37 -4.81 -25.57
CA SER R 39 11.05 -4.35 -25.97
C SER R 39 10.32 -3.72 -24.80
N ARG R 40 9.51 -2.70 -25.09
CA ARG R 40 8.79 -1.99 -24.04
C ARG R 40 7.84 -2.92 -23.31
N GLU R 41 7.04 -3.69 -24.06
CA GLU R 41 6.14 -4.64 -23.43
C GLU R 41 6.93 -5.71 -22.71
N ASP R 42 8.13 -6.02 -23.20
CA ASP R 42 8.93 -7.07 -22.57
C ASP R 42 9.20 -6.74 -21.12
N THR R 43 9.36 -5.46 -20.79
CA THR R 43 9.47 -5.08 -19.40
C THR R 43 8.22 -5.49 -18.63
N GLU R 44 7.05 -5.23 -19.21
CA GLU R 44 5.81 -5.63 -18.55
C GLU R 44 5.71 -7.14 -18.42
N GLU R 45 6.11 -7.87 -19.46
CA GLU R 45 6.07 -9.33 -19.37
C GLU R 45 6.99 -9.83 -18.28
N ILE R 46 8.19 -9.24 -18.17
CA ILE R 46 9.12 -9.64 -17.13
C ILE R 46 8.51 -9.37 -15.76
N SER R 47 7.97 -8.18 -15.57
CA SER R 47 7.62 -7.74 -14.22
C SER R 47 6.27 -8.24 -13.73
N CYS R 48 5.27 -8.29 -14.61
CA CYS R 48 3.89 -8.36 -14.15
C CYS R 48 3.60 -9.63 -13.37
N GLN R 49 3.91 -10.79 -13.94
CA GLN R 49 3.54 -12.06 -13.35
C GLN R 49 4.78 -12.96 -13.27
N THR R 50 5.50 -12.85 -12.17
CA THR R 50 6.57 -13.79 -11.87
C THR R 50 6.83 -13.69 -10.35
N SER R 51 7.96 -14.22 -9.89
CA SER R 51 8.25 -14.24 -8.46
C SER R 51 9.67 -13.74 -8.20
N SER R 52 10.08 -12.70 -8.92
CA SER R 52 11.23 -11.84 -8.59
C SER R 52 12.58 -12.53 -8.73
N ARG R 53 12.62 -13.85 -8.97
CA ARG R 53 13.90 -14.44 -9.36
C ARG R 53 13.78 -15.02 -10.76
N LYS R 54 12.78 -15.86 -10.97
CA LYS R 54 12.44 -16.36 -12.28
C LYS R 54 12.22 -15.18 -13.20
N ARG R 55 11.77 -14.06 -12.62
CA ARG R 55 11.67 -12.82 -13.36
C ARG R 55 13.00 -12.44 -13.99
N ALA R 56 14.06 -12.48 -13.19
CA ALA R 56 15.40 -12.23 -13.73
C ALA R 56 15.79 -13.31 -14.73
N GLY R 57 15.29 -14.53 -14.53
CA GLY R 57 15.59 -15.58 -15.49
C GLY R 57 15.04 -15.26 -16.87
N LYS R 58 13.79 -14.80 -16.91
CA LYS R 58 13.21 -14.41 -18.19
C LYS R 58 13.93 -13.19 -18.76
N LEU R 59 14.37 -12.29 -17.88
CA LEU R 59 15.18 -11.17 -18.37
C LEU R 59 16.42 -11.65 -19.09
N LEU R 60 17.20 -12.53 -18.47
CA LEU R 60 18.40 -13.02 -19.11
C LEU R 60 18.10 -13.88 -20.33
N ASP R 61 16.98 -14.58 -20.34
CA ASP R 61 16.58 -15.31 -21.54
C ASP R 61 16.34 -14.35 -22.70
N TYR R 62 15.68 -13.22 -22.43
CA TYR R 62 15.55 -12.21 -23.46
C TYR R 62 16.89 -11.61 -23.85
N LEU R 63 17.82 -11.53 -22.90
CA LEU R 63 19.13 -10.98 -23.17
C LEU R 63 20.00 -11.87 -24.04
N GLN R 64 19.90 -13.19 -23.89
CA GLN R 64 20.75 -14.09 -24.65
C GLN R 64 20.58 -13.87 -26.15
N GLU R 65 19.36 -13.61 -26.59
CA GLU R 65 19.08 -13.45 -28.00
C GLU R 65 19.83 -12.27 -28.58
N ASN R 66 19.94 -11.19 -27.83
CA ASN R 66 20.70 -10.05 -28.29
C ASN R 66 22.19 -10.39 -28.31
N PRO R 67 22.91 -9.96 -29.34
CA PRO R 67 24.36 -10.18 -29.34
C PRO R 67 25.06 -9.29 -28.34
N LYS R 68 24.45 -8.15 -28.03
CA LYS R 68 25.06 -7.16 -27.15
C LYS R 68 24.65 -7.45 -25.72
N GLY R 69 25.00 -8.65 -25.27
CA GLY R 69 24.84 -9.04 -23.89
C GLY R 69 25.78 -8.30 -22.96
N LEU R 70 26.62 -7.45 -23.52
CA LEU R 70 27.41 -6.49 -22.76
C LEU R 70 26.63 -5.23 -22.42
N ASP R 71 25.39 -5.13 -22.88
CA ASP R 71 24.57 -3.98 -22.52
C ASP R 71 24.28 -3.97 -21.02
N THR R 72 23.99 -5.15 -20.45
CA THR R 72 23.84 -5.23 -19.02
C THR R 72 25.13 -4.83 -18.32
N LEU R 73 26.27 -5.22 -18.87
CA LEU R 73 27.54 -4.83 -18.29
C LEU R 73 27.71 -3.31 -18.31
N VAL R 74 27.42 -2.70 -19.45
CA VAL R 74 27.57 -1.25 -19.59
C VAL R 74 26.65 -0.53 -18.60
N GLU R 75 25.41 -1.00 -18.49
CA GLU R 75 24.49 -0.44 -17.51
C GLU R 75 25.01 -0.63 -16.09
N SER R 76 25.65 -1.77 -15.83
CA SER R 76 26.09 -2.10 -14.49
C SER R 76 27.08 -1.07 -13.95
N ILE R 77 27.93 -0.53 -14.81
CA ILE R 77 28.83 0.53 -14.36
C ILE R 77 28.03 1.73 -13.87
N ARG R 78 26.95 2.07 -14.56
CA ARG R 78 26.03 3.07 -14.05
C ARG R 78 25.38 2.55 -12.77
N ARG R 79 25.04 3.47 -11.87
CA ARG R 79 24.64 3.14 -10.51
C ARG R 79 25.76 2.39 -9.79
N GLU R 80 26.85 3.14 -9.59
CA GLU R 80 28.07 2.64 -8.96
C GLU R 80 27.87 2.22 -7.51
N LYS R 81 26.76 2.60 -6.88
CA LYS R 81 26.51 2.13 -5.52
C LYS R 81 26.52 0.62 -5.46
N THR R 82 25.82 -0.04 -6.39
CA THR R 82 25.82 -1.49 -6.47
C THR R 82 27.08 -2.04 -7.11
N GLN R 83 27.95 -1.19 -7.63
CA GLN R 83 29.03 -1.71 -8.45
C GLN R 83 30.19 -2.19 -7.61
N ASN R 84 30.23 -1.83 -6.32
CA ASN R 84 31.31 -2.32 -5.46
C ASN R 84 31.45 -3.84 -5.57
N PHE R 85 30.32 -4.54 -5.61
CA PHE R 85 30.28 -5.96 -5.91
C PHE R 85 29.89 -6.26 -7.36
N LEU R 86 29.12 -5.39 -8.00
CA LEU R 86 28.65 -5.79 -9.31
C LEU R 86 29.79 -5.66 -10.33
N ILE R 87 30.79 -4.84 -10.02
CA ILE R 87 32.04 -4.83 -10.79
C ILE R 87 32.84 -6.09 -10.51
N GLN R 88 32.79 -6.59 -9.28
CA GLN R 88 33.28 -7.95 -9.06
C GLN R 88 32.56 -8.92 -9.98
N LYS R 89 31.28 -8.65 -10.23
CA LYS R 89 30.52 -9.45 -11.17
C LYS R 89 30.96 -9.21 -12.61
N ILE R 90 31.31 -7.99 -12.97
CA ILE R 90 31.76 -7.75 -14.34
C ILE R 90 33.13 -8.40 -14.55
N THR R 91 33.95 -8.42 -13.50
CA THR R 91 35.20 -9.18 -13.55
C THR R 91 34.94 -10.66 -13.69
N ASP R 92 33.96 -11.18 -12.95
CA ASP R 92 33.58 -12.58 -13.11
C ASP R 92 33.08 -12.86 -14.51
N GLU R 93 32.28 -11.94 -15.05
CA GLU R 93 31.77 -12.06 -16.41
C GLU R 93 32.90 -12.07 -17.42
N VAL R 94 33.86 -11.16 -17.26
CA VAL R 94 34.99 -11.08 -18.18
C VAL R 94 35.85 -12.32 -18.05
N LEU R 95 35.97 -12.86 -16.82
CA LEU R 95 36.74 -14.09 -16.64
C LEU R 95 36.09 -15.25 -17.36
N LYS R 96 34.77 -15.40 -17.22
CA LYS R 96 34.07 -16.47 -17.93
C LYS R 96 34.18 -16.26 -19.44
N LEU R 97 34.03 -15.02 -19.89
CA LEU R 97 34.14 -14.73 -21.31
C LEU R 97 35.53 -15.05 -21.82
N ARG R 98 36.57 -14.75 -21.03
CA ARG R 98 37.93 -15.05 -21.42
C ARG R 98 38.17 -16.55 -21.47
N ASN R 99 37.62 -17.29 -20.50
CA ASN R 99 37.76 -18.74 -20.52
C ASN R 99 37.12 -19.32 -21.78
N ILE R 100 35.91 -18.88 -22.09
CA ILE R 100 35.22 -19.39 -23.26
C ILE R 100 35.95 -18.96 -24.53
N LYS R 101 36.52 -17.75 -24.53
CA LYS R 101 37.29 -17.28 -25.67
C LYS R 101 38.54 -18.14 -25.88
N LEU R 102 39.23 -18.49 -24.80
CA LEU R 102 40.39 -19.36 -24.90
C LEU R 102 39.98 -20.72 -25.43
N GLU R 103 38.84 -21.24 -24.99
CA GLU R 103 38.33 -22.47 -25.57
C GLU R 103 38.05 -22.30 -27.05
N HIS R 104 37.51 -21.14 -27.44
CA HIS R 104 37.17 -20.88 -28.83
C HIS R 104 38.42 -20.87 -29.70
N LEU R 105 39.51 -20.29 -29.19
CA LEU R 105 40.77 -20.31 -29.94
C LEU R 105 41.28 -21.73 -30.15
N LYS R 106 41.19 -22.57 -29.11
CA LYS R 106 41.69 -23.94 -29.09
C LYS R 106 42.94 -24.16 -29.95
N GLU S 1 -25.66 1.09 -46.42
CA GLU S 1 -25.55 -0.11 -47.23
C GLU S 1 -25.50 -1.35 -46.34
N GLU S 2 -25.50 -1.12 -45.04
CA GLU S 2 -25.41 -2.17 -44.02
C GLU S 2 -24.11 -2.94 -44.11
N ASP S 3 -23.15 -2.43 -44.89
CA ASP S 3 -21.82 -3.01 -44.97
C ASP S 3 -20.75 -2.13 -44.32
N LEU S 4 -21.09 -0.90 -43.96
CA LEU S 4 -20.17 -0.06 -43.22
C LEU S 4 -19.72 -0.73 -41.94
N THR S 5 -20.57 -1.58 -41.36
CA THR S 5 -20.15 -2.39 -40.23
C THR S 5 -18.95 -3.24 -40.59
N GLU S 6 -19.01 -3.91 -41.74
CA GLU S 6 -17.90 -4.76 -42.16
C GLU S 6 -16.64 -3.93 -42.42
N VAL S 7 -16.79 -2.80 -43.10
CA VAL S 7 -15.60 -2.01 -43.42
C VAL S 7 -15.02 -1.39 -42.17
N LYS S 8 -15.82 -1.27 -41.10
CA LYS S 8 -15.29 -0.82 -39.83
C LYS S 8 -14.23 -1.79 -39.32
N LYS S 9 -14.45 -3.09 -39.50
CA LYS S 9 -13.44 -4.06 -39.10
C LYS S 9 -12.15 -3.88 -39.89
N ASP S 10 -12.27 -3.64 -41.19
CA ASP S 10 -11.08 -3.41 -41.99
C ASP S 10 -10.34 -2.16 -41.54
N ALA S 11 -11.09 -1.10 -41.26
CA ALA S 11 -10.47 0.12 -40.76
C ALA S 11 -9.76 -0.13 -39.44
N LEU S 12 -10.39 -0.91 -38.56
CA LEU S 12 -9.77 -1.26 -37.29
C LEU S 12 -8.47 -2.01 -37.50
N GLU S 13 -8.48 -3.03 -38.37
CA GLU S 13 -7.28 -3.81 -38.60
C GLU S 13 -6.18 -2.96 -39.19
N ASN S 14 -6.50 -2.10 -40.15
CA ASN S 14 -5.50 -1.18 -40.67
C ASN S 14 -4.99 -0.25 -39.57
N LEU S 15 -5.84 0.05 -38.59
CA LEU S 15 -5.48 0.93 -37.50
C LEU S 15 -5.01 0.19 -36.27
N ARG S 16 -4.83 -1.13 -36.37
CA ARG S 16 -4.41 -1.88 -35.19
C ARG S 16 -2.98 -1.56 -34.78
N VAL S 17 -2.20 -0.90 -35.64
CA VAL S 17 -0.88 -0.45 -35.21
C VAL S 17 -1.01 0.55 -34.07
N TYR S 18 -1.95 1.49 -34.18
CA TYR S 18 -2.15 2.50 -33.15
C TYR S 18 -2.71 1.94 -31.86
N LEU S 19 -2.92 0.63 -31.79
CA LEU S 19 -3.32 -0.01 -30.54
C LEU S 19 -2.36 0.32 -29.41
N CYS S 20 -1.06 0.09 -29.64
CA CYS S 20 -0.08 0.16 -28.55
C CYS S 20 -0.13 1.50 -27.85
N GLU S 21 -0.43 2.57 -28.58
CA GLU S 21 -0.37 3.90 -27.97
C GLU S 21 -1.47 4.10 -26.95
N LYS S 22 -2.73 4.06 -27.38
CA LYS S 22 -3.81 4.45 -26.49
C LYS S 22 -4.87 3.37 -26.31
N ILE S 23 -4.48 2.10 -26.30
CA ILE S 23 -5.39 1.12 -25.74
C ILE S 23 -4.75 0.57 -24.48
N ILE S 24 -3.62 1.17 -24.08
CA ILE S 24 -3.09 0.94 -22.74
C ILE S 24 -4.15 1.26 -21.70
N ALA S 25 -5.06 2.16 -22.04
CA ALA S 25 -6.22 2.47 -21.24
C ALA S 25 -7.35 1.48 -21.46
N GLU S 26 -7.06 0.26 -21.91
CA GLU S 26 -8.11 -0.74 -22.11
C GLU S 26 -8.95 -0.94 -20.86
N ARG S 27 -8.33 -1.38 -19.77
CA ARG S 27 -9.09 -1.55 -18.55
C ARG S 27 -9.59 -0.21 -18.03
N HIS S 28 -8.85 0.86 -18.33
CA HIS S 28 -9.24 2.20 -17.91
C HIS S 28 -10.54 2.66 -18.56
N PHE S 29 -10.82 2.21 -19.77
CA PHE S 29 -11.95 2.69 -20.57
C PHE S 29 -13.02 1.64 -20.76
N ASP S 30 -12.67 0.53 -21.38
CA ASP S 30 -13.68 -0.34 -21.95
C ASP S 30 -14.26 -1.26 -20.89
N HIS S 31 -13.43 -1.68 -19.93
CA HIS S 31 -13.92 -2.57 -18.89
C HIS S 31 -15.02 -1.90 -18.08
N LEU S 32 -15.11 -0.57 -18.16
CA LEU S 32 -16.16 0.13 -17.45
C LEU S 32 -17.22 0.72 -18.36
N ARG S 33 -16.90 0.97 -19.64
CA ARG S 33 -17.92 1.38 -20.59
C ARG S 33 -18.49 0.25 -21.43
N ALA S 34 -17.64 -0.40 -22.21
CA ALA S 34 -18.09 -1.40 -23.18
C ALA S 34 -18.60 -2.66 -22.50
N LYS S 35 -18.71 -2.67 -21.18
CA LYS S 35 -19.41 -3.78 -20.53
C LYS S 35 -20.87 -3.78 -20.94
N LYS S 36 -21.35 -2.65 -21.47
CA LYS S 36 -22.63 -2.57 -22.16
C LYS S 36 -22.68 -3.52 -23.35
N ILE S 37 -21.52 -3.83 -23.94
CA ILE S 37 -21.43 -4.74 -25.08
C ILE S 37 -20.51 -5.93 -24.79
N LEU S 38 -19.36 -5.67 -24.17
CA LEU S 38 -18.41 -6.74 -23.90
C LEU S 38 -18.91 -7.66 -22.81
N SER S 39 -18.57 -8.94 -22.92
CA SER S 39 -18.94 -9.91 -21.90
C SER S 39 -18.20 -9.64 -20.60
N ARG S 40 -18.87 -9.94 -19.48
CA ARG S 40 -18.27 -9.68 -18.18
C ARG S 40 -17.01 -10.50 -17.98
N GLU S 41 -17.08 -11.80 -18.27
CA GLU S 41 -15.89 -12.63 -18.15
C GLU S 41 -14.84 -12.19 -19.16
N ASP S 42 -15.26 -11.64 -20.29
CA ASP S 42 -14.32 -11.23 -21.31
C ASP S 42 -13.34 -10.22 -20.76
N THR S 43 -13.80 -9.36 -19.85
CA THR S 43 -12.88 -8.46 -19.18
C THR S 43 -11.82 -9.25 -18.42
N GLU S 44 -12.24 -10.29 -17.70
CA GLU S 44 -11.29 -11.12 -16.98
C GLU S 44 -10.34 -11.83 -17.93
N GLU S 45 -10.86 -12.33 -19.05
CA GLU S 45 -9.99 -13.00 -20.01
C GLU S 45 -8.96 -12.03 -20.57
N ILE S 46 -9.39 -10.80 -20.87
CA ILE S 46 -8.46 -9.80 -21.37
C ILE S 46 -7.39 -9.51 -20.34
N SER S 47 -7.79 -9.30 -19.09
CA SER S 47 -6.87 -8.73 -18.11
C SER S 47 -5.98 -9.77 -17.44
N CYS S 48 -6.51 -10.97 -17.15
CA CYS S 48 -5.87 -11.84 -16.17
C CYS S 48 -4.49 -12.29 -16.62
N GLN S 49 -4.38 -12.84 -17.82
CA GLN S 49 -3.13 -13.44 -18.29
C GLN S 49 -2.79 -12.87 -19.66
N THR S 50 -2.05 -11.77 -19.66
CA THR S 50 -1.46 -11.25 -20.89
C THR S 50 -0.32 -10.32 -20.46
N SER S 51 0.17 -9.49 -21.38
CA SER S 51 1.31 -8.61 -21.09
C SER S 51 1.02 -7.18 -21.53
N SER S 52 -0.21 -6.73 -21.31
CA SER S 52 -0.59 -5.31 -21.31
C SER S 52 -0.54 -4.66 -22.69
N ARG S 53 -0.03 -5.33 -23.72
CA ARG S 53 -0.24 -4.82 -25.07
C ARG S 53 -1.05 -5.80 -25.88
N LYS S 54 -0.59 -7.05 -25.91
CA LYS S 54 -1.35 -8.15 -26.50
C LYS S 54 -2.72 -8.19 -25.85
N ARG S 55 -2.78 -7.74 -24.60
CA ARG S 55 -4.05 -7.60 -23.90
C ARG S 55 -4.98 -6.69 -24.69
N ALA S 56 -4.48 -5.53 -25.11
CA ALA S 56 -5.27 -4.65 -25.96
C ALA S 56 -5.57 -5.30 -27.30
N GLY S 57 -4.67 -6.14 -27.78
CA GLY S 57 -4.92 -6.85 -29.02
C GLY S 57 -6.15 -7.73 -28.93
N LYS S 58 -6.23 -8.50 -27.84
CA LYS S 58 -7.40 -9.35 -27.64
C LYS S 58 -8.65 -8.50 -27.43
N LEU S 59 -8.49 -7.35 -26.78
CA LEU S 59 -9.62 -6.44 -26.66
C LEU S 59 -10.16 -6.04 -28.02
N LEU S 60 -9.29 -5.57 -28.91
CA LEU S 60 -9.75 -5.17 -30.24
C LEU S 60 -10.24 -6.35 -31.06
N ASP S 61 -9.68 -7.53 -30.86
CA ASP S 61 -10.21 -8.71 -31.53
C ASP S 61 -11.64 -8.99 -31.10
N TYR S 62 -11.93 -8.85 -29.80
CA TYR S 62 -13.32 -8.96 -29.36
C TYR S 62 -14.17 -7.83 -29.91
N LEU S 63 -13.59 -6.65 -30.11
CA LEU S 63 -14.32 -5.51 -30.64
C LEU S 63 -14.70 -5.66 -32.11
N GLN S 64 -13.83 -6.28 -32.92
CA GLN S 64 -14.11 -6.39 -34.35
C GLN S 64 -15.43 -7.09 -34.60
N GLU S 65 -15.73 -8.11 -33.79
CA GLU S 65 -16.94 -8.90 -34.00
C GLU S 65 -18.19 -8.04 -33.84
N ASN S 66 -18.16 -7.12 -32.90
CA ASN S 66 -19.29 -6.23 -32.73
C ASN S 66 -19.37 -5.26 -33.90
N PRO S 67 -20.56 -4.97 -34.41
CA PRO S 67 -20.67 -3.97 -35.47
C PRO S 67 -20.45 -2.58 -34.94
N LYS S 68 -20.73 -2.37 -33.66
CA LYS S 68 -20.64 -1.05 -33.05
C LYS S 68 -19.23 -0.85 -32.49
N GLY S 69 -18.27 -0.94 -33.41
CA GLY S 69 -16.89 -0.60 -33.10
C GLY S 69 -16.69 0.87 -32.86
N LEU S 70 -17.75 1.66 -32.98
CA LEU S 70 -17.77 3.04 -32.55
C LEU S 70 -18.06 3.17 -31.06
N ASP S 71 -18.30 2.07 -30.36
CA ASP S 71 -18.49 2.14 -28.92
C ASP S 71 -17.22 2.61 -28.23
N THR S 72 -16.07 2.10 -28.67
CA THR S 72 -14.80 2.61 -28.15
C THR S 72 -14.67 4.09 -28.43
N LEU S 73 -15.09 4.53 -29.61
CA LEU S 73 -15.02 5.95 -29.94
C LEU S 73 -15.90 6.76 -28.99
N VAL S 74 -17.13 6.30 -28.76
CA VAL S 74 -18.05 7.02 -27.89
C VAL S 74 -17.49 7.09 -26.47
N GLU S 75 -16.94 5.98 -25.99
CA GLU S 75 -16.30 5.99 -24.68
C GLU S 75 -15.11 6.94 -24.65
N SER S 76 -14.38 7.03 -25.77
CA SER S 76 -13.15 7.82 -25.81
C SER S 76 -13.43 9.28 -25.53
N ILE S 77 -14.58 9.79 -25.97
CA ILE S 77 -14.93 11.17 -25.64
C ILE S 77 -15.05 11.33 -24.13
N ARG S 78 -15.64 10.35 -23.46
CA ARG S 78 -15.61 10.36 -22.00
C ARG S 78 -14.17 10.19 -21.52
N ARG S 79 -13.87 10.77 -20.35
CA ARG S 79 -12.51 10.93 -19.87
C ARG S 79 -11.69 11.77 -20.85
N GLU S 80 -12.11 13.03 -20.94
CA GLU S 80 -11.53 14.02 -21.84
C GLU S 80 -10.06 14.34 -21.51
N LYS S 81 -9.58 13.95 -20.34
CA LYS S 81 -8.16 14.16 -20.04
C LYS S 81 -7.28 13.50 -21.10
N THR S 82 -7.57 12.24 -21.43
CA THR S 82 -6.86 11.53 -22.47
C THR S 82 -7.28 11.96 -23.87
N GLN S 83 -8.33 12.77 -23.99
CA GLN S 83 -8.88 12.98 -25.31
C GLN S 83 -8.11 14.03 -26.09
N ASN S 84 -7.25 14.81 -25.43
CA ASN S 84 -6.46 15.81 -26.14
C ASN S 84 -5.75 15.17 -27.33
N PHE S 85 -5.20 13.96 -27.14
CA PHE S 85 -4.68 13.14 -28.22
C PHE S 85 -5.63 12.05 -28.67
N LEU S 86 -6.51 11.57 -27.80
CA LEU S 86 -7.30 10.43 -28.23
C LEU S 86 -8.39 10.91 -29.20
N ILE S 87 -8.75 12.19 -29.15
CA ILE S 87 -9.58 12.78 -30.19
C ILE S 87 -8.80 12.94 -31.48
N GLN S 88 -7.50 13.23 -31.38
CA GLN S 88 -6.67 13.09 -32.56
C GLN S 88 -6.78 11.67 -33.09
N LYS S 89 -6.92 10.70 -32.19
CA LYS S 89 -7.13 9.32 -32.61
C LYS S 89 -8.52 9.11 -33.21
N ILE S 90 -9.54 9.79 -32.69
CA ILE S 90 -10.87 9.61 -33.28
C ILE S 90 -10.91 10.26 -34.65
N THR S 91 -10.16 11.35 -34.82
CA THR S 91 -10.00 11.94 -36.15
C THR S 91 -9.26 10.99 -37.08
N ASP S 92 -8.21 10.34 -36.58
CA ASP S 92 -7.51 9.34 -37.37
C ASP S 92 -8.44 8.19 -37.74
N GLU S 93 -9.25 7.76 -36.78
CA GLU S 93 -10.21 6.71 -37.01
C GLU S 93 -11.22 7.09 -38.07
N VAL S 94 -11.75 8.31 -37.97
CA VAL S 94 -12.73 8.79 -38.93
C VAL S 94 -12.08 8.95 -40.30
N LEU S 95 -10.80 9.35 -40.34
CA LEU S 95 -10.11 9.45 -41.61
C LEU S 95 -9.96 8.09 -42.27
N LYS S 96 -9.55 7.08 -41.50
CA LYS S 96 -9.44 5.74 -42.06
C LYS S 96 -10.80 5.22 -42.49
N LEU S 97 -11.83 5.48 -41.69
CA LEU S 97 -13.18 5.05 -42.04
C LEU S 97 -13.65 5.73 -43.32
N ARG S 98 -13.33 7.02 -43.47
CA ARG S 98 -13.71 7.74 -44.67
C ARG S 98 -12.96 7.21 -45.89
N ASN S 99 -11.67 6.90 -45.73
CA ASN S 99 -10.93 6.33 -46.84
C ASN S 99 -11.53 5.00 -47.27
N ILE S 100 -11.84 4.14 -46.31
CA ILE S 100 -12.42 2.84 -46.64
C ILE S 100 -13.80 3.02 -47.23
N LYS S 101 -14.55 4.01 -46.75
CA LYS S 101 -15.88 4.29 -47.30
C LYS S 101 -15.78 4.75 -48.74
N LEU S 102 -14.82 5.62 -49.04
CA LEU S 102 -14.61 6.05 -50.42
C LEU S 102 -14.23 4.88 -51.31
N GLU S 103 -13.40 3.97 -50.80
CA GLU S 103 -13.13 2.75 -51.54
C GLU S 103 -14.40 1.94 -51.75
N HIS S 104 -15.25 1.88 -50.73
CA HIS S 104 -16.50 1.12 -50.82
C HIS S 104 -17.41 1.68 -51.89
N LEU S 105 -17.49 3.00 -52.00
CA LEU S 105 -18.30 3.61 -53.04
C LEU S 105 -17.78 3.25 -54.43
N LYS S 106 -16.45 3.28 -54.61
CA LYS S 106 -15.77 3.03 -55.89
C LYS S 106 -16.56 3.50 -57.10
N GLU T 1 -31.90 -45.28 -2.26
CA GLU T 1 -31.88 -46.12 -3.45
C GLU T 1 -30.47 -46.21 -4.02
N GLU T 2 -29.55 -45.49 -3.40
CA GLU T 2 -28.15 -45.40 -3.82
C GLU T 2 -28.01 -44.79 -5.21
N ASP T 3 -29.08 -44.20 -5.73
CA ASP T 3 -29.04 -43.48 -6.99
C ASP T 3 -29.20 -41.98 -6.82
N LEU T 4 -29.56 -41.52 -5.62
CA LEU T 4 -29.60 -40.10 -5.35
C LEU T 4 -28.27 -39.44 -5.64
N THR T 5 -27.18 -40.19 -5.48
CA THR T 5 -25.87 -39.69 -5.90
C THR T 5 -25.88 -39.32 -7.37
N GLU T 6 -26.42 -40.21 -8.21
CA GLU T 6 -26.45 -39.94 -9.64
C GLU T 6 -27.35 -38.74 -9.95
N VAL T 7 -28.52 -38.66 -9.32
CA VAL T 7 -29.43 -37.57 -9.64
C VAL T 7 -28.87 -36.26 -9.11
N LYS T 8 -27.96 -36.32 -8.15
CA LYS T 8 -27.27 -35.11 -7.72
C LYS T 8 -26.50 -34.49 -8.87
N LYS T 9 -25.86 -35.32 -9.70
CA LYS T 9 -25.15 -34.78 -10.85
C LYS T 9 -26.11 -34.09 -11.81
N ASP T 10 -27.27 -34.70 -12.05
CA ASP T 10 -28.26 -34.07 -12.93
C ASP T 10 -28.73 -32.74 -12.35
N ALA T 11 -28.97 -32.71 -11.05
CA ALA T 11 -29.38 -31.46 -10.41
C ALA T 11 -28.29 -30.40 -10.55
N LEU T 12 -27.04 -30.81 -10.39
CA LEU T 12 -25.93 -29.88 -10.56
C LEU T 12 -25.89 -29.33 -11.98
N GLU T 13 -26.00 -30.21 -12.97
CA GLU T 13 -25.94 -29.75 -14.36
C GLU T 13 -27.09 -28.81 -14.68
N ASN T 14 -28.29 -29.13 -14.21
CA ASN T 14 -29.42 -28.21 -14.39
C ASN T 14 -29.15 -26.90 -13.67
N LEU T 15 -28.38 -26.95 -12.59
CA LEU T 15 -28.08 -25.76 -11.80
C LEU T 15 -26.75 -25.14 -12.18
N ARG T 16 -26.09 -25.64 -13.23
CA ARG T 16 -24.80 -25.09 -13.59
C ARG T 16 -24.89 -23.66 -14.11
N VAL T 17 -26.09 -23.19 -14.45
CA VAL T 17 -26.23 -21.79 -14.81
C VAL T 17 -25.87 -20.89 -13.63
N TYR T 18 -26.33 -21.25 -12.43
CA TYR T 18 -26.05 -20.46 -11.25
C TYR T 18 -24.59 -20.53 -10.82
N LEU T 19 -23.75 -21.24 -11.56
CA LEU T 19 -22.31 -21.22 -11.30
C LEU T 19 -21.76 -19.81 -11.27
N CYS T 20 -22.04 -19.03 -12.32
CA CYS T 20 -21.37 -17.74 -12.50
C CYS T 20 -21.55 -16.85 -11.29
N GLU T 21 -22.71 -16.95 -10.62
CA GLU T 21 -22.99 -16.04 -9.52
C GLU T 21 -22.09 -16.30 -8.32
N LYS T 22 -22.21 -17.48 -7.72
CA LYS T 22 -21.52 -17.71 -6.46
C LYS T 22 -20.58 -18.91 -6.49
N ILE T 23 -19.91 -19.16 -7.60
CA ILE T 23 -18.75 -20.03 -7.50
C ILE T 23 -17.53 -19.18 -7.83
N ILE T 24 -17.75 -17.87 -7.98
CA ILE T 24 -16.63 -16.92 -7.99
C ILE T 24 -15.80 -17.10 -6.74
N ALA T 25 -16.43 -17.55 -5.67
CA ALA T 25 -15.77 -17.92 -4.43
C ALA T 25 -15.19 -19.32 -4.49
N GLU T 26 -14.91 -19.85 -5.68
CA GLU T 26 -14.33 -21.18 -5.78
C GLU T 26 -13.06 -21.31 -4.95
N ARG T 27 -12.03 -20.52 -5.26
CA ARG T 27 -10.82 -20.59 -4.45
C ARG T 27 -11.10 -20.14 -3.02
N HIS T 28 -12.07 -19.24 -2.85
CA HIS T 28 -12.42 -18.75 -1.52
C HIS T 28 -12.99 -19.85 -0.63
N PHE T 29 -13.65 -20.84 -1.21
CA PHE T 29 -14.38 -21.86 -0.45
C PHE T 29 -13.76 -23.23 -0.58
N ASP T 30 -13.69 -23.75 -1.79
CA ASP T 30 -13.46 -25.18 -1.96
C ASP T 30 -11.98 -25.52 -1.86
N HIS T 31 -11.12 -24.62 -2.32
CA HIS T 31 -9.70 -24.89 -2.26
C HIS T 31 -9.24 -25.05 -0.81
N LEU T 32 -10.04 -24.57 0.14
CA LEU T 32 -9.69 -24.71 1.53
C LEU T 32 -10.59 -25.69 2.28
N ARG T 33 -11.80 -25.95 1.79
CA ARG T 33 -12.63 -27.00 2.37
C ARG T 33 -12.56 -28.32 1.65
N ALA T 34 -12.97 -28.35 0.39
CA ALA T 34 -13.10 -29.57 -0.37
C ALA T 34 -11.75 -30.21 -0.69
N LYS T 35 -10.66 -29.67 -0.15
CA LYS T 35 -9.40 -30.37 -0.24
C LYS T 35 -9.47 -31.69 0.53
N LYS T 36 -10.45 -31.81 1.41
CA LYS T 36 -10.83 -33.07 2.02
C LYS T 36 -11.25 -34.09 0.97
N ILE T 37 -11.74 -33.63 -0.18
CA ILE T 37 -12.14 -34.50 -1.28
C ILE T 37 -11.39 -34.19 -2.57
N LEU T 38 -11.25 -32.90 -2.90
CA LEU T 38 -10.58 -32.53 -4.14
C LEU T 38 -9.09 -32.80 -4.06
N SER T 39 -8.50 -33.14 -5.19
CA SER T 39 -7.06 -33.37 -5.27
C SER T 39 -6.30 -32.08 -5.09
N ARG T 40 -5.12 -32.18 -4.46
CA ARG T 40 -4.32 -31.00 -4.19
C ARG T 40 -3.92 -30.31 -5.48
N GLU T 41 -3.39 -31.07 -6.44
CA GLU T 41 -3.02 -30.48 -7.72
C GLU T 41 -4.26 -29.96 -8.44
N ASP T 42 -5.41 -30.59 -8.19
CA ASP T 42 -6.62 -30.16 -8.87
C ASP T 42 -6.93 -28.71 -8.58
N THR T 43 -6.61 -28.25 -7.37
CA THR T 43 -6.74 -26.83 -7.09
C THR T 43 -5.86 -26.01 -8.02
N GLU T 44 -4.62 -26.45 -8.22
CA GLU T 44 -3.72 -25.76 -9.13
C GLU T 44 -4.25 -25.81 -10.56
N GLU T 45 -4.77 -26.95 -10.98
CA GLU T 45 -5.31 -27.03 -12.33
C GLU T 45 -6.49 -26.09 -12.50
N ILE T 46 -7.35 -26.01 -11.50
CA ILE T 46 -8.49 -25.11 -11.56
C ILE T 46 -8.00 -23.67 -11.67
N SER T 47 -7.05 -23.29 -10.82
CA SER T 47 -6.74 -21.88 -10.65
C SER T 47 -5.77 -21.34 -11.70
N CYS T 48 -4.76 -22.13 -12.08
CA CYS T 48 -3.59 -21.56 -12.73
C CYS T 48 -3.92 -20.92 -14.07
N GLN T 49 -4.60 -21.65 -14.95
CA GLN T 49 -4.84 -21.19 -16.32
C GLN T 49 -6.31 -21.33 -16.63
N THR T 50 -7.08 -20.29 -16.33
CA THR T 50 -8.47 -20.18 -16.78
C THR T 50 -8.85 -18.70 -16.70
N SER T 51 -10.13 -18.39 -16.75
CA SER T 51 -10.59 -17.02 -16.76
C SER T 51 -11.72 -16.80 -15.75
N SER T 52 -11.59 -17.44 -14.58
CA SER T 52 -12.34 -17.10 -13.37
C SER T 52 -13.83 -17.43 -13.44
N ARG T 53 -14.35 -17.84 -14.60
CA ARG T 53 -15.69 -18.40 -14.61
C ARG T 53 -15.65 -19.84 -15.07
N LYS T 54 -15.04 -20.06 -16.23
CA LYS T 54 -14.76 -21.40 -16.72
C LYS T 54 -13.99 -22.15 -15.65
N ARG T 55 -13.22 -21.40 -14.87
CA ARG T 55 -12.52 -21.97 -13.72
C ARG T 55 -13.52 -22.66 -12.79
N ALA T 56 -14.61 -21.97 -12.45
CA ALA T 56 -15.65 -22.58 -11.65
C ALA T 56 -16.31 -23.73 -12.39
N GLY T 57 -16.37 -23.64 -13.71
CA GLY T 57 -16.92 -24.74 -14.49
C GLY T 57 -16.13 -26.01 -14.31
N LYS T 58 -14.80 -25.91 -14.40
CA LYS T 58 -13.95 -27.07 -14.17
C LYS T 58 -14.07 -27.54 -12.74
N LEU T 59 -14.22 -26.61 -11.79
CA LEU T 59 -14.45 -27.02 -10.41
C LEU T 59 -15.69 -27.90 -10.29
N LEU T 60 -16.82 -27.45 -10.83
CA LEU T 60 -18.03 -28.24 -10.75
C LEU T 60 -17.94 -29.53 -11.54
N ASP T 61 -17.19 -29.54 -12.64
CA ASP T 61 -16.96 -30.77 -13.37
C ASP T 61 -16.22 -31.79 -12.51
N TYR T 62 -15.22 -31.33 -11.77
CA TYR T 62 -14.56 -32.22 -10.82
C TYR T 62 -15.50 -32.64 -9.69
N LEU T 63 -16.43 -31.77 -9.33
CA LEU T 63 -17.39 -32.08 -8.27
C LEU T 63 -18.41 -33.12 -8.67
N GLN T 64 -18.85 -33.13 -9.92
CA GLN T 64 -19.90 -34.06 -10.33
C GLN T 64 -19.47 -35.50 -10.10
N GLU T 65 -18.19 -35.79 -10.32
CA GLU T 65 -17.70 -37.16 -10.18
C GLU T 65 -17.85 -37.65 -8.75
N ASN T 66 -17.62 -36.78 -7.78
CA ASN T 66 -17.80 -37.17 -6.40
C ASN T 66 -19.29 -37.36 -6.11
N PRO T 67 -19.66 -38.39 -5.34
CA PRO T 67 -21.07 -38.52 -4.96
C PRO T 67 -21.47 -37.48 -3.95
N LYS T 68 -20.51 -37.00 -3.17
CA LYS T 68 -20.78 -36.07 -2.08
C LYS T 68 -20.70 -34.64 -2.64
N GLY T 69 -21.54 -34.37 -3.62
CA GLY T 69 -21.73 -33.03 -4.14
C GLY T 69 -22.41 -32.11 -3.16
N LEU T 70 -22.77 -32.63 -1.99
CA LEU T 70 -23.21 -31.83 -0.88
C LEU T 70 -22.05 -31.28 -0.07
N ASP T 71 -20.81 -31.63 -0.44
CA ASP T 71 -19.67 -31.05 0.25
C ASP T 71 -19.59 -29.55 0.03
N THR T 72 -19.85 -29.11 -1.20
CA THR T 72 -19.93 -27.67 -1.45
C THR T 72 -21.03 -27.04 -0.61
N LEU T 73 -22.15 -27.74 -0.46
CA LEU T 73 -23.24 -27.22 0.36
C LEU T 73 -22.80 -27.07 1.81
N VAL T 74 -22.14 -28.10 2.34
CA VAL T 74 -21.69 -28.07 3.73
C VAL T 74 -20.70 -26.94 3.94
N GLU T 75 -19.76 -26.78 3.01
CA GLU T 75 -18.84 -25.67 3.07
C GLU T 75 -19.55 -24.33 2.99
N SER T 76 -20.62 -24.26 2.20
CA SER T 76 -21.32 -23.01 1.97
C SER T 76 -21.88 -22.43 3.26
N ILE T 77 -22.32 -23.29 4.17
CA ILE T 77 -22.79 -22.79 5.46
C ILE T 77 -21.65 -22.10 6.20
N ARG T 78 -20.44 -22.66 6.11
CA ARG T 78 -19.29 -21.94 6.63
C ARG T 78 -19.06 -20.69 5.79
N ARG T 79 -18.50 -19.66 6.42
CA ARG T 79 -18.44 -18.32 5.85
C ARG T 79 -19.84 -17.80 5.57
N GLU T 80 -20.56 -17.59 6.68
CA GLU T 80 -21.95 -17.14 6.66
C GLU T 80 -22.11 -15.74 6.08
N LYS T 81 -21.03 -14.98 5.94
CA LYS T 81 -21.16 -13.66 5.31
C LYS T 81 -21.77 -13.78 3.92
N THR T 82 -21.27 -14.72 3.12
CA THR T 82 -21.82 -14.99 1.80
C THR T 82 -23.12 -15.78 1.85
N GLN T 83 -23.50 -16.27 3.03
CA GLN T 83 -24.58 -17.24 3.05
C GLN T 83 -25.94 -16.56 3.01
N ASN T 84 -25.99 -15.24 3.25
CA ASN T 84 -27.28 -14.55 3.18
C ASN T 84 -27.99 -14.84 1.87
N PHE T 85 -27.24 -14.87 0.77
CA PHE T 85 -27.73 -15.35 -0.52
C PHE T 85 -27.31 -16.78 -0.84
N LEU T 86 -26.19 -17.24 -0.31
CA LEU T 86 -25.75 -18.55 -0.75
C LEU T 86 -26.61 -19.63 -0.10
N ILE T 87 -27.24 -19.31 1.03
CA ILE T 87 -28.27 -20.18 1.60
C ILE T 87 -29.52 -20.12 0.75
N GLN T 88 -29.84 -18.96 0.17
CA GLN T 88 -30.85 -18.94 -0.87
C GLN T 88 -30.46 -19.92 -1.98
N LYS T 89 -29.15 -20.02 -2.23
CA LYS T 89 -28.66 -20.99 -3.20
C LYS T 89 -28.79 -22.42 -2.69
N ILE T 90 -28.58 -22.65 -1.40
CA ILE T 90 -28.72 -24.02 -0.91
C ILE T 90 -30.19 -24.42 -0.93
N THR T 91 -31.09 -23.45 -0.70
CA THR T 91 -32.51 -23.70 -0.87
C THR T 91 -32.84 -24.00 -2.32
N ASP T 92 -32.24 -23.24 -3.25
CA ASP T 92 -32.42 -23.52 -4.67
C ASP T 92 -31.91 -24.92 -5.02
N GLU T 93 -30.75 -25.27 -4.47
CA GLU T 93 -30.16 -26.58 -4.67
C GLU T 93 -31.07 -27.68 -4.15
N VAL T 94 -31.60 -27.49 -2.94
CA VAL T 94 -32.49 -28.49 -2.35
C VAL T 94 -33.78 -28.57 -3.14
N LEU T 95 -34.25 -27.45 -3.67
CA LEU T 95 -35.45 -27.47 -4.49
C LEU T 95 -35.23 -28.27 -5.76
N LYS T 96 -34.11 -28.05 -6.44
CA LYS T 96 -33.80 -28.82 -7.64
C LYS T 96 -33.63 -30.29 -7.30
N LEU T 97 -32.94 -30.57 -6.19
CA LEU T 97 -32.76 -31.95 -5.77
C LEU T 97 -34.09 -32.61 -5.47
N ARG T 98 -35.01 -31.89 -4.83
CA ARG T 98 -36.33 -32.42 -4.53
C ARG T 98 -37.13 -32.66 -5.79
N ASN T 99 -37.04 -31.75 -6.76
CA ASN T 99 -37.73 -31.96 -8.02
C ASN T 99 -37.22 -33.21 -8.71
N ILE T 100 -35.90 -33.37 -8.77
CA ILE T 100 -35.33 -34.54 -9.42
C ILE T 100 -35.67 -35.79 -8.65
N LYS T 101 -35.72 -35.70 -7.32
CA LYS T 101 -36.09 -36.84 -6.49
C LYS T 101 -37.54 -37.25 -6.75
N LEU T 102 -38.43 -36.28 -6.87
CA LEU T 102 -39.82 -36.58 -7.18
C LEU T 102 -39.93 -37.24 -8.55
N GLU T 103 -39.15 -36.77 -9.52
CA GLU T 103 -39.09 -37.45 -10.81
C GLU T 103 -38.57 -38.88 -10.65
N HIS T 104 -37.58 -39.07 -9.79
CA HIS T 104 -37.00 -40.39 -9.57
C HIS T 104 -38.03 -41.36 -9.00
N LEU T 105 -38.86 -40.87 -8.06
CA LEU T 105 -39.91 -41.72 -7.51
C LEU T 105 -40.91 -42.14 -8.59
N LYS T 106 -41.29 -41.21 -9.47
CA LYS T 106 -42.29 -41.40 -10.52
C LYS T 106 -43.40 -42.37 -10.14
#